data_6P1F
# 
_entry.id   6P1F 
# 
_audit_conform.dict_name       mmcif_pdbx.dic 
_audit_conform.dict_version    5.380 
_audit_conform.dict_location   http://mmcif.pdb.org/dictionaries/ascii/mmcif_pdbx.dic 
# 
loop_
_database_2.database_id 
_database_2.database_code 
_database_2.pdbx_database_accession 
_database_2.pdbx_DOI 
PDB   6P1F         pdb_00006p1f 10.2210/pdb6p1f/pdb 
WWPDB D_1000241602 ?            ?                   
# 
_pdbx_database_status.status_code                     REL 
_pdbx_database_status.status_code_sf                  REL 
_pdbx_database_status.status_code_mr                  ? 
_pdbx_database_status.entry_id                        6P1F 
_pdbx_database_status.recvd_initial_deposition_date   2019-05-19 
_pdbx_database_status.SG_entry                        N 
_pdbx_database_status.deposit_site                    RCSB 
_pdbx_database_status.process_site                    RCSB 
_pdbx_database_status.status_code_cs                  ? 
_pdbx_database_status.methods_development_category    ? 
_pdbx_database_status.pdb_format_compatible           Y 
_pdbx_database_status.status_code_nmr_data            ? 
# 
loop_
_audit_author.name 
_audit_author.pdbx_ordinal 
_audit_author.identifier_ORCID 
'Fisher, O.S.'     1 0000-0003-3215-0831 
'Sendzik, M.R.'    2 0000-0003-1363-6297 
'Rosenzweig, A.C.' 3 0000-0001-8472-4134 
# 
_citation.abstract                  ? 
_citation.abstract_id_CAS           ? 
_citation.book_id_ISBN              ? 
_citation.book_publisher            ? 
_citation.book_publisher_city       ? 
_citation.book_title                ? 
_citation.coordinate_linkage        ? 
_citation.country                   US 
_citation.database_id_Medline       ? 
_citation.details                   ? 
_citation.id                        primary 
_citation.journal_abbrev            J.Biol.Chem. 
_citation.journal_id_ASTM           JBCHA3 
_citation.journal_id_CSD            0071 
_citation.journal_id_ISSN           1083-351X 
_citation.journal_full              ? 
_citation.journal_issue             ? 
_citation.journal_volume            294 
_citation.language                  ? 
_citation.page_first                16351 
_citation.page_last                 16363 
_citation.title                     'PCuAC domains from methane-oxidizing bacteria use a histidine brace to bind copper.' 
_citation.year                      2019 
_citation.database_id_CSD           ? 
_citation.pdbx_database_id_DOI      10.1074/jbc.RA119.010093 
_citation.pdbx_database_id_PubMed   31527086 
_citation.unpublished_flag          ? 
# 
loop_
_citation_author.citation_id 
_citation_author.name 
_citation_author.ordinal 
_citation_author.identifier_ORCID 
primary 'Fisher, O.S.'     1 0000-0003-3215-0831 
primary 'Sendzik, M.R.'    2 0000-0003-1363-6297 
primary 'Ross, M.O.'       3 0000-0003-2115-9806 
primary 'Lawton, T.J.'     4 ?                   
primary 'Hoffman, B.M.'    5 ?                   
primary 'Rosenzweig, A.C.' 6 0000-0001-8472-4134 
# 
_cell.angle_alpha                  90.000 
_cell.angle_alpha_esd              ? 
_cell.angle_beta                   90.000 
_cell.angle_beta_esd               ? 
_cell.angle_gamma                  90.000 
_cell.angle_gamma_esd              ? 
_cell.entry_id                     6P1F 
_cell.details                      ? 
_cell.formula_units_Z              ? 
_cell.length_a                     51.613 
_cell.length_a_esd                 ? 
_cell.length_b                     51.613 
_cell.length_b_esd                 ? 
_cell.length_c                     105.512 
_cell.length_c_esd                 ? 
_cell.volume                       ? 
_cell.volume_esd                   ? 
_cell.Z_PDB                        8 
_cell.reciprocal_angle_alpha       ? 
_cell.reciprocal_angle_beta        ? 
_cell.reciprocal_angle_gamma       ? 
_cell.reciprocal_angle_alpha_esd   ? 
_cell.reciprocal_angle_beta_esd    ? 
_cell.reciprocal_angle_gamma_esd   ? 
_cell.reciprocal_length_a          ? 
_cell.reciprocal_length_b          ? 
_cell.reciprocal_length_c          ? 
_cell.reciprocal_length_a_esd      ? 
_cell.reciprocal_length_b_esd      ? 
_cell.reciprocal_length_c_esd      ? 
_cell.pdbx_unique_axis             ? 
# 
_symmetry.entry_id                         6P1F 
_symmetry.cell_setting                     ? 
_symmetry.Int_Tables_number                92 
_symmetry.space_group_name_Hall            ? 
_symmetry.space_group_name_H-M             'P 41 21 2' 
_symmetry.pdbx_full_space_group_name_H-M   ? 
# 
loop_
_entity.id 
_entity.type 
_entity.src_method 
_entity.pdbx_description 
_entity.formula_weight 
_entity.pdbx_number_of_molecules 
_entity.pdbx_ec 
_entity.pdbx_mutation 
_entity.pdbx_fragment 
_entity.details 
1 polymer man 'Copper chaperone PCu(A)C' 14410.491 1   ? ? 'UNP residues 29-159' ? 
2 water   nat water                      18.015    106 ? ? ?                     ? 
# 
_entity_name_com.entity_id   1 
_entity_name_com.name        PmoF2 
# 
_entity_poly.entity_id                      1 
_entity_poly.type                           'polypeptide(L)' 
_entity_poly.nstd_linkage                   no 
_entity_poly.nstd_monomer                   no 
_entity_poly.pdbx_seq_one_letter_code       
;HEYAVGKIKIEHPWLRAPLEGETRAQLYMLVVNSADRPDRLIGVKSADFRSVQFHIAPHLVAREDAIYLPPLSRVTMAPG
GSHVELVDISKMNPVGWAAEMTLVFEKAGEVTIDAAVEAPDAMHAHDAEAM
;
_entity_poly.pdbx_seq_one_letter_code_can   
;HEYAVGKIKIEHPWLRAPLEGETRAQLYMLVVNSADRPDRLIGVKSADFRSVQFHIAPHLVAREDAIYLPPLSRVTMAPG
GSHVELVDISKMNPVGWAAEMTLVFEKAGEVTIDAAVEAPDAMHAHDAEAM
;
_entity_poly.pdbx_strand_id                 A 
_entity_poly.pdbx_target_identifier         ? 
# 
loop_
_entity_poly_seq.entity_id 
_entity_poly_seq.num 
_entity_poly_seq.mon_id 
_entity_poly_seq.hetero 
1 1   HIS n 
1 2   GLU n 
1 3   TYR n 
1 4   ALA n 
1 5   VAL n 
1 6   GLY n 
1 7   LYS n 
1 8   ILE n 
1 9   LYS n 
1 10  ILE n 
1 11  GLU n 
1 12  HIS n 
1 13  PRO n 
1 14  TRP n 
1 15  LEU n 
1 16  ARG n 
1 17  ALA n 
1 18  PRO n 
1 19  LEU n 
1 20  GLU n 
1 21  GLY n 
1 22  GLU n 
1 23  THR n 
1 24  ARG n 
1 25  ALA n 
1 26  GLN n 
1 27  LEU n 
1 28  TYR n 
1 29  MET n 
1 30  LEU n 
1 31  VAL n 
1 32  VAL n 
1 33  ASN n 
1 34  SER n 
1 35  ALA n 
1 36  ASP n 
1 37  ARG n 
1 38  PRO n 
1 39  ASP n 
1 40  ARG n 
1 41  LEU n 
1 42  ILE n 
1 43  GLY n 
1 44  VAL n 
1 45  LYS n 
1 46  SER n 
1 47  ALA n 
1 48  ASP n 
1 49  PHE n 
1 50  ARG n 
1 51  SER n 
1 52  VAL n 
1 53  GLN n 
1 54  PHE n 
1 55  HIS n 
1 56  ILE n 
1 57  ALA n 
1 58  PRO n 
1 59  HIS n 
1 60  LEU n 
1 61  VAL n 
1 62  ALA n 
1 63  ARG n 
1 64  GLU n 
1 65  ASP n 
1 66  ALA n 
1 67  ILE n 
1 68  TYR n 
1 69  LEU n 
1 70  PRO n 
1 71  PRO n 
1 72  LEU n 
1 73  SER n 
1 74  ARG n 
1 75  VAL n 
1 76  THR n 
1 77  MET n 
1 78  ALA n 
1 79  PRO n 
1 80  GLY n 
1 81  GLY n 
1 82  SER n 
1 83  HIS n 
1 84  VAL n 
1 85  GLU n 
1 86  LEU n 
1 87  VAL n 
1 88  ASP n 
1 89  ILE n 
1 90  SER n 
1 91  LYS n 
1 92  MET n 
1 93  ASN n 
1 94  PRO n 
1 95  VAL n 
1 96  GLY n 
1 97  TRP n 
1 98  ALA n 
1 99  ALA n 
1 100 GLU n 
1 101 MET n 
1 102 THR n 
1 103 LEU n 
1 104 VAL n 
1 105 PHE n 
1 106 GLU n 
1 107 LYS n 
1 108 ALA n 
1 109 GLY n 
1 110 GLU n 
1 111 VAL n 
1 112 THR n 
1 113 ILE n 
1 114 ASP n 
1 115 ALA n 
1 116 ALA n 
1 117 VAL n 
1 118 GLU n 
1 119 ALA n 
1 120 PRO n 
1 121 ASP n 
1 122 ALA n 
1 123 MET n 
1 124 HIS n 
1 125 ALA n 
1 126 HIS n 
1 127 ASP n 
1 128 ALA n 
1 129 GLU n 
1 130 ALA n 
1 131 MET n 
# 
_entity_src_gen.entity_id                          1 
_entity_src_gen.pdbx_src_id                        1 
_entity_src_gen.pdbx_alt_source_flag               sample 
_entity_src_gen.pdbx_seq_type                      'Biological sequence' 
_entity_src_gen.pdbx_beg_seq_num                   1 
_entity_src_gen.pdbx_end_seq_num                   131 
_entity_src_gen.gene_src_common_name               ? 
_entity_src_gen.gene_src_genus                     ? 
_entity_src_gen.pdbx_gene_src_gene                 CQW49_04640 
_entity_src_gen.gene_src_species                   ? 
_entity_src_gen.gene_src_strain                    ? 
_entity_src_gen.gene_src_tissue                    ? 
_entity_src_gen.gene_src_tissue_fraction           ? 
_entity_src_gen.gene_src_details                   ? 
_entity_src_gen.pdbx_gene_src_fragment             ? 
_entity_src_gen.pdbx_gene_src_scientific_name      'Methylosinus trichosporium OB3b' 
_entity_src_gen.pdbx_gene_src_ncbi_taxonomy_id     595536 
_entity_src_gen.pdbx_gene_src_variant              ? 
_entity_src_gen.pdbx_gene_src_cell_line            ? 
_entity_src_gen.pdbx_gene_src_atcc                 ? 
_entity_src_gen.pdbx_gene_src_organ                ? 
_entity_src_gen.pdbx_gene_src_organelle            ? 
_entity_src_gen.pdbx_gene_src_cell                 ? 
_entity_src_gen.pdbx_gene_src_cellular_location    ? 
_entity_src_gen.host_org_common_name               ? 
_entity_src_gen.pdbx_host_org_scientific_name      'Escherichia coli BL21(DE3)' 
_entity_src_gen.pdbx_host_org_ncbi_taxonomy_id     469008 
_entity_src_gen.host_org_genus                     ? 
_entity_src_gen.pdbx_host_org_gene                 ? 
_entity_src_gen.pdbx_host_org_organ                ? 
_entity_src_gen.host_org_species                   ? 
_entity_src_gen.pdbx_host_org_tissue               ? 
_entity_src_gen.pdbx_host_org_tissue_fraction      ? 
_entity_src_gen.pdbx_host_org_strain               ? 
_entity_src_gen.pdbx_host_org_variant              ? 
_entity_src_gen.pdbx_host_org_cell_line            ? 
_entity_src_gen.pdbx_host_org_atcc                 ? 
_entity_src_gen.pdbx_host_org_culture_collection   ? 
_entity_src_gen.pdbx_host_org_cell                 ? 
_entity_src_gen.pdbx_host_org_organelle            ? 
_entity_src_gen.pdbx_host_org_cellular_location    ? 
_entity_src_gen.pdbx_host_org_vector_type          ? 
_entity_src_gen.pdbx_host_org_vector               ? 
_entity_src_gen.host_org_details                   ? 
_entity_src_gen.expression_system_id               ? 
_entity_src_gen.plasmid_name                       ? 
_entity_src_gen.plasmid_details                    ? 
_entity_src_gen.pdbx_description                   ? 
# 
_struct_ref.id                         1 
_struct_ref.db_name                    UNP 
_struct_ref.db_code                    A0A2D2CWX5_METTR 
_struct_ref.pdbx_db_accession          A0A2D2CWX5 
_struct_ref.pdbx_db_isoform            ? 
_struct_ref.entity_id                  1 
_struct_ref.pdbx_seq_one_letter_code   
;HEYAVGKIKIEHPWLRAPLEGETRAQLYMLVVNSADRPDRLIGVKSADFRSVQFHIAPHLVAREDAIYLPPLSRVTMAPG
GSHVELVDISKMNPVGWAAEMTLVFEKAGEVTIDAAVEAPDAMHAHDAEAM
;
_struct_ref.pdbx_align_begin           29 
# 
_struct_ref_seq.align_id                      1 
_struct_ref_seq.ref_id                        1 
_struct_ref_seq.pdbx_PDB_id_code              6P1F 
_struct_ref_seq.pdbx_strand_id                A 
_struct_ref_seq.seq_align_beg                 1 
_struct_ref_seq.pdbx_seq_align_beg_ins_code   ? 
_struct_ref_seq.seq_align_end                 131 
_struct_ref_seq.pdbx_seq_align_end_ins_code   ? 
_struct_ref_seq.pdbx_db_accession             A0A2D2CWX5 
_struct_ref_seq.db_align_beg                  29 
_struct_ref_seq.pdbx_db_align_beg_ins_code    ? 
_struct_ref_seq.db_align_end                  159 
_struct_ref_seq.pdbx_db_align_end_ins_code    ? 
_struct_ref_seq.pdbx_auth_seq_align_beg       29 
_struct_ref_seq.pdbx_auth_seq_align_end       159 
# 
loop_
_chem_comp.id 
_chem_comp.type 
_chem_comp.mon_nstd_flag 
_chem_comp.name 
_chem_comp.pdbx_synonyms 
_chem_comp.formula 
_chem_comp.formula_weight 
ALA 'L-peptide linking' y ALANINE         ? 'C3 H7 N O2'     89.093  
ARG 'L-peptide linking' y ARGININE        ? 'C6 H15 N4 O2 1' 175.209 
ASN 'L-peptide linking' y ASPARAGINE      ? 'C4 H8 N2 O3'    132.118 
ASP 'L-peptide linking' y 'ASPARTIC ACID' ? 'C4 H7 N O4'     133.103 
GLN 'L-peptide linking' y GLUTAMINE       ? 'C5 H10 N2 O3'   146.144 
GLU 'L-peptide linking' y 'GLUTAMIC ACID' ? 'C5 H9 N O4'     147.129 
GLY 'peptide linking'   y GLYCINE         ? 'C2 H5 N O2'     75.067  
HIS 'L-peptide linking' y HISTIDINE       ? 'C6 H10 N3 O2 1' 156.162 
HOH non-polymer         . WATER           ? 'H2 O'           18.015  
ILE 'L-peptide linking' y ISOLEUCINE      ? 'C6 H13 N O2'    131.173 
LEU 'L-peptide linking' y LEUCINE         ? 'C6 H13 N O2'    131.173 
LYS 'L-peptide linking' y LYSINE          ? 'C6 H15 N2 O2 1' 147.195 
MET 'L-peptide linking' y METHIONINE      ? 'C5 H11 N O2 S'  149.211 
PHE 'L-peptide linking' y PHENYLALANINE   ? 'C9 H11 N O2'    165.189 
PRO 'L-peptide linking' y PROLINE         ? 'C5 H9 N O2'     115.130 
SER 'L-peptide linking' y SERINE          ? 'C3 H7 N O3'     105.093 
THR 'L-peptide linking' y THREONINE       ? 'C4 H9 N O3'     119.119 
TRP 'L-peptide linking' y TRYPTOPHAN      ? 'C11 H12 N2 O2'  204.225 
TYR 'L-peptide linking' y TYROSINE        ? 'C9 H11 N O3'    181.189 
VAL 'L-peptide linking' y VALINE          ? 'C5 H11 N O2'    117.146 
# 
_exptl.absorpt_coefficient_mu     ? 
_exptl.absorpt_correction_T_max   ? 
_exptl.absorpt_correction_T_min   ? 
_exptl.absorpt_correction_type    ? 
_exptl.absorpt_process_details    ? 
_exptl.entry_id                   6P1F 
_exptl.crystals_number            1 
_exptl.details                    ? 
_exptl.method                     'X-RAY DIFFRACTION' 
_exptl.method_details             ? 
# 
_exptl_crystal.colour                      ? 
_exptl_crystal.density_diffrn              ? 
_exptl_crystal.density_Matthews            2.55 
_exptl_crystal.density_method              ? 
_exptl_crystal.density_percent_sol         51.85 
_exptl_crystal.description                 ? 
_exptl_crystal.F_000                       ? 
_exptl_crystal.id                          1 
_exptl_crystal.preparation                 ? 
_exptl_crystal.size_max                    ? 
_exptl_crystal.size_mid                    ? 
_exptl_crystal.size_min                    ? 
_exptl_crystal.size_rad                    ? 
_exptl_crystal.colour_lustre               ? 
_exptl_crystal.colour_modifier             ? 
_exptl_crystal.colour_primary              ? 
_exptl_crystal.density_meas                ? 
_exptl_crystal.density_meas_esd            ? 
_exptl_crystal.density_meas_gt             ? 
_exptl_crystal.density_meas_lt             ? 
_exptl_crystal.density_meas_temp           ? 
_exptl_crystal.density_meas_temp_esd       ? 
_exptl_crystal.density_meas_temp_gt        ? 
_exptl_crystal.density_meas_temp_lt        ? 
_exptl_crystal.pdbx_crystal_image_url      ? 
_exptl_crystal.pdbx_crystal_image_format   ? 
_exptl_crystal.pdbx_mosaicity              ? 
_exptl_crystal.pdbx_mosaicity_esd          ? 
# 
_exptl_crystal_grow.apparatus       ? 
_exptl_crystal_grow.atmosphere      ? 
_exptl_crystal_grow.crystal_id      1 
_exptl_crystal_grow.details         ? 
_exptl_crystal_grow.method          'VAPOR DIFFUSION, SITTING DROP' 
_exptl_crystal_grow.method_ref      ? 
_exptl_crystal_grow.pH              4.6 
_exptl_crystal_grow.pressure        ? 
_exptl_crystal_grow.pressure_esd    ? 
_exptl_crystal_grow.seeding         ? 
_exptl_crystal_grow.seeding_ref     ? 
_exptl_crystal_grow.temp            293 
_exptl_crystal_grow.temp_details    ? 
_exptl_crystal_grow.temp_esd        ? 
_exptl_crystal_grow.time            ? 
_exptl_crystal_grow.pdbx_details    '0.1 M sodium acetate, 1.727 M ammonium sulfate' 
_exptl_crystal_grow.pdbx_pH_range   ? 
# 
_diffrn.ambient_environment              ? 
_diffrn.ambient_temp                     100 
_diffrn.ambient_temp_details             ? 
_diffrn.ambient_temp_esd                 ? 
_diffrn.crystal_id                       1 
_diffrn.crystal_support                  ? 
_diffrn.crystal_treatment                ? 
_diffrn.details                          ? 
_diffrn.id                               1 
_diffrn.ambient_pressure                 ? 
_diffrn.ambient_pressure_esd             ? 
_diffrn.ambient_pressure_gt              ? 
_diffrn.ambient_pressure_lt              ? 
_diffrn.ambient_temp_gt                  ? 
_diffrn.ambient_temp_lt                  ? 
_diffrn.pdbx_serial_crystal_experiment   N 
# 
_diffrn_detector.details                      ? 
_diffrn_detector.detector                     PIXEL 
_diffrn_detector.diffrn_id                    1 
_diffrn_detector.type                         'DECTRIS EIGER X 9M' 
_diffrn_detector.area_resol_mean              ? 
_diffrn_detector.dtime                        ? 
_diffrn_detector.pdbx_frames_total            ? 
_diffrn_detector.pdbx_collection_time_total   ? 
_diffrn_detector.pdbx_collection_date         2018-11-15 
_diffrn_detector.pdbx_frequency               ? 
# 
_diffrn_radiation.collimation                      ? 
_diffrn_radiation.diffrn_id                        1 
_diffrn_radiation.filter_edge                      ? 
_diffrn_radiation.inhomogeneity                    ? 
_diffrn_radiation.monochromator                    'Si(111)' 
_diffrn_radiation.polarisn_norm                    ? 
_diffrn_radiation.polarisn_ratio                   ? 
_diffrn_radiation.probe                            ? 
_diffrn_radiation.type                             ? 
_diffrn_radiation.xray_symbol                      ? 
_diffrn_radiation.wavelength_id                    1 
_diffrn_radiation.pdbx_monochromatic_or_laue_m_l   M 
_diffrn_radiation.pdbx_wavelength_list             ? 
_diffrn_radiation.pdbx_wavelength                  ? 
_diffrn_radiation.pdbx_diffrn_protocol             'SINGLE WAVELENGTH' 
_diffrn_radiation.pdbx_analyzer                    ? 
_diffrn_radiation.pdbx_scattering_type             x-ray 
# 
_diffrn_radiation_wavelength.id           1 
_diffrn_radiation_wavelength.wavelength   1.377 
_diffrn_radiation_wavelength.wt           1.0 
# 
_diffrn_source.current                     ? 
_diffrn_source.details                     ? 
_diffrn_source.diffrn_id                   1 
_diffrn_source.power                       ? 
_diffrn_source.size                        ? 
_diffrn_source.source                      SYNCHROTRON 
_diffrn_source.target                      ? 
_diffrn_source.type                        'APS BEAMLINE 21-ID-D' 
_diffrn_source.voltage                     ? 
_diffrn_source.take-off_angle              ? 
_diffrn_source.pdbx_wavelength_list        1.377 
_diffrn_source.pdbx_wavelength             ? 
_diffrn_source.pdbx_synchrotron_beamline   21-ID-D 
_diffrn_source.pdbx_synchrotron_site       APS 
# 
_reflns.B_iso_Wilson_estimate            20.090 
_reflns.entry_id                         6P1F 
_reflns.data_reduction_details           ? 
_reflns.data_reduction_method            ? 
_reflns.d_resolution_high                1.650 
_reflns.d_resolution_low                 29.064 
_reflns.details                          ? 
_reflns.limit_h_max                      ? 
_reflns.limit_h_min                      ? 
_reflns.limit_k_max                      ? 
_reflns.limit_k_min                      ? 
_reflns.limit_l_max                      ? 
_reflns.limit_l_min                      ? 
_reflns.number_all                       ? 
_reflns.number_obs                       17758 
_reflns.observed_criterion               ? 
_reflns.observed_criterion_F_max         ? 
_reflns.observed_criterion_F_min         ? 
_reflns.observed_criterion_I_max         ? 
_reflns.observed_criterion_I_min         ? 
_reflns.observed_criterion_sigma_F       ? 
_reflns.observed_criterion_sigma_I       ? 
_reflns.percent_possible_obs             99.900 
_reflns.R_free_details                   ? 
_reflns.Rmerge_F_all                     ? 
_reflns.Rmerge_F_obs                     ? 
_reflns.Friedel_coverage                 ? 
_reflns.number_gt                        ? 
_reflns.threshold_expression             ? 
_reflns.pdbx_redundancy                  6.790 
_reflns.pdbx_Rmerge_I_obs                0.078 
_reflns.pdbx_Rmerge_I_all                ? 
_reflns.pdbx_Rsym_value                  ? 
_reflns.pdbx_netI_over_av_sigmaI         ? 
_reflns.pdbx_netI_over_sigmaI            14.990 
_reflns.pdbx_res_netI_over_av_sigmaI_2   ? 
_reflns.pdbx_res_netI_over_sigmaI_2      ? 
_reflns.pdbx_chi_squared                 1.084 
_reflns.pdbx_scaling_rejects             ? 
_reflns.pdbx_d_res_high_opt              ? 
_reflns.pdbx_d_res_low_opt               ? 
_reflns.pdbx_d_res_opt_method            ? 
_reflns.phase_calculation_details        ? 
_reflns.pdbx_Rrim_I_all                  0.085 
_reflns.pdbx_Rpim_I_all                  ? 
_reflns.pdbx_d_opt                       ? 
_reflns.pdbx_number_measured_all         220720 
_reflns.pdbx_diffrn_id                   1 
_reflns.pdbx_ordinal                     1 
_reflns.pdbx_CC_half                     0.998 
_reflns.pdbx_R_split                     ? 
# 
loop_
_reflns_shell.d_res_high 
_reflns_shell.d_res_low 
_reflns_shell.meanI_over_sigI_all 
_reflns_shell.meanI_over_sigI_obs 
_reflns_shell.number_measured_all 
_reflns_shell.number_measured_obs 
_reflns_shell.number_possible 
_reflns_shell.number_unique_all 
_reflns_shell.number_unique_obs 
_reflns_shell.percent_possible_all 
_reflns_shell.percent_possible_obs 
_reflns_shell.Rmerge_F_all 
_reflns_shell.Rmerge_F_obs 
_reflns_shell.Rmerge_I_all 
_reflns_shell.Rmerge_I_obs 
_reflns_shell.meanI_over_sigI_gt 
_reflns_shell.meanI_over_uI_all 
_reflns_shell.meanI_over_uI_gt 
_reflns_shell.number_measured_gt 
_reflns_shell.number_unique_gt 
_reflns_shell.percent_possible_gt 
_reflns_shell.Rmerge_F_gt 
_reflns_shell.Rmerge_I_gt 
_reflns_shell.pdbx_redundancy 
_reflns_shell.pdbx_Rsym_value 
_reflns_shell.pdbx_chi_squared 
_reflns_shell.pdbx_netI_over_sigmaI_all 
_reflns_shell.pdbx_netI_over_sigmaI_obs 
_reflns_shell.pdbx_Rrim_I_all 
_reflns_shell.pdbx_Rpim_I_all 
_reflns_shell.pdbx_rejects 
_reflns_shell.pdbx_ordinal 
_reflns_shell.pdbx_diffrn_id 
_reflns_shell.pdbx_CC_half 
_reflns_shell.pdbx_R_split 
1.650 1.700  ? 3.510  ? 16093 2422 ? 2407 99.400  ? ? ? ? 0.744 ? ? ? ? ? ? ? ? 6.686 ? ? ? ? 0.809 ? ? 1  1 0.806 ? 
1.700 1.740  ? 4.330  ? 15684 2330 ? 2330 100.000 ? ? ? ? 0.624 ? ? ? ? ? ? ? ? 6.731 ? ? ? ? 0.677 ? ? 2  1 0.871 ? 
1.740 1.790  ? 5.640  ? 15165 2266 ? 2266 100.000 ? ? ? ? 0.466 ? ? ? ? ? ? ? ? 6.692 ? ? ? ? 0.507 ? ? 3  1 0.925 ? 
1.790 1.850  ? 7.070  ? 14977 2221 ? 2221 100.000 ? ? ? ? 0.362 ? ? ? ? ? ? ? ? 6.743 ? ? ? ? 0.393 ? ? 4  1 0.959 ? 
1.850 1.910  ? 8.270  ? 14547 2168 ? 2168 100.000 ? ? ? ? 0.285 ? ? ? ? ? ? ? ? 6.710 ? ? ? ? 0.309 ? ? 5  1 0.975 ? 
1.910 1.980  ? 10.120 ? 13574 2077 ? 2077 100.000 ? ? ? ? 0.212 ? ? ? ? ? ? ? ? 6.535 ? ? ? ? 0.231 ? ? 6  1 0.982 ? 
1.980 2.050  ? 11.340 ? 11564 1994 ? 1994 100.000 ? ? ? ? 0.167 ? ? ? ? ? ? ? ? 5.799 ? ? ? ? 0.183 ? ? 7  1 0.984 ? 
2.050 2.140  ? 14.390 ? 13886 1951 ? 1951 100.000 ? ? ? ? 0.140 ? ? ? ? ? ? ? ? 7.117 ? ? ? ? 0.151 ? ? 8  1 0.991 ? 
2.140 2.230  ? 16.260 ? 13129 1827 ? 1827 100.000 ? ? ? ? 0.122 ? ? ? ? ? ? ? ? 7.186 ? ? ? ? 0.131 ? ? 9  1 0.993 ? 
2.230 2.340  ? 17.440 ? 12827 1786 ? 1786 100.000 ? ? ? ? 0.113 ? ? ? ? ? ? ? ? 7.182 ? ? ? ? 0.122 ? ? 10 1 0.993 ? 
2.340 2.470  ? 18.470 ? 11995 1678 ? 1678 100.000 ? ? ? ? 0.101 ? ? ? ? ? ? ? ? 7.148 ? ? ? ? 0.109 ? ? 11 1 0.994 ? 
2.470 2.620  ? 20.250 ? 11229 1580 ? 1580 100.000 ? ? ? ? 0.090 ? ? ? ? ? ? ? ? 7.107 ? ? ? ? 0.097 ? ? 12 1 0.995 ? 
2.620 2.800  ? 22.090 ? 10470 1487 ? 1487 100.000 ? ? ? ? 0.081 ? ? ? ? ? ? ? ? 7.041 ? ? ? ? 0.087 ? ? 13 1 0.996 ? 
2.800 3.020  ? 25.140 ? 9519  1399 ? 1399 100.000 ? ? ? ? 0.067 ? ? ? ? ? ? ? ? 6.804 ? ? ? ? 0.073 ? ? 14 1 0.997 ? 
3.020 3.310  ? 26.370 ? 8183  1272 ? 1272 100.000 ? ? ? ? 0.062 ? ? ? ? ? ? ? ? 6.433 ? ? ? ? 0.067 ? ? 15 1 0.996 ? 
3.310 3.700  ? 26.500 ? 6430  1159 ? 1158 99.900  ? ? ? ? 0.055 ? ? ? ? ? ? ? ? 5.553 ? ? ? ? 0.061 ? ? 16 1 0.997 ? 
3.700 4.270  ? 32.350 ? 7536  1020 ? 1020 100.000 ? ? ? ? 0.051 ? ? ? ? ? ? ? ? 7.388 ? ? ? ? 0.055 ? ? 17 1 0.998 ? 
4.270 5.230  ? 32.720 ? 6355  864  ? 864  100.000 ? ? ? ? 0.051 ? ? ? ? ? ? ? ? 7.355 ? ? ? ? 0.054 ? ? 18 1 0.997 ? 
5.230 7.400  ? 32.570 ? 5066  671  ? 671  100.000 ? ? ? ? 0.045 ? ? ? ? ? ? ? ? 7.550 ? ? ? ? 0.048 ? ? 19 1 0.998 ? 
7.400 29.064 ? 32.390 ? 2491  358  ? 352  98.300  ? ? ? ? 0.048 ? ? ? ? ? ? ? ? 7.077 ? ? ? ? 0.053 ? ? 20 1 0.997 ? 
# 
_refine.aniso_B[1][1]                            ? 
_refine.aniso_B[1][2]                            ? 
_refine.aniso_B[1][3]                            ? 
_refine.aniso_B[2][2]                            ? 
_refine.aniso_B[2][3]                            ? 
_refine.aniso_B[3][3]                            ? 
_refine.B_iso_max                                73.200 
_refine.B_iso_mean                               24.7600 
_refine.B_iso_min                                13.010 
_refine.correlation_coeff_Fo_to_Fc               ? 
_refine.correlation_coeff_Fo_to_Fc_free          ? 
_refine.details                                  ? 
_refine.diff_density_max                         ? 
_refine.diff_density_max_esd                     ? 
_refine.diff_density_min                         ? 
_refine.diff_density_min_esd                     ? 
_refine.diff_density_rms                         ? 
_refine.diff_density_rms_esd                     ? 
_refine.entry_id                                 6P1F 
_refine.pdbx_refine_id                           'X-RAY DIFFRACTION' 
_refine.ls_abs_structure_details                 ? 
_refine.ls_abs_structure_Flack                   ? 
_refine.ls_abs_structure_Flack_esd               ? 
_refine.ls_abs_structure_Rogers                  ? 
_refine.ls_abs_structure_Rogers_esd              ? 
_refine.ls_d_res_high                            1.6540 
_refine.ls_d_res_low                             29.0640 
_refine.ls_extinction_coef                       ? 
_refine.ls_extinction_coef_esd                   ? 
_refine.ls_extinction_expression                 ? 
_refine.ls_extinction_method                     ? 
_refine.ls_goodness_of_fit_all                   ? 
_refine.ls_goodness_of_fit_all_esd               ? 
_refine.ls_goodness_of_fit_obs                   ? 
_refine.ls_goodness_of_fit_obs_esd               ? 
_refine.ls_hydrogen_treatment                    ? 
_refine.ls_matrix_type                           ? 
_refine.ls_number_constraints                    ? 
_refine.ls_number_parameters                     ? 
_refine.ls_number_reflns_all                     ? 
_refine.ls_number_reflns_obs                     17744 
_refine.ls_number_reflns_R_free                  1775 
_refine.ls_number_reflns_R_work                  ? 
_refine.ls_number_restraints                     ? 
_refine.ls_percent_reflns_obs                    99.9500 
_refine.ls_percent_reflns_R_free                 10.0000 
_refine.ls_R_factor_all                          ? 
_refine.ls_R_factor_obs                          0.1830 
_refine.ls_R_factor_R_free                       0.2091 
_refine.ls_R_factor_R_free_error                 ? 
_refine.ls_R_factor_R_free_error_details         ? 
_refine.ls_R_factor_R_work                       0.1800 
_refine.ls_R_Fsqd_factor_obs                     ? 
_refine.ls_R_I_factor_obs                        ? 
_refine.ls_redundancy_reflns_all                 ? 
_refine.ls_redundancy_reflns_obs                 ? 
_refine.ls_restrained_S_all                      ? 
_refine.ls_restrained_S_obs                      ? 
_refine.ls_shift_over_esd_max                    ? 
_refine.ls_shift_over_esd_mean                   ? 
_refine.ls_structure_factor_coef                 ? 
_refine.ls_weighting_details                     ? 
_refine.ls_weighting_scheme                      ? 
_refine.ls_wR_factor_all                         ? 
_refine.ls_wR_factor_obs                         ? 
_refine.ls_wR_factor_R_free                      ? 
_refine.ls_wR_factor_R_work                      ? 
_refine.occupancy_max                            ? 
_refine.occupancy_min                            ? 
_refine.solvent_model_details                    ? 
_refine.solvent_model_param_bsol                 ? 
_refine.solvent_model_param_ksol                 ? 
_refine.ls_R_factor_gt                           ? 
_refine.ls_goodness_of_fit_gt                    ? 
_refine.ls_goodness_of_fit_ref                   ? 
_refine.ls_shift_over_su_max                     ? 
_refine.ls_shift_over_su_max_lt                  ? 
_refine.ls_shift_over_su_mean                    ? 
_refine.ls_shift_over_su_mean_lt                 ? 
_refine.pdbx_ls_sigma_I                          ? 
_refine.pdbx_ls_sigma_F                          1.380 
_refine.pdbx_ls_sigma_Fsqd                       ? 
_refine.pdbx_data_cutoff_high_absF               ? 
_refine.pdbx_data_cutoff_high_rms_absF           ? 
_refine.pdbx_data_cutoff_low_absF                ? 
_refine.pdbx_isotropic_thermal_model             ? 
_refine.pdbx_ls_cross_valid_method               THROUGHOUT 
_refine.pdbx_method_to_determine_struct          'MOLECULAR REPLACEMENT' 
_refine.pdbx_starting_model                      'PDB entry 6P1E' 
_refine.pdbx_stereochemistry_target_values       ? 
_refine.pdbx_R_Free_selection_details            ? 
_refine.pdbx_stereochem_target_val_spec_case     ? 
_refine.pdbx_overall_ESU_R                       ? 
_refine.pdbx_overall_ESU_R_Free                  ? 
_refine.pdbx_solvent_vdw_probe_radii             1.1100 
_refine.pdbx_solvent_ion_probe_radii             ? 
_refine.pdbx_solvent_shrinkage_radii             0.9000 
_refine.pdbx_real_space_R                        ? 
_refine.pdbx_density_correlation                 ? 
_refine.pdbx_pd_number_of_powder_patterns        ? 
_refine.pdbx_pd_number_of_points                 ? 
_refine.pdbx_pd_meas_number_of_points            ? 
_refine.pdbx_pd_proc_ls_prof_R_factor            ? 
_refine.pdbx_pd_proc_ls_prof_wR_factor           ? 
_refine.pdbx_pd_Marquardt_correlation_coeff      ? 
_refine.pdbx_pd_Fsqrd_R_factor                   ? 
_refine.pdbx_pd_ls_matrix_band_width             ? 
_refine.pdbx_overall_phase_error                 19.6500 
_refine.pdbx_overall_SU_R_free_Cruickshank_DPI   ? 
_refine.pdbx_overall_SU_R_free_Blow_DPI          ? 
_refine.pdbx_overall_SU_R_Blow_DPI               ? 
_refine.pdbx_TLS_residual_ADP_flag               ? 
_refine.pdbx_diffrn_id                           1 
_refine.overall_SU_B                             ? 
_refine.overall_SU_ML                            0.1600 
_refine.overall_SU_R_Cruickshank_DPI             ? 
_refine.overall_SU_R_free                        ? 
_refine.overall_FOM_free_R_set                   ? 
_refine.overall_FOM_work_R_set                   ? 
_refine.pdbx_average_fsc_overall                 ? 
_refine.pdbx_average_fsc_work                    ? 
_refine.pdbx_average_fsc_free                    ? 
# 
_refine_hist.pdbx_refine_id                   'X-RAY DIFFRACTION' 
_refine_hist.cycle_id                         final 
_refine_hist.details                          ? 
_refine_hist.d_res_high                       1.6540 
_refine_hist.d_res_low                        29.0640 
_refine_hist.number_atoms_solvent             106 
_refine_hist.number_atoms_total               1072 
_refine_hist.number_reflns_all                ? 
_refine_hist.number_reflns_obs                ? 
_refine_hist.number_reflns_R_free             ? 
_refine_hist.number_reflns_R_work             ? 
_refine_hist.R_factor_all                     ? 
_refine_hist.R_factor_obs                     ? 
_refine_hist.R_factor_R_free                  ? 
_refine_hist.R_factor_R_work                  ? 
_refine_hist.pdbx_number_residues_total       125 
_refine_hist.pdbx_B_iso_mean_ligand           ? 
_refine_hist.pdbx_B_iso_mean_solvent          36.56 
_refine_hist.pdbx_number_atoms_protein        966 
_refine_hist.pdbx_number_atoms_nucleic_acid   0 
_refine_hist.pdbx_number_atoms_ligand         0 
_refine_hist.pdbx_number_atoms_lipid          ? 
_refine_hist.pdbx_number_atoms_carb           ? 
_refine_hist.pdbx_pseudo_atom_details         ? 
# 
loop_
_refine_ls_restr.pdbx_refine_id 
_refine_ls_restr.criterion 
_refine_ls_restr.dev_ideal 
_refine_ls_restr.dev_ideal_target 
_refine_ls_restr.number 
_refine_ls_restr.rejects 
_refine_ls_restr.type 
_refine_ls_restr.weight 
_refine_ls_restr.pdbx_restraint_function 
'X-RAY DIFFRACTION' ? 0.011  ? 990  ? f_bond_d           ? ? 
'X-RAY DIFFRACTION' ? 1.365  ? 1348 ? f_angle_d          ? ? 
'X-RAY DIFFRACTION' ? 0.063  ? 152  ? f_chiral_restr     ? ? 
'X-RAY DIFFRACTION' ? 0.008  ? 175  ? f_plane_restr      ? ? 
'X-RAY DIFFRACTION' ? 15.336 ? 363  ? f_dihedral_angle_d ? ? 
# 
loop_
_refine_ls_shell.pdbx_refine_id 
_refine_ls_shell.d_res_high 
_refine_ls_shell.d_res_low 
_refine_ls_shell.number_reflns_all 
_refine_ls_shell.number_reflns_obs 
_refine_ls_shell.number_reflns_R_free 
_refine_ls_shell.number_reflns_R_work 
_refine_ls_shell.percent_reflns_obs 
_refine_ls_shell.percent_reflns_R_free 
_refine_ls_shell.R_factor_all 
_refine_ls_shell.R_factor_obs 
_refine_ls_shell.R_factor_R_free 
_refine_ls_shell.R_factor_R_free_error 
_refine_ls_shell.R_factor_R_work 
_refine_ls_shell.redundancy_reflns_all 
_refine_ls_shell.redundancy_reflns_obs 
_refine_ls_shell.wR_factor_all 
_refine_ls_shell.wR_factor_obs 
_refine_ls_shell.wR_factor_R_free 
_refine_ls_shell.wR_factor_R_work 
_refine_ls_shell.pdbx_total_number_of_bins_used 
_refine_ls_shell.pdbx_phase_error 
_refine_ls_shell.pdbx_fsc_work 
_refine_ls_shell.pdbx_fsc_free 
'X-RAY DIFFRACTION' 1.6541 1.6988  1325 . 133 1192 99.0000  . . . 0.2739 0.0000 0.2276 . . . . . . 13 . . . 
'X-RAY DIFFRACTION' 1.6988 1.7488  1325 . 132 1193 100.0000 . . . 0.2334 0.0000 0.2054 . . . . . . 13 . . . 
'X-RAY DIFFRACTION' 1.7488 1.8053  1334 . 134 1200 100.0000 . . . 0.2656 0.0000 0.1817 . . . . . . 13 . . . 
'X-RAY DIFFRACTION' 1.8053 1.8698  1337 . 133 1204 100.0000 . . . 0.2181 0.0000 0.1825 . . . . . . 13 . . . 
'X-RAY DIFFRACTION' 1.8698 1.9446  1329 . 133 1196 100.0000 . . . 0.2251 0.0000 0.1778 . . . . . . 13 . . . 
'X-RAY DIFFRACTION' 1.9446 2.0331  1358 . 136 1222 100.0000 . . . 0.2168 0.0000 0.1695 . . . . . . 13 . . . 
'X-RAY DIFFRACTION' 2.0331 2.1403  1358 . 136 1222 100.0000 . . . 0.2086 0.0000 0.1653 . . . . . . 13 . . . 
'X-RAY DIFFRACTION' 2.1403 2.2743  1336 . 133 1203 100.0000 . . . 0.1985 0.0000 0.1671 . . . . . . 13 . . . 
'X-RAY DIFFRACTION' 2.2743 2.4498  1374 . 138 1236 100.0000 . . . 0.2091 0.0000 0.1877 . . . . . . 13 . . . 
'X-RAY DIFFRACTION' 2.4498 2.6962  1367 . 136 1231 100.0000 . . . 0.2206 0.0000 0.2008 . . . . . . 13 . . . 
'X-RAY DIFFRACTION' 2.6962 3.0860  1379 . 138 1241 100.0000 . . . 0.2598 0.0000 0.2009 . . . . . . 13 . . . 
'X-RAY DIFFRACTION' 3.0860 3.8865  1414 . 142 1272 100.0000 . . . 0.2019 0.0000 0.1603 . . . . . . 13 . . . 
'X-RAY DIFFRACTION' 3.8865 29.0687 1508 . 151 1357 100.0000 . . . 0.1722 0.0000 0.1773 . . . . . . 13 . . . 
# 
_struct.entry_id                     6P1F 
_struct.title                        'apo PmoF2 PCuAC domain' 
_struct.pdbx_model_details           ? 
_struct.pdbx_formula_weight          ? 
_struct.pdbx_formula_weight_method   ? 
_struct.pdbx_model_type_details      ? 
_struct.pdbx_CASP_flag               N 
# 
_struct_keywords.entry_id        6P1F 
_struct_keywords.text            'copper binding protein, chaperone, METAL BINDING PROTEIN' 
_struct_keywords.pdbx_keywords   'METAL BINDING PROTEIN' 
# 
loop_
_struct_asym.id 
_struct_asym.pdbx_blank_PDB_chainid_flag 
_struct_asym.pdbx_modified 
_struct_asym.entity_id 
_struct_asym.details 
A N N 1 ? 
B N N 2 ? 
# 
_struct_mon_prot_cis.pdbx_id                1 
_struct_mon_prot_cis.label_comp_id          ALA 
_struct_mon_prot_cis.label_seq_id           57 
_struct_mon_prot_cis.label_asym_id          A 
_struct_mon_prot_cis.label_alt_id           . 
_struct_mon_prot_cis.pdbx_PDB_ins_code      ? 
_struct_mon_prot_cis.auth_comp_id           ALA 
_struct_mon_prot_cis.auth_seq_id            85 
_struct_mon_prot_cis.auth_asym_id           A 
_struct_mon_prot_cis.pdbx_label_comp_id_2   PRO 
_struct_mon_prot_cis.pdbx_label_seq_id_2    58 
_struct_mon_prot_cis.pdbx_label_asym_id_2   A 
_struct_mon_prot_cis.pdbx_PDB_ins_code_2    ? 
_struct_mon_prot_cis.pdbx_auth_comp_id_2    PRO 
_struct_mon_prot_cis.pdbx_auth_seq_id_2     86 
_struct_mon_prot_cis.pdbx_auth_asym_id_2    A 
_struct_mon_prot_cis.pdbx_PDB_model_num     1 
_struct_mon_prot_cis.pdbx_omega_angle       -7.32 
# 
loop_
_struct_sheet.id 
_struct_sheet.type 
_struct_sheet.number_strands 
_struct_sheet.details 
AA1 ? 7 ? 
AA2 ? 5 ? 
# 
loop_
_struct_sheet_order.sheet_id 
_struct_sheet_order.range_id_1 
_struct_sheet_order.range_id_2 
_struct_sheet_order.offset 
_struct_sheet_order.sense 
AA1 1 2 ? anti-parallel 
AA1 2 3 ? anti-parallel 
AA1 4 5 ? anti-parallel 
AA1 5 6 ? anti-parallel 
AA1 6 7 ? anti-parallel 
AA2 1 2 ? anti-parallel 
AA2 2 3 ? anti-parallel 
AA2 3 4 ? anti-parallel 
# 
loop_
_struct_sheet_range.sheet_id 
_struct_sheet_range.id 
_struct_sheet_range.beg_label_comp_id 
_struct_sheet_range.beg_label_asym_id 
_struct_sheet_range.beg_label_seq_id 
_struct_sheet_range.pdbx_beg_PDB_ins_code 
_struct_sheet_range.end_label_comp_id 
_struct_sheet_range.end_label_asym_id 
_struct_sheet_range.end_label_seq_id 
_struct_sheet_range.pdbx_end_PDB_ins_code 
_struct_sheet_range.beg_auth_comp_id 
_struct_sheet_range.beg_auth_asym_id 
_struct_sheet_range.beg_auth_seq_id 
_struct_sheet_range.end_auth_comp_id 
_struct_sheet_range.end_auth_asym_id 
_struct_sheet_range.end_auth_seq_id 
AA1 1 GLU A 2   ? VAL A 5   ? GLU A 30  VAL A 33  
AA1 2 ILE A 8   ? ARG A 16  ? ILE A 36  ARG A 44  
AA1 3 ARG A 24  ? ASN A 33  ? ARG A 52  ASN A 61  
AA1 4 GLY A 109 ? GLU A 118 ? GLY A 137 GLU A 146 
AA1 5 ALA A 98  ? PHE A 105 ? ALA A 126 PHE A 133 
AA1 6 ASP A 39  ? LYS A 45  ? ASP A 67  LYS A 73  
AA1 7 ILE A 67  ? LEU A 69  ? ILE A 95  LEU A 97  
AA2 1 PHE A 49  ? HIS A 55  ? PHE A 77  HIS A 83  
AA2 2 HIS A 83  ? ILE A 89  ? HIS A 111 ILE A 117 
AA2 3 ARG A 24  ? ASN A 33  ? ARG A 52  ASN A 61  
AA2 4 ILE A 8   ? ARG A 16  ? ILE A 36  ARG A 44  
AA2 5 SER A 73  ? VAL A 75  ? SER A 101 VAL A 103 
# 
loop_
_pdbx_struct_sheet_hbond.sheet_id 
_pdbx_struct_sheet_hbond.range_id_1 
_pdbx_struct_sheet_hbond.range_id_2 
_pdbx_struct_sheet_hbond.range_1_label_atom_id 
_pdbx_struct_sheet_hbond.range_1_label_comp_id 
_pdbx_struct_sheet_hbond.range_1_label_asym_id 
_pdbx_struct_sheet_hbond.range_1_label_seq_id 
_pdbx_struct_sheet_hbond.range_1_PDB_ins_code 
_pdbx_struct_sheet_hbond.range_1_auth_atom_id 
_pdbx_struct_sheet_hbond.range_1_auth_comp_id 
_pdbx_struct_sheet_hbond.range_1_auth_asym_id 
_pdbx_struct_sheet_hbond.range_1_auth_seq_id 
_pdbx_struct_sheet_hbond.range_2_label_atom_id 
_pdbx_struct_sheet_hbond.range_2_label_comp_id 
_pdbx_struct_sheet_hbond.range_2_label_asym_id 
_pdbx_struct_sheet_hbond.range_2_label_seq_id 
_pdbx_struct_sheet_hbond.range_2_PDB_ins_code 
_pdbx_struct_sheet_hbond.range_2_auth_atom_id 
_pdbx_struct_sheet_hbond.range_2_auth_comp_id 
_pdbx_struct_sheet_hbond.range_2_auth_asym_id 
_pdbx_struct_sheet_hbond.range_2_auth_seq_id 
AA1 1 2 N TYR A 3   ? N TYR A 31  O ILE A 10  ? O ILE A 38  
AA1 2 3 N TRP A 14  ? N TRP A 42  O TYR A 28  ? O TYR A 56  
AA1 4 5 O VAL A 111 ? O VAL A 139 N LEU A 103 ? N LEU A 131 
AA1 5 6 O THR A 102 ? O THR A 130 N LYS A 45  ? N LYS A 73  
AA1 6 7 N ASP A 39  ? N ASP A 67  O LEU A 69  ? O LEU A 97  
AA2 1 2 N GLN A 53  ? N GLN A 81  O GLU A 85  ? O GLU A 113 
AA2 2 3 O LEU A 86  ? O LEU A 114 N ALA A 25  ? N ALA A 53  
AA2 3 4 O TYR A 28  ? O TYR A 56  N TRP A 14  ? N TRP A 42  
# 
_atom_sites.entry_id                    6P1F 
_atom_sites.fract_transf_matrix[1][1]   0.00020389 
_atom_sites.fract_transf_matrix[1][2]   0.01906469 
_atom_sites.fract_transf_matrix[1][3]   0.00344770 
_atom_sites.fract_transf_matrix[2][1]   0.00340078 
_atom_sites.fract_transf_matrix[2][2]   0.00335914 
_atom_sites.fract_transf_matrix[2][3]   -0.01877609 
_atom_sites.fract_transf_matrix[3][1]   -0.00933032 
_atom_sites.fract_transf_matrix[3][2]   0.00039269 
_atom_sites.fract_transf_matrix[3][3]   -0.00161968 
_atom_sites.fract_transf_vector[1]      0.130008 
_atom_sites.fract_transf_vector[2]      0.173014 
_atom_sites.fract_transf_vector[3]      -0.152084 
# 
loop_
_atom_type.symbol 
C 
N 
O 
S 
# 
loop_
_atom_site.group_PDB 
_atom_site.id 
_atom_site.type_symbol 
_atom_site.label_atom_id 
_atom_site.label_alt_id 
_atom_site.label_comp_id 
_atom_site.label_asym_id 
_atom_site.label_entity_id 
_atom_site.label_seq_id 
_atom_site.pdbx_PDB_ins_code 
_atom_site.Cartn_x 
_atom_site.Cartn_y 
_atom_site.Cartn_z 
_atom_site.occupancy 
_atom_site.B_iso_or_equiv 
_atom_site.pdbx_formal_charge 
_atom_site.auth_seq_id 
_atom_site.auth_comp_id 
_atom_site.auth_asym_id 
_atom_site.auth_atom_id 
_atom_site.pdbx_PDB_model_num 
ATOM   1    N N   . HIS A 1 1   ? -5.815  11.941  3.889   1.00 35.76 ? 29  HIS A N   1 
ATOM   2    C CA  . HIS A 1 1   ? -5.199  12.278  2.620   1.00 30.52 ? 29  HIS A CA  1 
ATOM   3    C C   . HIS A 1 1   ? -5.720  11.291  1.552   1.00 24.15 ? 29  HIS A C   1 
ATOM   4    O O   . HIS A 1 1   ? -5.550  10.089  1.680   1.00 23.54 ? 29  HIS A O   1 
ATOM   5    C CB  . HIS A 1 1   ? -3.659  12.247  2.759   1.00 26.08 ? 29  HIS A CB  1 
ATOM   6    C CG  . HIS A 1 1   ? -2.918  13.037  1.717   1.00 31.20 ? 29  HIS A CG  1 
ATOM   7    N ND1 . HIS A 1 1   ? -1.673  13.588  1.956   1.00 35.55 ? 29  HIS A ND1 1 
ATOM   8    C CD2 . HIS A 1 1   ? -3.223  13.344  0.427   1.00 24.48 ? 29  HIS A CD2 1 
ATOM   9    C CE1 . HIS A 1 1   ? -1.243  14.201  0.866   1.00 26.47 ? 29  HIS A CE1 1 
ATOM   10   N NE2 . HIS A 1 1   ? -2.161  14.063  -0.080  1.00 28.27 ? 29  HIS A NE2 1 
ATOM   11   N N   . GLU A 1 2   ? -6.417  11.803  0.546   1.00 15.62 ? 30  GLU A N   1 
ATOM   12   C CA  . GLU A 1 2   ? -6.920  10.986  -0.571  1.00 16.03 ? 30  GLU A CA  1 
ATOM   13   C C   . GLU A 1 2   ? -6.050  11.217  -1.793  1.00 17.69 ? 30  GLU A C   1 
ATOM   14   O O   . GLU A 1 2   ? -5.654  12.334  -2.067  1.00 16.48 ? 30  GLU A O   1 
ATOM   15   C CB  . GLU A 1 2   ? -8.364  11.361  -0.898  1.00 19.02 ? 30  GLU A CB  1 
ATOM   16   C CG  . GLU A 1 2   ? -8.927  10.725  -2.158  1.00 22.94 ? 30  GLU A CG  1 
ATOM   17   C CD  . GLU A 1 2   ? -10.242 11.350  -2.585  1.00 40.09 ? 30  GLU A CD  1 
ATOM   18   O OE1 . GLU A 1 2   ? -11.248 11.147  -1.894  1.00 27.61 ? 30  GLU A OE1 1 
ATOM   19   O OE2 . GLU A 1 2   ? -10.268 12.047  -3.621  1.00 45.43 ? 30  GLU A OE2 1 
ATOM   20   N N   . TYR A 1 3   ? -5.781  10.148  -2.539  1.00 13.94 ? 31  TYR A N   1 
ATOM   21   C CA  . TYR A 1 3   ? -5.159  10.258  -3.847  1.00 18.00 ? 31  TYR A CA  1 
ATOM   22   C C   . TYR A 1 3   ? -6.103  9.638   -4.847  1.00 17.69 ? 31  TYR A C   1 
ATOM   23   O O   . TYR A 1 3   ? -6.827  8.709   -4.526  1.00 21.57 ? 31  TYR A O   1 
ATOM   24   C CB  . TYR A 1 3   ? -3.811  9.514   -3.863  1.00 15.91 ? 31  TYR A CB  1 
ATOM   25   C CG  . TYR A 1 3   ? -2.860  10.037  -2.816  1.00 14.26 ? 31  TYR A CG  1 
ATOM   26   C CD1 . TYR A 1 3   ? -2.928  9.577   -1.493  1.00 17.03 ? 31  TYR A CD1 1 
ATOM   27   C CD2 . TYR A 1 3   ? -1.886  10.965  -3.150  1.00 17.10 ? 31  TYR A CD2 1 
ATOM   28   C CE1 . TYR A 1 3   ? -2.046  10.059  -0.524  1.00 19.11 ? 31  TYR A CE1 1 
ATOM   29   C CE2 . TYR A 1 3   ? -1.009  11.445  -2.192  1.00 22.11 ? 31  TYR A CE2 1 
ATOM   30   C CZ  . TYR A 1 3   ? -1.098  10.987  -0.893  1.00 22.47 ? 31  TYR A CZ  1 
ATOM   31   O OH  . TYR A 1 3   ? -0.217  11.463  0.054   1.00 27.38 ? 31  TYR A OH  1 
ATOM   32   N N   . ALA A 1 4   ? -6.083  10.111  -6.089  1.00 15.32 ? 32  ALA A N   1 
ATOM   33   C CA  . ALA A 1 4   ? -7.000  9.513   -7.056  1.00 17.41 ? 32  ALA A CA  1 
ATOM   34   C C   . ALA A 1 4   ? -6.417  9.602   -8.457  1.00 18.09 ? 32  ALA A C   1 
ATOM   35   O O   . ALA A 1 4   ? -5.727  10.555  -8.797  1.00 19.81 ? 32  ALA A O   1 
ATOM   36   C CB  . ALA A 1 4   ? -8.364  10.189  -6.993  1.00 20.99 ? 32  ALA A CB  1 
ATOM   37   N N   . VAL A 1 5   ? -6.647  8.583   -9.265  1.00 15.16 ? 33  VAL A N   1 
ATOM   38   C CA  . VAL A 1 5   ? -6.191  8.673   -10.649 1.00 16.10 ? 33  VAL A CA  1 
ATOM   39   C C   . VAL A 1 5   ? -7.219  7.868   -11.434 1.00 17.09 ? 33  VAL A C   1 
ATOM   40   O O   . VAL A 1 5   ? -7.583  6.760   -11.048 1.00 16.09 ? 33  VAL A O   1 
ATOM   41   C CB  . VAL A 1 5   ? -4.729  8.160   -10.866 1.00 16.53 ? 33  VAL A CB  1 
ATOM   42   C CG1 . VAL A 1 5   ? -4.570  6.671   -10.505 1.00 17.90 ? 33  VAL A CG1 1 
ATOM   43   C CG2 . VAL A 1 5   ? -4.291  8.444   -12.291 1.00 24.21 ? 33  VAL A CG2 1 
ATOM   44   N N   . GLY A 1 6   ? -7.778  8.441   -12.495 1.00 17.85 ? 34  GLY A N   1 
ATOM   45   C CA  . GLY A 1 6   ? -8.899  7.714   -13.101 1.00 18.53 ? 34  GLY A CA  1 
ATOM   46   C C   . GLY A 1 6   ? -10.046 7.483   -12.133 1.00 15.20 ? 34  GLY A C   1 
ATOM   47   O O   . GLY A 1 6   ? -10.441 8.359   -11.385 1.00 20.82 ? 34  GLY A O   1 
ATOM   48   N N   . LYS A 1 7   ? -10.526 6.232   -12.094 1.00 16.41 ? 35  LYS A N   1 
ATOM   49   C CA  . LYS A 1 7   ? -11.610 5.809   -11.217 1.00 19.26 ? 35  LYS A CA  1 
ATOM   50   C C   . LYS A 1 7   ? -11.071 5.096   -9.940  1.00 15.47 ? 35  LYS A C   1 
ATOM   51   O O   . LYS A 1 7   ? -11.847 4.556   -9.154  1.00 18.07 ? 35  LYS A O   1 
ATOM   52   C CB  . LYS A 1 7   ? -12.550 4.875   -12.004 1.00 20.27 ? 35  LYS A CB  1 
ATOM   53   C CG  . LYS A 1 7   ? -13.213 5.545   -13.215 1.00 24.35 ? 35  LYS A CG  1 
ATOM   54   C CD  . LYS A 1 7   ? -14.374 6.408   -12.754 1.00 33.84 ? 35  LYS A CD  1 
ATOM   55   C CE  . LYS A 1 7   ? -15.477 6.444   -13.806 1.00 45.64 ? 35  LYS A CE  1 
ATOM   56   N NZ  . LYS A 1 7   ? -14.959 6.833   -15.159 1.00 57.85 ? 35  LYS A NZ  1 
ATOM   57   N N   . ILE A 1 8   ? -9.754  5.140   -9.744  1.00 13.02 ? 36  ILE A N   1 
ATOM   58   C CA  . ILE A 1 8   ? -9.092  4.615   -8.551  1.00 13.01 ? 36  ILE A CA  1 
ATOM   59   C C   . ILE A 1 8   ? -8.922  5.683   -7.494  1.00 15.60 ? 36  ILE A C   1 
ATOM   60   O O   . ILE A 1 8   ? -8.550  6.816   -7.807  1.00 17.48 ? 36  ILE A O   1 
ATOM   61   C CB  . ILE A 1 8   ? -7.695  4.065   -8.906  1.00 18.59 ? 36  ILE A CB  1 
ATOM   62   C CG1 . ILE A 1 8   ? -7.834  2.841   -9.796  1.00 16.29 ? 36  ILE A CG1 1 
ATOM   63   C CG2 . ILE A 1 8   ? -6.882  3.756   -7.665  1.00 18.70 ? 36  ILE A CG2 1 
ATOM   64   C CD1 . ILE A 1 8   ? -8.468  1.663   -9.089  1.00 17.99 ? 36  ILE A CD1 1 
ATOM   65   N N   . LYS A 1 9   ? -9.228  5.337   -6.234  1.00 14.20 ? 37  LYS A N   1 
ATOM   66   C CA  . LYS A 1 9   ? -8.915  6.220   -5.124  1.00 14.47 ? 37  LYS A CA  1 
ATOM   67   C C   . LYS A 1 9   ? -8.067  5.469   -4.162  1.00 15.55 ? 37  LYS A C   1 
ATOM   68   O O   . LYS A 1 9   ? -8.266  4.279   -3.964  1.00 16.83 ? 37  LYS A O   1 
ATOM   69   C CB  . LYS A 1 9   ? -10.174 6.715   -4.384  1.00 16.45 ? 37  LYS A CB  1 
ATOM   70   C CG  . LYS A 1 9   ? -10.918 7.765   -5.190  1.00 18.71 ? 37  LYS A CG  1 
ATOM   71   C CD  . LYS A 1 9   ? -11.910 8.554   -4.309  1.00 29.31 ? 37  LYS A CD  1 
ATOM   72   C CE  . LYS A 1 9   ? -12.453 9.753   -5.087  1.00 35.25 ? 37  LYS A CE  1 
ATOM   73   N NZ  . LYS A 1 9   ? -13.157 10.744  -4.207  1.00 39.78 ? 37  LYS A NZ  1 
ATOM   74   N N   . ILE A 1 10  ? -7.146  6.167   -3.521  1.00 13.69 ? 38  ILE A N   1 
ATOM   75   C CA  . ILE A 1 10  ? -6.345  5.571   -2.457  1.00 15.03 ? 38  ILE A CA  1 
ATOM   76   C C   . ILE A 1 10  ? -6.552  6.460   -1.245  1.00 15.79 ? 38  ILE A C   1 
ATOM   77   O O   . ILE A 1 10  ? -6.287  7.656   -1.309  1.00 18.80 ? 38  ILE A O   1 
ATOM   78   C CB  . ILE A 1 10  ? -4.853  5.492   -2.832  1.00 18.14 ? 38  ILE A CB  1 
ATOM   79   C CG1 . ILE A 1 10  ? -4.648  4.681   -4.136  1.00 18.56 ? 38  ILE A CG1 1 
ATOM   80   C CG2 . ILE A 1 10  ? -4.042  4.879   -1.683  1.00 18.93 ? 38  ILE A CG2 1 
ATOM   81   C CD1 . ILE A 1 10  ? -4.531  5.556   -5.424  1.00 24.59 ? 38  ILE A CD1 1 
ATOM   82   N N   . GLU A 1 11  ? -7.030  5.884   -0.142  1.00 13.89 ? 39  GLU A N   1 
ATOM   83   C CA  . GLU A 1 11  ? -7.368  6.697   1.033   1.00 16.20 ? 39  GLU A CA  1 
ATOM   84   C C   . GLU A 1 11  ? -6.415  6.415   2.169   1.00 16.84 ? 39  GLU A C   1 
ATOM   85   O O   . GLU A 1 11  ? -6.193  5.253   2.514   1.00 17.28 ? 39  GLU A O   1 
ATOM   86   C CB  . GLU A 1 11  ? -8.796  6.401   1.510   1.00 18.93 ? 39  GLU A CB  1 
ATOM   87   C CG  . GLU A 1 11  ? -9.865  6.561   0.428   1.00 21.71 ? 39  GLU A CG  1 
ATOM   88   C CD  . GLU A 1 11  ? -10.306 8.003   0.203   1.00 27.18 ? 39  GLU A CD  1 
ATOM   89   O OE1 . GLU A 1 11  ? -9.788  8.942   0.870   1.00 23.27 ? 39  GLU A OE1 1 
ATOM   90   O OE2 . GLU A 1 11  ? -11.203 8.184   -0.651  1.00 26.51 ? 39  GLU A OE2 1 
ATOM   91   N N   . HIS A 1 12  ? -5.899  7.490   2.755   1.00 16.27 ? 40  HIS A N   1 
ATOM   92   C CA  . HIS A 1 12  ? -5.105  7.468   3.996   1.00 20.35 ? 40  HIS A CA  1 
ATOM   93   C C   . HIS A 1 12  ? -4.021  6.378   4.064   1.00 16.11 ? 40  HIS A C   1 
ATOM   94   O O   . HIS A 1 12  ? -3.978  5.589   5.013   1.00 20.52 ? 40  HIS A O   1 
ATOM   95   C CB  . HIS A 1 12  ? -6.037  7.341   5.209   1.00 21.87 ? 40  HIS A CB  1 
ATOM   96   C CG  . HIS A 1 12  ? -6.989  8.490   5.347   1.00 39.92 ? 40  HIS A CG  1 
ATOM   97   N ND1 . HIS A 1 12  ? -6.821  9.494   6.282   1.00 54.49 ? 40  HIS A ND1 1 
ATOM   98   C CD2 . HIS A 1 12  ? -8.106  8.809   4.654   1.00 38.48 ? 40  HIS A CD2 1 
ATOM   99   C CE1 . HIS A 1 12  ? -7.807  10.365  6.171   1.00 47.46 ? 40  HIS A CE1 1 
ATOM   100  N NE2 . HIS A 1 12  ? -8.602  9.974   5.191   1.00 41.70 ? 40  HIS A NE2 1 
ATOM   101  N N   . PRO A 1 13  ? -3.149  6.326   3.056   1.00 15.98 ? 41  PRO A N   1 
ATOM   102  C CA  . PRO A 1 13  ? -2.050  5.352   3.151   1.00 17.38 ? 41  PRO A CA  1 
ATOM   103  C C   . PRO A 1 13  ? -1.129  5.660   4.318   1.00 16.93 ? 41  PRO A C   1 
ATOM   104  O O   . PRO A 1 13  ? -0.732  6.818   4.560   1.00 17.42 ? 41  PRO A O   1 
ATOM   105  C CB  . PRO A 1 13  ? -1.324  5.506   1.814   1.00 16.52 ? 41  PRO A CB  1 
ATOM   106  C CG  . PRO A 1 13  ? -1.647  6.962   1.366   1.00 14.88 ? 41  PRO A CG  1 
ATOM   107  C CD  . PRO A 1 13  ? -3.048  7.171   1.844   1.00 14.04 ? 41  PRO A CD  1 
ATOM   108  N N   . TRP A 1 14  ? -0.778  4.620   5.070   1.00 16.73 ? 42  TRP A N   1 
ATOM   109  C CA  . TRP A 1 14  ? 0.163   4.816   6.158   1.00 14.66 ? 42  TRP A CA  1 
ATOM   110  C C   . TRP A 1 14  ? 0.932   3.528   6.368   1.00 18.05 ? 42  TRP A C   1 
ATOM   111  O O   . TRP A 1 14  ? 0.490   2.475   5.925   1.00 16.73 ? 42  TRP A O   1 
ATOM   112  C CB  . TRP A 1 14  ? -0.555  5.216   7.464   1.00 16.43 ? 42  TRP A CB  1 
ATOM   113  C CG  . TRP A 1 14  ? -1.513  4.192   8.035   1.00 15.69 ? 42  TRP A CG  1 
ATOM   114  C CD1 . TRP A 1 14  ? -2.796  3.946   7.635   1.00 17.13 ? 42  TRP A CD1 1 
ATOM   115  C CD2 . TRP A 1 14  ? -1.245  3.279   9.112   1.00 17.29 ? 42  TRP A CD2 1 
ATOM   116  N NE1 . TRP A 1 14  ? -3.343  2.914   8.394   1.00 19.64 ? 42  TRP A NE1 1 
ATOM   117  C CE2 . TRP A 1 14  ? -2.416  2.520   9.322   1.00 19.74 ? 42  TRP A CE2 1 
ATOM   118  C CE3 . TRP A 1 14  ? -0.124  3.050   9.931   1.00 17.66 ? 42  TRP A CE3 1 
ATOM   119  C CZ2 . TRP A 1 14  ? -2.508  1.540   10.337  1.00 19.58 ? 42  TRP A CZ2 1 
ATOM   120  C CZ3 . TRP A 1 14  ? -0.216  2.071   10.935  1.00 18.04 ? 42  TRP A CZ3 1 
ATOM   121  C CH2 . TRP A 1 14  ? -1.391  1.331   11.112  1.00 18.79 ? 42  TRP A CH2 1 
ATOM   122  N N   . LEU A 1 15  ? 2.061   3.624   7.052   1.00 16.34 ? 43  LEU A N   1 
ATOM   123  C CA  . LEU A 1 15  ? 2.857   2.415   7.331   1.00 15.41 ? 43  LEU A CA  1 
ATOM   124  C C   . LEU A 1 15  ? 3.400   2.458   8.734   1.00 20.19 ? 43  LEU A C   1 
ATOM   125  O O   . LEU A 1 15  ? 3.561   3.527   9.336   1.00 18.12 ? 43  LEU A O   1 
ATOM   126  C CB  . LEU A 1 15  ? 3.994   2.277   6.319   1.00 14.97 ? 43  LEU A CB  1 
ATOM   127  C CG  . LEU A 1 15  ? 5.056   3.380   6.224   1.00 15.71 ? 43  LEU A CG  1 
ATOM   128  C CD1 . LEU A 1 15  ? 6.277   3.118   7.128   1.00 21.73 ? 43  LEU A CD1 1 
ATOM   129  C CD2 . LEU A 1 15  ? 5.525   3.516   4.764   1.00 20.82 ? 43  LEU A CD2 1 
ATOM   130  N N   . ARG A 1 16  ? 3.659   1.278   9.273   1.00 16.14 ? 44  ARG A N   1 
ATOM   131  C CA  . ARG A 1 16  ? 4.408   1.145   10.512  1.00 16.85 ? 44  ARG A CA  1 
ATOM   132  C C   . ARG A 1 16  ? 5.879   1.258   10.244  1.00 20.26 ? 44  ARG A C   1 
ATOM   133  O O   . ARG A 1 16  ? 6.427   0.503   9.424   1.00 18.28 ? 44  ARG A O   1 
ATOM   134  C CB  . ARG A 1 16  ? 4.110   -0.205  11.148  1.00 17.58 ? 44  ARG A CB  1 
ATOM   135  C CG  . ARG A 1 16  ? 2.767   -0.299  11.766  1.00 18.06 ? 44  ARG A CG  1 
ATOM   136  C CD  . ARG A 1 16  ? 2.529   -1.715  12.219  1.00 19.03 ? 44  ARG A CD  1 
ATOM   137  N NE  . ARG A 1 16  ? 1.428   -1.823  13.169  1.00 20.85 ? 44  ARG A NE  1 
ATOM   138  C CZ  . ARG A 1 16  ? 0.983   -2.976  13.654  1.00 21.27 ? 44  ARG A CZ  1 
ATOM   139  N NH1 . ARG A 1 16  ? 1.548   -4.115  13.259  1.00 22.39 ? 44  ARG A NH1 1 
ATOM   140  N NH2 . ARG A 1 16  ? -0.026  -3.002  14.517  1.00 21.57 ? 44  ARG A NH2 1 
ATOM   141  N N   . ALA A 1 17  ? 6.555   2.177   10.931  1.00 19.75 ? 45  ALA A N   1 
ATOM   142  C CA  . ALA A 1 17  ? 7.981   2.316   10.704  1.00 18.75 ? 45  ALA A CA  1 
ATOM   143  C C   . ALA A 1 17  ? 8.645   0.984   11.057  1.00 22.84 ? 45  ALA A C   1 
ATOM   144  O O   . ALA A 1 17  ? 8.197   0.312   11.977  1.00 20.84 ? 45  ALA A O   1 
ATOM   145  C CB  . ALA A 1 17  ? 8.548   3.439   11.530  1.00 21.18 ? 45  ALA A CB  1 
ATOM   146  N N   . PRO A 1 18  ? 9.685   0.590   10.311  1.00 21.49 ? 46  PRO A N   1 
ATOM   147  C CA  . PRO A 1 18  ? 10.358  -0.658  10.703  1.00 20.12 ? 46  PRO A CA  1 
ATOM   148  C C   . PRO A 1 18  ? 10.989  -0.548  12.095  1.00 17.99 ? 46  PRO A C   1 
ATOM   149  O O   . PRO A 1 18  ? 11.488  0.513   12.508  1.00 22.40 ? 46  PRO A O   1 
ATOM   150  C CB  . PRO A 1 18  ? 11.424  -0.865  9.616   1.00 22.49 ? 46  PRO A CB  1 
ATOM   151  C CG  . PRO A 1 18  ? 11.584  0.472   8.955   1.00 27.31 ? 46  PRO A CG  1 
ATOM   152  C CD  . PRO A 1 18  ? 10.293  1.222   9.133   1.00 23.08 ? 46  PRO A CD  1 
ATOM   153  N N   . LEU A 1 19  ? 10.907  -1.649  12.827  1.00 22.35 ? 47  LEU A N   1 
ATOM   154  C CA  . LEU A 1 19  ? 11.551  -1.744  14.117  1.00 25.21 ? 47  LEU A CA  1 
ATOM   155  C C   . LEU A 1 19  ? 13.054  -1.570  13.979  1.00 24.69 ? 47  LEU A C   1 
ATOM   156  O O   . LEU A 1 19  ? 13.653  -1.826  12.913  1.00 20.80 ? 47  LEU A O   1 
ATOM   157  C CB  . LEU A 1 19  ? 11.231  -3.085  14.780  1.00 23.77 ? 47  LEU A CB  1 
ATOM   158  C CG  . LEU A 1 19  ? 9.809   -3.355  15.277  1.00 26.47 ? 47  LEU A CG  1 
ATOM   159  C CD1 . LEU A 1 19  ? 9.598   -4.855  15.479  1.00 30.10 ? 47  LEU A CD1 1 
ATOM   160  C CD2 . LEU A 1 19  ? 9.584   -2.613  16.579  1.00 28.69 ? 47  LEU A CD2 1 
ATOM   161  N N   . GLU A 1 20  ? 13.674  -1.123  15.067  1.00 26.25 ? 48  GLU A N   1 
ATOM   162  C CA  . GLU A 1 20  ? 15.095  -0.868  15.010  1.00 25.48 ? 48  GLU A CA  1 
ATOM   163  C C   . GLU A 1 20  ? 15.837  -2.098  14.525  1.00 27.01 ? 48  GLU A C   1 
ATOM   164  O O   . GLU A 1 20  ? 15.668  -3.211  15.058  1.00 25.37 ? 48  GLU A O   1 
ATOM   165  C CB  . GLU A 1 20  ? 15.639  -0.428  16.368  1.00 32.52 ? 48  GLU A CB  1 
ATOM   166  C CG  . GLU A 1 20  ? 17.155  -0.257  16.327  1.00 46.07 ? 48  GLU A CG  1 
ATOM   167  C CD  . GLU A 1 20  ? 17.674  0.765   17.323  1.00 63.03 ? 48  GLU A CD  1 
ATOM   168  O OE1 . GLU A 1 20  ? 16.965  1.030   18.321  1.00 58.29 ? 48  GLU A OE1 1 
ATOM   169  O OE2 . GLU A 1 20  ? 18.793  1.288   17.109  1.00 64.87 ? 48  GLU A OE2 1 
ATOM   170  N N   . GLY A 1 21  ? 16.604  -1.910  13.470  1.00 25.05 ? 49  GLY A N   1 
ATOM   171  C CA  . GLY A 1 21  ? 17.395  -2.993  12.928  1.00 26.56 ? 49  GLY A CA  1 
ATOM   172  C C   . GLY A 1 21  ? 16.722  -3.820  11.858  1.00 31.17 ? 49  GLY A C   1 
ATOM   173  O O   . GLY A 1 21  ? 17.390  -4.604  11.186  1.00 31.57 ? 49  GLY A O   1 
ATOM   174  N N   . GLU A 1 22  ? 15.415  -3.653  11.677  1.00 25.15 ? 50  GLU A N   1 
ATOM   175  C CA  . GLU A 1 22  ? 14.686  -4.479  10.707  1.00 22.51 ? 50  GLU A CA  1 
ATOM   176  C C   . GLU A 1 22  ? 14.514  -3.813  9.338   1.00 23.57 ? 50  GLU A C   1 
ATOM   177  O O   . GLU A 1 22  ? 14.623  -2.591  9.213   1.00 25.79 ? 50  GLU A O   1 
ATOM   178  C CB  . GLU A 1 22  ? 13.319  -4.860  11.265  1.00 22.83 ? 50  GLU A CB  1 
ATOM   179  C CG  . GLU A 1 22  ? 13.485  -5.518  12.629  1.00 23.88 ? 50  GLU A CG  1 
ATOM   180  C CD  . GLU A 1 22  ? 12.328  -6.395  13.045  1.00 32.66 ? 50  GLU A CD  1 
ATOM   181  O OE1 . GLU A 1 22  ? 11.362  -6.533  12.265  1.00 29.09 ? 50  GLU A OE1 1 
ATOM   182  O OE2 . GLU A 1 22  ? 12.387  -6.929  14.186  1.00 23.45 ? 50  GLU A OE2 1 
ATOM   183  N N   . THR A 1 23  ? 14.259  -4.648  8.335   1.00 21.98 ? 51  THR A N   1 
ATOM   184  C CA  . THR A 1 23  ? 14.178  -4.186  6.949   1.00 23.53 ? 51  THR A CA  1 
ATOM   185  C C   . THR A 1 23  ? 12.822  -4.508  6.309   1.00 24.15 ? 51  THR A C   1 
ATOM   186  O O   . THR A 1 23  ? 12.710  -4.440  5.106   1.00 20.07 ? 51  THR A O   1 
ATOM   187  C CB  . THR A 1 23  ? 15.278  -4.837  6.090   1.00 24.40 ? 51  THR A CB  1 
ATOM   188  O OG1 . THR A 1 23  ? 15.052  -6.255  6.064   1.00 29.64 ? 51  THR A OG1 1 
ATOM   189  C CG2 . THR A 1 23  ? 16.662  -4.548  6.674   1.00 28.60 ? 51  THR A CG2 1 
ATOM   190  N N   . ARG A 1 24  ? 11.799  -4.861  7.098   1.00 20.64 ? 52  ARG A N   1 
ATOM   191  C CA  . ARG A 1 24  ? 10.454  -5.083  6.565   1.00 19.98 ? 52  ARG A CA  1 
ATOM   192  C C   . ARG A 1 24  ? 9.487   -4.217  7.336   1.00 22.08 ? 52  ARG A C   1 
ATOM   193  O O   . ARG A 1 24  ? 9.729   -3.929  8.500   1.00 24.24 ? 52  ARG A O   1 
ATOM   194  C CB  . ARG A 1 24  ? 10.003  -6.535  6.707   1.00 31.19 ? 52  ARG A CB  1 
ATOM   195  C CG  . ARG A 1 24  ? 10.466  -7.454  5.631   1.00 35.30 ? 52  ARG A CG  1 
ATOM   196  C CD  . ARG A 1 24  ? 9.874   -8.845  5.815   1.00 32.78 ? 52  ARG A CD  1 
ATOM   197  N NE  . ARG A 1 24  ? 10.255  -9.699  4.694   1.00 44.61 ? 52  ARG A NE  1 
ATOM   198  C CZ  . ARG A 1 24  ? 9.394   -10.273 3.867   1.00 36.83 ? 52  ARG A CZ  1 
ATOM   199  N NH1 . ARG A 1 24  ? 8.088   -10.115 4.049   1.00 35.67 ? 52  ARG A NH1 1 
ATOM   200  N NH2 . ARG A 1 24  ? 9.840   -11.007 2.868   1.00 43.84 ? 52  ARG A NH2 1 
ATOM   201  N N   . ALA A 1 25  ? 8.403   -3.810  6.700   1.00 20.51 ? 53  ALA A N   1 
ATOM   202  C CA  . ALA A 1 25  ? 7.392   -3.039  7.430   1.00 21.26 ? 53  ALA A CA  1 
ATOM   203  C C   . ALA A 1 25  ? 6.059   -3.222  6.742   1.00 20.60 ? 53  ALA A C   1 
ATOM   204  O O   . ALA A 1 25  ? 6.016   -3.616  5.575   1.00 23.26 ? 53  ALA A O   1 
ATOM   205  C CB  . ALA A 1 25  ? 7.783   -1.551  7.477   1.00 25.35 ? 53  ALA A CB  1 
ATOM   206  N N   . GLN A 1 26  ? 4.969   -2.949  7.448   1.00 17.93 ? 54  GLN A N   1 
ATOM   207  C CA  . GLN A 1 26  ? 3.647   -3.128  6.855   1.00 14.81 ? 54  GLN A CA  1 
ATOM   208  C C   . GLN A 1 26  ? 3.055   -1.789  6.505   1.00 18.61 ? 54  GLN A C   1 
ATOM   209  O O   . GLN A 1 26  ? 3.184   -0.839  7.250   1.00 19.41 ? 54  GLN A O   1 
ATOM   210  C CB  . GLN A 1 26  ? 2.730   -3.881  7.791   1.00 16.57 ? 54  GLN A CB  1 
ATOM   211  C CG  . GLN A 1 26  ? 3.207   -5.305  8.010   1.00 20.64 ? 54  GLN A CG  1 
ATOM   212  C CD  . GLN A 1 26  ? 2.148   -6.215  8.587   1.00 22.89 ? 54  GLN A CD  1 
ATOM   213  O OE1 . GLN A 1 26  ? 1.053   -5.781  8.985   1.00 22.31 ? 54  GLN A OE1 1 
ATOM   214  N NE2 . GLN A 1 26  ? 2.465   -7.515  8.627   1.00 24.11 ? 54  GLN A NE2 1 
ATOM   215  N N   . LEU A 1 27  ? 2.425   -1.746  5.336   1.00 15.20 ? 55  LEU A N   1 
ATOM   216  C CA  . LEU A 1 27  ? 1.756   -0.564  4.827   1.00 13.97 ? 55  LEU A CA  1 
ATOM   217  C C   . LEU A 1 27  ? 0.260   -0.868  4.693   1.00 15.51 ? 55  LEU A C   1 
ATOM   218  O O   . LEU A 1 27  ? -0.128  -1.972  4.366   1.00 15.34 ? 55  LEU A O   1 
ATOM   219  C CB  . LEU A 1 27  ? 2.352   -0.153  3.485   1.00 15.47 ? 55  LEU A CB  1 
ATOM   220  C CG  . LEU A 1 27  ? 1.687   1.035   2.777   1.00 19.21 ? 55  LEU A CG  1 
ATOM   221  C CD1 . LEU A 1 27  ? 2.715   1.947   2.085   1.00 26.83 ? 55  LEU A CD1 1 
ATOM   222  C CD2 . LEU A 1 27  ? 0.638   0.531   1.829   1.00 20.88 ? 55  LEU A CD2 1 
ATOM   223  N N   . TYR A 1 28  ? -0.583  0.133   4.971   1.00 13.81 ? 56  TYR A N   1 
ATOM   224  C CA  . TYR A 1 28  ? -2.011  -0.045  4.925   1.00 13.74 ? 56  TYR A CA  1 
ATOM   225  C C   . TYR A 1 28  ? -2.664  1.092   4.171   1.00 16.33 ? 56  TYR A C   1 
ATOM   226  O O   . TYR A 1 28  ? -2.349  2.238   4.423   1.00 15.43 ? 56  TYR A O   1 
ATOM   227  C CB  . TYR A 1 28  ? -2.590  -0.093  6.341   1.00 14.02 ? 56  TYR A CB  1 
ATOM   228  C CG  . TYR A 1 28  ? -1.807  -0.965  7.285   1.00 14.19 ? 56  TYR A CG  1 
ATOM   229  C CD1 . TYR A 1 28  ? -2.028  -2.342  7.334   1.00 15.92 ? 56  TYR A CD1 1 
ATOM   230  C CD2 . TYR A 1 28  ? -0.837  -0.411  8.104   1.00 15.04 ? 56  TYR A CD2 1 
ATOM   231  C CE1 . TYR A 1 28  ? -1.305  -3.131  8.219   1.00 18.06 ? 56  TYR A CE1 1 
ATOM   232  C CE2 . TYR A 1 28  ? -0.125  -1.181  8.989   1.00 17.13 ? 56  TYR A CE2 1 
ATOM   233  C CZ  . TYR A 1 28  ? -0.372  -2.551  9.038   1.00 21.85 ? 56  TYR A CZ  1 
ATOM   234  O OH  . TYR A 1 28  ? 0.317   -3.371  9.904   1.00 18.64 ? 56  TYR A OH  1 
ATOM   235  N N   . MET A 1 29  ? -3.520  0.781   3.215   1.00 16.08 ? 57  MET A N   1 
ATOM   236  C CA  . MET A 1 29  ? -4.234  1.830   2.502   1.00 16.72 ? 57  MET A CA  1 
ATOM   237  C C   . MET A 1 29  ? -5.564  1.287   2.045   1.00 18.35 ? 57  MET A C   1 
ATOM   238  O O   . MET A 1 29  ? -5.686  0.104   1.747   1.00 19.63 ? 57  MET A O   1 
ATOM   239  C CB  . MET A 1 29  ? -3.432  2.313   1.290   1.00 16.42 ? 57  MET A CB  1 
ATOM   240  C CG  . MET A 1 29  ? -3.059  1.183   0.315   1.00 17.79 ? 57  MET A CG  1 
ATOM   241  S SD  . MET A 1 29  ? -1.904  1.811   -0.960  1.00 22.15 ? 57  MET A SD  1 
ATOM   242  C CE  . MET A 1 29  ? -1.483  0.273   -1.815  1.00 18.59 ? 57  MET A CE  1 
ATOM   243  N N   . LEU A 1 30  ? -6.557  2.160   1.963   1.00 15.01 ? 58  LEU A N   1 
ATOM   244  C CA  . LEU A 1 30  ? -7.844  1.780   1.400   1.00 14.04 ? 58  LEU A CA  1 
ATOM   245  C C   . LEU A 1 30  ? -7.784  2.019   -0.088  1.00 17.31 ? 58  LEU A C   1 
ATOM   246  O O   . LEU A 1 30  ? -7.520  3.151   -0.512  1.00 18.20 ? 58  LEU A O   1 
ATOM   247  C CB  . LEU A 1 30  ? -8.949  2.623   2.065   1.00 18.09 ? 58  LEU A CB  1 
ATOM   248  C CG  . LEU A 1 30  ? -10.339 2.627   1.425   1.00 21.15 ? 58  LEU A CG  1 
ATOM   249  C CD1 . LEU A 1 30  ? -10.880 1.226   1.254   1.00 23.22 ? 58  LEU A CD1 1 
ATOM   250  C CD2 . LEU A 1 30  ? -11.236 3.421   2.368   1.00 25.00 ? 58  LEU A CD2 1 
ATOM   251  N N   . VAL A 1 31  ? -7.953  0.963   -0.884  1.00 13.45 ? 59  VAL A N   1 
ATOM   252  C CA  . VAL A 1 31  ? -7.922  1.123   -2.339  1.00 14.01 ? 59  VAL A CA  1 
ATOM   253  C C   . VAL A 1 31  ? -9.321  0.934   -2.888  1.00 18.19 ? 59  VAL A C   1 
ATOM   254  O O   . VAL A 1 31  ? -9.987  -0.060  -2.588  1.00 17.62 ? 59  VAL A O   1 
ATOM   255  C CB  . VAL A 1 31  ? -6.988  0.085   -2.982  1.00 15.36 ? 59  VAL A CB  1 
ATOM   256  C CG1 . VAL A 1 31  ? -6.945  0.272   -4.508  1.00 17.27 ? 59  VAL A CG1 1 
ATOM   257  C CG2 . VAL A 1 31  ? -5.583  0.182   -2.389  1.00 19.15 ? 59  VAL A CG2 1 
ATOM   258  N N   . VAL A 1 32  ? -9.782  1.869   -3.702  1.00 14.03 ? 60  VAL A N   1 
ATOM   259  C CA  . VAL A 1 32  ? -11.147 1.775   -4.182  1.00 15.53 ? 60  VAL A CA  1 
ATOM   260  C C   . VAL A 1 32  ? -11.155 1.820   -5.700  1.00 15.27 ? 60  VAL A C   1 
ATOM   261  O O   . VAL A 1 32  ? -10.519 2.679   -6.302  1.00 17.32 ? 60  VAL A O   1 
ATOM   262  C CB  . VAL A 1 32  ? -12.029 2.927   -3.635  1.00 16.66 ? 60  VAL A CB  1 
ATOM   263  C CG1 . VAL A 1 32  ? -13.386 2.869   -4.259  1.00 18.84 ? 60  VAL A CG1 1 
ATOM   264  C CG2 . VAL A 1 32  ? -12.136 2.862   -2.095  1.00 17.82 ? 60  VAL A CG2 1 
ATOM   265  N N   . ASN A 1 33  ? -11.789 0.833   -6.327  1.00 14.41 ? 61  ASN A N   1 
ATOM   266  C CA  . ASN A 1 33  ? -11.998 0.916   -7.771  1.00 14.62 ? 61  ASN A CA  1 
ATOM   267  C C   . ASN A 1 33  ? -13.445 1.267   -8.045  1.00 15.39 ? 61  ASN A C   1 
ATOM   268  O O   . ASN A 1 33  ? -14.340 0.432   -7.859  1.00 16.40 ? 61  ASN A O   1 
ATOM   269  C CB  . ASN A 1 33  ? -11.636 -0.412  -8.458  1.00 13.60 ? 61  ASN A CB  1 
ATOM   270  C CG  . ASN A 1 33  ? -11.864 -0.351  -9.966  1.00 15.42 ? 61  ASN A CG  1 
ATOM   271  O OD1 . ASN A 1 33  ? -11.861 0.731   -10.556 1.00 17.36 ? 61  ASN A OD1 1 
ATOM   272  N ND2 . ASN A 1 33  ? -12.007 -1.523  -10.615 1.00 16.34 ? 61  ASN A ND2 1 
ATOM   273  N N   . SER A 1 34  ? -13.689 2.514   -8.493  1.00 19.34 ? 62  SER A N   1 
ATOM   274  C CA  . SER A 1 34  ? -15.040 2.933   -8.826  1.00 17.38 ? 62  SER A CA  1 
ATOM   275  C C   . SER A 1 34  ? -15.395 2.697   -10.284 1.00 18.47 ? 62  SER A C   1 
ATOM   276  O O   . SER A 1 34  ? -16.483 3.081   -10.701 1.00 21.11 ? 62  SER A O   1 
ATOM   277  C CB  . SER A 1 34  ? -15.243 4.416   -8.506  1.00 22.83 ? 62  SER A CB  1 
ATOM   278  O OG  . SER A 1 34  ? -15.243 4.540   -7.114  1.00 30.78 ? 62  SER A OG  1 
ATOM   279  N N   . ALA A 1 35  ? -14.508 2.072   -11.054 1.00 16.08 ? 63  ALA A N   1 
ATOM   280  C CA  . ALA A 1 35  ? -14.833 1.736   -12.455 1.00 16.36 ? 63  ALA A CA  1 
ATOM   281  C C   . ALA A 1 35  ? -15.781 0.547   -12.559 1.00 22.04 ? 63  ALA A C   1 
ATOM   282  O O   . ALA A 1 35  ? -15.818 -0.328  -11.686 1.00 19.21 ? 63  ALA A O   1 
ATOM   283  C CB  . ALA A 1 35  ? -13.553 1.422   -13.266 1.00 15.10 ? 63  ALA A CB  1 
ATOM   284  N N   . ASP A 1 36  ? -16.522 0.514   -13.660 1.00 19.35 ? 64  ASP A N   1 
ATOM   285  C CA  . ASP A 1 36  ? -17.374 -0.611  -14.027 1.00 21.02 ? 64  ASP A CA  1 
ATOM   286  C C   . ASP A 1 36  ? -16.583 -1.745  -14.639 1.00 24.47 ? 64  ASP A C   1 
ATOM   287  O O   . ASP A 1 36  ? -17.180 -2.692  -15.141 1.00 27.30 ? 64  ASP A O   1 
ATOM   288  C CB  . ASP A 1 36  ? -18.403 -0.196  -15.085 1.00 27.19 ? 64  ASP A CB  1 
ATOM   289  C CG  . ASP A 1 36  ? -19.486 0.656   -14.538 1.00 46.04 ? 64  ASP A CG  1 
ATOM   290  O OD1 . ASP A 1 36  ? -19.597 0.719   -13.297 1.00 47.31 ? 64  ASP A OD1 1 
ATOM   291  O OD2 . ASP A 1 36  ? -20.228 1.249   -15.356 1.00 61.18 ? 64  ASP A OD2 1 
ATOM   292  N N   . ARG A 1 37  ? -15.265 -1.583  -14.687 1.00 21.02 ? 65  ARG A N   1 
ATOM   293  C CA  . ARG A 1 37  ? -14.340 -2.559  -15.286 1.00 26.53 ? 65  ARG A CA  1 
ATOM   294  C C   . ARG A 1 37  ? -13.253 -2.800  -14.249 1.00 23.12 ? 65  ARG A C   1 
ATOM   295  O O   . ARG A 1 37  ? -13.035 -1.961  -13.378 1.00 19.05 ? 65  ARG A O   1 
ATOM   296  C CB  . ARG A 1 37  ? -13.718 -2.043  -16.592 1.00 28.60 ? 65  ARG A CB  1 
ATOM   297  C CG  . ARG A 1 37  ? -14.677 -1.315  -17.528 1.00 47.67 ? 65  ARG A CG  1 
ATOM   298  C CD  . ARG A 1 37  ? -14.949 -2.121  -18.793 1.00 54.48 ? 65  ARG A CD  1 
ATOM   299  N NE  . ARG A 1 37  ? -13.749 -2.308  -19.606 1.00 66.38 ? 65  ARG A NE  1 
ATOM   300  C CZ  . ARG A 1 37  ? -13.491 -3.399  -20.324 1.00 73.20 ? 65  ARG A CZ  1 
ATOM   301  N NH1 . ARG A 1 37  ? -14.351 -4.416  -20.331 1.00 57.87 ? 65  ARG A NH1 1 
ATOM   302  N NH2 . ARG A 1 37  ? -12.368 -3.478  -21.030 1.00 62.36 ? 65  ARG A NH2 1 
ATOM   303  N N   . PRO A 1 38  ? -12.595 -3.963  -14.300 1.00 18.88 ? 66  PRO A N   1 
ATOM   304  C CA  . PRO A 1 38  ? -11.599 -4.224  -13.276 1.00 16.52 ? 66  PRO A CA  1 
ATOM   305  C C   . PRO A 1 38  ? -10.330 -3.419  -13.526 1.00 18.53 ? 66  PRO A C   1 
ATOM   306  O O   . PRO A 1 38  ? -10.124 -2.856  -14.603 1.00 20.44 ? 66  PRO A O   1 
ATOM   307  C CB  . PRO A 1 38  ? -11.315 -5.744  -13.420 1.00 19.53 ? 66  PRO A CB  1 
ATOM   308  C CG  . PRO A 1 38  ? -11.679 -6.042  -14.843 1.00 26.15 ? 66  PRO A CG  1 
ATOM   309  C CD  . PRO A 1 38  ? -12.835 -5.126  -15.177 1.00 23.75 ? 66  PRO A CD  1 
ATOM   310  N N   . ASP A 1 39  ? -9.507  -3.319  -12.497 1.00 16.78 ? 67  ASP A N   1 
ATOM   311  C CA  . ASP A 1 39  ? -8.191  -2.731  -12.649 1.00 15.59 ? 67  ASP A CA  1 
ATOM   312  C C   . ASP A 1 39  ? -7.213  -3.660  -11.916 1.00 15.33 ? 67  ASP A C   1 
ATOM   313  O O   . ASP A 1 39  ? -7.615  -4.657  -11.331 1.00 17.99 ? 67  ASP A O   1 
ATOM   314  C CB  . ASP A 1 39  ? -8.127  -1.293  -12.068 1.00 16.81 ? 67  ASP A CB  1 
ATOM   315  C CG  . ASP A 1 39  ? -7.072  -0.423  -12.745 1.00 19.03 ? 67  ASP A CG  1 
ATOM   316  O OD1 . ASP A 1 39  ? -6.044  -0.933  -13.209 1.00 18.55 ? 67  ASP A OD1 1 
ATOM   317  O OD2 . ASP A 1 39  ? -7.264  0.817   -12.777 1.00 18.93 ? 67  ASP A OD2 1 
ATOM   318  N N   . ARG A 1 40  ? -5.933  -3.333  -11.968 1.00 16.41 ? 68  ARG A N   1 
ATOM   319  C CA  . ARG A 1 40  ? -4.923  -4.138  -11.263 1.00 13.52 ? 68  ARG A CA  1 
ATOM   320  C C   . ARG A 1 40  ? -3.838  -3.221  -10.783 1.00 13.82 ? 68  ARG A C   1 
ATOM   321  O O   . ARG A 1 40  ? -3.301  -2.461  -11.563 1.00 15.35 ? 68  ARG A O   1 
ATOM   322  C CB  . ARG A 1 40  ? -4.317  -5.209  -12.194 1.00 19.99 ? 68  ARG A CB  1 
ATOM   323  C CG  . ARG A 1 40  ? -3.503  -6.280  -11.441 1.00 30.05 ? 68  ARG A CG  1 
ATOM   324  C CD  . ARG A 1 40  ? -2.929  -7.327  -12.415 1.00 36.99 ? 68  ARG A CD  1 
ATOM   325  N NE  . ARG A 1 40  ? -3.764  -7.366  -13.604 1.00 52.86 ? 68  ARG A NE  1 
ATOM   326  C CZ  . ARG A 1 40  ? -4.652  -8.313  -13.863 1.00 48.54 ? 68  ARG A CZ  1 
ATOM   327  N NH1 . ARG A 1 40  ? -4.778  -9.354  -13.040 1.00 46.27 ? 68  ARG A NH1 1 
ATOM   328  N NH2 . ARG A 1 40  ? -5.384  -8.233  -14.962 1.00 41.54 ? 68  ARG A NH2 1 
ATOM   329  N N   . LEU A 1 41  ? -3.530  -3.301  -9.485  1.00 16.18 ? 69  LEU A N   1 
ATOM   330  C CA  . LEU A 1 41  ? -2.371  -2.609  -8.939  1.00 16.65 ? 69  LEU A CA  1 
ATOM   331  C C   . LEU A 1 41  ? -1.168  -3.467  -9.224  1.00 16.46 ? 69  LEU A C   1 
ATOM   332  O O   . LEU A 1 41  ? -1.023  -4.528  -8.614  1.00 18.64 ? 69  LEU A O   1 
ATOM   333  C CB  . LEU A 1 41  ? -2.546  -2.388  -7.438  1.00 16.78 ? 69  LEU A CB  1 
ATOM   334  C CG  . LEU A 1 41  ? -1.322  -1.764  -6.752  1.00 18.64 ? 69  LEU A CG  1 
ATOM   335  C CD1 . LEU A 1 41  ? -0.854  -0.502  -7.379  1.00 17.92 ? 69  LEU A CD1 1 
ATOM   336  C CD2 . LEU A 1 41  ? -1.646  -1.526  -5.284  1.00 20.45 ? 69  LEU A CD2 1 
ATOM   337  N N   . ILE A 1 42  ? -0.359  -3.070  -10.198 1.00 16.76 ? 70  ILE A N   1 
ATOM   338  C CA  . ILE A 1 42  ? 0.718   -3.947  -10.677 1.00 18.89 ? 70  ILE A CA  1 
ATOM   339  C C   . ILE A 1 42  ? 2.140   -3.561  -10.257 1.00 26.09 ? 70  ILE A C   1 
ATOM   340  O O   . ILE A 1 42  ? 3.083   -4.302  -10.503 1.00 24.12 ? 70  ILE A O   1 
ATOM   341  C CB  . ILE A 1 42  ? 0.707   -4.045  -12.207 1.00 20.09 ? 70  ILE A CB  1 
ATOM   342  C CG1 . ILE A 1 42  ? 0.959   -2.687  -12.854 1.00 23.17 ? 70  ILE A CG1 1 
ATOM   343  C CG2 . ILE A 1 42  ? -0.603  -4.619  -12.698 1.00 22.87 ? 70  ILE A CG2 1 
ATOM   344  C CD1 . ILE A 1 42  ? 1.152   -2.784  -14.350 1.00 25.25 ? 70  ILE A CD1 1 
ATOM   345  N N   . GLY A 1 43  ? 2.312   -2.412  -9.631  1.00 21.35 ? 71  GLY A N   1 
ATOM   346  C CA  . GLY A 1 43  ? 3.647   -2.013  -9.236  1.00 25.72 ? 71  GLY A CA  1 
ATOM   347  C C   . GLY A 1 43  ? 3.616   -0.989  -8.140  1.00 23.51 ? 71  GLY A C   1 
ATOM   348  O O   . GLY A 1 43  ? 2.653   -0.211  -8.028  1.00 20.55 ? 71  GLY A O   1 
ATOM   349  N N   . VAL A 1 44  ? 4.674   -0.989  -7.325  1.00 18.49 ? 72  VAL A N   1 
ATOM   350  C CA  . VAL A 1 44  ? 4.873   0.053   -6.325  1.00 21.07 ? 72  VAL A CA  1 
ATOM   351  C C   . VAL A 1 44  ? 6.317   0.472   -6.449  1.00 25.38 ? 72  VAL A C   1 
ATOM   352  O O   . VAL A 1 44  ? 7.215   -0.307  -6.152  1.00 28.67 ? 72  VAL A O   1 
ATOM   353  C CB  . VAL A 1 44  ? 4.583   -0.429  -4.919  1.00 25.97 ? 72  VAL A CB  1 
ATOM   354  C CG1 . VAL A 1 44  ? 4.899   0.655   -3.912  1.00 23.42 ? 72  VAL A CG1 1 
ATOM   355  C CG2 . VAL A 1 44  ? 3.126   -0.893  -4.803  1.00 24.69 ? 72  VAL A CG2 1 
ATOM   356  N N   . LYS A 1 45  ? 6.547   1.694   -6.906  1.00 18.75 ? 73  LYS A N   1 
ATOM   357  C CA  . LYS A 1 45  ? 7.906   2.110   -7.215  1.00 17.91 ? 73  LYS A CA  1 
ATOM   358  C C   . LYS A 1 45  ? 8.430   2.982   -6.090  1.00 17.73 ? 73  LYS A C   1 
ATOM   359  O O   . LYS A 1 45  ? 7.805   3.941   -5.706  1.00 20.81 ? 73  LYS A O   1 
ATOM   360  C CB  . LYS A 1 45  ? 7.963   2.865   -8.543  1.00 21.57 ? 73  LYS A CB  1 
ATOM   361  C CG  . LYS A 1 45  ? 7.502   2.018   -9.736  1.00 26.34 ? 73  LYS A CG  1 
ATOM   362  C CD  . LYS A 1 45  ? 7.710   2.753   -11.053 1.00 33.28 ? 73  LYS A CD  1 
ATOM   363  C CE  . LYS A 1 45  ? 6.993   4.107   -11.079 1.00 36.29 ? 73  LYS A CE  1 
ATOM   364  N NZ  . LYS A 1 45  ? 7.095   4.765   -12.420 1.00 41.00 ? 73  LYS A NZ  1 
ATOM   365  N N   . SER A 1 46  ? 9.585   2.609   -5.554  1.00 18.14 ? 74  SER A N   1 
ATOM   366  C CA  . SER A 1 46  ? 10.197  3.403   -4.521  1.00 17.32 ? 74  SER A CA  1 
ATOM   367  C C   . SER A 1 46  ? 11.671  3.095   -4.432  1.00 22.88 ? 74  SER A C   1 
ATOM   368  O O   . SER A 1 46  ? 12.080  1.953   -4.629  1.00 24.14 ? 74  SER A O   1 
ATOM   369  C CB  . SER A 1 46  ? 9.566   3.117   -3.169  1.00 25.35 ? 74  SER A CB  1 
ATOM   370  O OG  . SER A 1 46  ? 10.224  3.871   -2.163  1.00 29.79 ? 74  SER A OG  1 
ATOM   371  N N   . ALA A 1 47  ? 12.454  4.119   -4.096  1.00 27.05 ? 75  ALA A N   1 
ATOM   372  C CA  . ALA A 1 47  ? 13.875  3.927   -3.885  1.00 35.55 ? 75  ALA A CA  1 
ATOM   373  C C   . ALA A 1 47  ? 14.124  3.472   -2.445  1.00 33.67 ? 75  ALA A C   1 
ATOM   374  O O   . ALA A 1 47  ? 15.259  3.180   -2.076  1.00 45.57 ? 75  ALA A O   1 
ATOM   375  C CB  . ALA A 1 47  ? 14.639  5.217   -4.188  1.00 39.04 ? 75  ALA A CB  1 
ATOM   376  N N   . ASP A 1 48  ? 13.063  3.421   -1.640  1.00 25.49 ? 76  ASP A N   1 
ATOM   377  C CA  . ASP A 1 48  ? 13.185  3.090   -0.223  1.00 26.41 ? 76  ASP A CA  1 
ATOM   378  C C   . ASP A 1 48  ? 13.256  1.589   0.005   1.00 24.92 ? 76  ASP A C   1 
ATOM   379  O O   . ASP A 1 48  ? 13.784  1.162   1.020   1.00 21.76 ? 76  ASP A O   1 
ATOM   380  C CB  . ASP A 1 48  ? 12.008  3.652   0.602   1.00 28.92 ? 76  ASP A CB  1 
ATOM   381  C CG  . ASP A 1 48  ? 12.020  5.175   0.712   1.00 40.41 ? 76  ASP A CG  1 
ATOM   382  O OD1 . ASP A 1 48  ? 13.017  5.802   0.314   1.00 33.70 ? 76  ASP A OD1 1 
ATOM   383  O OD2 . ASP A 1 48  ? 11.026  5.742   1.219   1.00 33.75 ? 76  ASP A OD2 1 
ATOM   384  N N   . PHE A 1 49  ? 12.714  0.795   -0.916  1.00 20.97 ? 77  PHE A N   1 
ATOM   385  C CA  . PHE A 1 49  ? 12.608  -0.651  -0.681  1.00 18.29 ? 77  PHE A CA  1 
ATOM   386  C C   . PHE A 1 49  ? 12.594  -1.418  -1.984  1.00 18.95 ? 77  PHE A C   1 
ATOM   387  O O   . PHE A 1 49  ? 12.336  -0.879  -3.068  1.00 20.31 ? 77  PHE A O   1 
ATOM   388  C CB  . PHE A 1 49  ? 11.352  -0.982  0.166   1.00 18.98 ? 77  PHE A CB  1 
ATOM   389  C CG  . PHE A 1 49  ? 10.088  -0.332  -0.321  1.00 20.51 ? 77  PHE A CG  1 
ATOM   390  C CD1 . PHE A 1 49  ? 9.309   -0.915  -1.303  1.00 21.21 ? 77  PHE A CD1 1 
ATOM   391  C CD2 . PHE A 1 49  ? 9.667   0.880   0.230   1.00 23.24 ? 77  PHE A CD2 1 
ATOM   392  C CE1 . PHE A 1 49  ? 8.131   -0.303  -1.762  1.00 22.63 ? 77  PHE A CE1 1 
ATOM   393  C CE2 . PHE A 1 49  ? 8.484   1.492   -0.219  1.00 26.05 ? 77  PHE A CE2 1 
ATOM   394  C CZ  . PHE A 1 49  ? 7.735   0.889   -1.234  1.00 22.11 ? 77  PHE A CZ  1 
ATOM   395  N N   . ARG A 1 50  ? 12.923  -2.700  -1.906  1.00 15.94 ? 78  ARG A N   1 
ATOM   396  C CA  . ARG A 1 50  ? 13.051  -3.498  -3.117  1.00 17.69 ? 78  ARG A CA  1 
ATOM   397  C C   . ARG A 1 50  ? 11.717  -3.880  -3.721  1.00 23.92 ? 78  ARG A C   1 
ATOM   398  O O   . ARG A 1 50  ? 11.520  -3.814  -4.933  1.00 21.53 ? 78  ARG A O   1 
ATOM   399  C CB  . ARG A 1 50  ? 13.846  -4.782  -2.816  1.00 18.73 ? 78  ARG A CB  1 
ATOM   400  C CG  . ARG A 1 50  ? 14.206  -5.585  -4.095  1.00 24.39 ? 78  ARG A CG  1 
ATOM   401  C CD  . ARG A 1 50  ? 14.479  -7.093  -3.832  1.00 25.34 ? 78  ARG A CD  1 
ATOM   402  N NE  . ARG A 1 50  ? 15.544  -7.341  -2.862  1.00 32.52 ? 78  ARG A NE  1 
ATOM   403  C CZ  . ARG A 1 50  ? 16.845  -7.432  -3.161  1.00 37.84 ? 78  ARG A CZ  1 
ATOM   404  N NH1 . ARG A 1 50  ? 17.270  -7.307  -4.413  1.00 24.82 ? 78  ARG A NH1 1 
ATOM   405  N NH2 . ARG A 1 50  ? 17.734  -7.652  -2.202  1.00 33.15 ? 78  ARG A NH2 1 
ATOM   406  N N   . SER A 1 51  ? 10.798  -4.356  -2.897  1.00 20.36 ? 79  SER A N   1 
ATOM   407  C CA  . SER A 1 51  ? 9.595   -4.910  -3.473  1.00 22.45 ? 79  SER A CA  1 
ATOM   408  C C   . SER A 1 51  ? 8.484   -4.911  -2.467  1.00 19.67 ? 79  SER A C   1 
ATOM   409  O O   . SER A 1 51  ? 8.686   -4.512  -1.318  1.00 18.82 ? 79  SER A O   1 
ATOM   410  C CB  . SER A 1 51  ? 9.842   -6.330  -3.982  1.00 34.05 ? 79  SER A CB  1 
ATOM   411  O OG  . SER A 1 51  ? 10.299  -7.150  -2.930  1.00 36.57 ? 79  SER A OG  1 
ATOM   412  N N   . VAL A 1 52  ? 7.310   -5.308  -2.938  1.00 18.42 ? 80  VAL A N   1 
ATOM   413  C CA  . VAL A 1 52  ? 6.152   -5.427  -2.065  1.00 17.12 ? 80  VAL A CA  1 
ATOM   414  C C   . VAL A 1 52  ? 5.480   -6.768  -2.238  1.00 21.47 ? 80  VAL A C   1 
ATOM   415  O O   . VAL A 1 52  ? 5.581   -7.435  -3.293  1.00 22.20 ? 80  VAL A O   1 
ATOM   416  C CB  . VAL A 1 52  ? 5.108   -4.324  -2.318  1.00 17.71 ? 80  VAL A CB  1 
ATOM   417  C CG1 . VAL A 1 52  ? 5.732   -2.924  -2.161  1.00 18.24 ? 80  VAL A CG1 1 
ATOM   418  C CG2 . VAL A 1 52  ? 4.476   -4.493  -3.682  1.00 23.11 ? 80  VAL A CG2 1 
ATOM   419  N N   . GLN A 1 53  ? 4.831   -7.177  -1.158  1.00 17.49 ? 81  GLN A N   1 
ATOM   420  C CA  . GLN A 1 53  ? 4.014   -8.376  -1.128  1.00 18.81 ? 81  GLN A CA  1 
ATOM   421  C C   . GLN A 1 53  ? 2.659   -8.031  -0.549  1.00 18.67 ? 81  GLN A C   1 
ATOM   422  O O   . GLN A 1 53  ? 2.531   -7.560  0.598   1.00 20.81 ? 81  GLN A O   1 
ATOM   423  C CB  . GLN A 1 53  ? 4.675   -9.493  -0.288  1.00 19.09 ? 81  GLN A CB  1 
ATOM   424  C CG  . GLN A 1 53  ? 6.075   -9.838  -0.778  1.00 25.89 ? 81  GLN A CG  1 
ATOM   425  C CD  . GLN A 1 53  ? 6.857   -10.759 0.163   1.00 39.02 ? 81  GLN A CD  1 
ATOM   426  O OE1 . GLN A 1 53  ? 6.422   -11.060 1.277   1.00 39.14 ? 81  GLN A OE1 1 
ATOM   427  N NE2 . GLN A 1 53  ? 8.039   -11.182 -0.279  1.00 34.96 ? 81  GLN A NE2 1 
ATOM   428  N N   . PHE A 1 54  ? 1.642   -8.249  -1.359  1.00 15.74 ? 82  PHE A N   1 
ATOM   429  C CA  . PHE A 1 54  ? 0.288   -7.973  -0.930  1.00 14.39 ? 82  PHE A CA  1 
ATOM   430  C C   . PHE A 1 54  ? -0.295  -9.182  -0.238  1.00 17.49 ? 82  PHE A C   1 
ATOM   431  O O   . PHE A 1 54  ? -0.153  -10.320 -0.693  1.00 17.46 ? 82  PHE A O   1 
ATOM   432  C CB  . PHE A 1 54  ? -0.578  -7.575  -2.106  1.00 14.97 ? 82  PHE A CB  1 
ATOM   433  C CG  . PHE A 1 54  ? -0.094  -6.345  -2.837  1.00 15.45 ? 82  PHE A CG  1 
ATOM   434  C CD1 . PHE A 1 54  ? -0.336  -5.092  -2.322  1.00 19.08 ? 82  PHE A CD1 1 
ATOM   435  C CD2 . PHE A 1 54  ? 0.581   -6.446  -4.043  1.00 18.33 ? 82  PHE A CD2 1 
ATOM   436  C CE1 . PHE A 1 54  ? 0.098   -3.953  -3.006  1.00 16.26 ? 82  PHE A CE1 1 
ATOM   437  C CE2 . PHE A 1 54  ? 0.992   -5.311  -4.743  1.00 22.81 ? 82  PHE A CE2 1 
ATOM   438  C CZ  . PHE A 1 54  ? 0.753   -4.062  -4.205  1.00 20.80 ? 82  PHE A CZ  1 
ATOM   439  N N   . HIS A 1 55  ? -0.918  -8.931  0.903   1.00 14.78 ? 83  HIS A N   1 
ATOM   440  C CA  . HIS A 1 55  ? -1.662  -9.958  1.620   1.00 16.01 ? 83  HIS A CA  1 
ATOM   441  C C   . HIS A 1 55  ? -3.115  -9.543  1.678   1.00 21.31 ? 83  HIS A C   1 
ATOM   442  O O   . HIS A 1 55  ? -3.468  -8.630  2.399   1.00 22.40 ? 83  HIS A O   1 
ATOM   443  C CB  . HIS A 1 55  ? -1.100  -10.134 3.022   1.00 16.04 ? 83  HIS A CB  1 
ATOM   444  C CG  . HIS A 1 55  ? 0.300   -10.647 3.048   1.00 16.56 ? 83  HIS A CG  1 
ATOM   445  N ND1 . HIS A 1 55  ? 0.592   -11.961 3.341   1.00 22.18 ? 83  HIS A ND1 1 
ATOM   446  C CD2 . HIS A 1 55  ? 1.484   -10.040 2.819   1.00 20.01 ? 83  HIS A CD2 1 
ATOM   447  C CE1 . HIS A 1 55  ? 1.900   -12.138 3.307   1.00 27.04 ? 83  HIS A CE1 1 
ATOM   448  N NE2 . HIS A 1 55  ? 2.465   -10.992 2.992   1.00 23.03 ? 83  HIS A NE2 1 
ATOM   449  N N   . ILE A 1 56  ? -3.962  -10.201 0.899   1.00 20.67 ? 84  ILE A N   1 
ATOM   450  C CA  . ILE A 1 56  ? -5.338  -9.745  0.799   1.00 20.33 ? 84  ILE A CA  1 
ATOM   451  C C   . ILE A 1 56  ? -6.276  -10.915 1.002   1.00 26.38 ? 84  ILE A C   1 
ATOM   452  O O   . ILE A 1 56  ? -5.884  -12.070 0.853   1.00 24.38 ? 84  ILE A O   1 
ATOM   453  C CB  . ILE A 1 56  ? -5.627  -9.054  -0.562  1.00 28.58 ? 84  ILE A CB  1 
ATOM   454  C CG1 . ILE A 1 56  ? -5.486  -10.048 -1.709  1.00 36.34 ? 84  ILE A CG1 1 
ATOM   455  C CG2 . ILE A 1 56  ? -4.702  -7.827  -0.768  1.00 31.39 ? 84  ILE A CG2 1 
ATOM   456  C CD1 . ILE A 1 56  ? -6.004  -9.505  -3.034  1.00 42.42 ? 84  ILE A CD1 1 
ATOM   457  N N   . ALA A 1 57  ? -7.504  -10.617 1.389   1.00 27.51 ? 85  ALA A N   1 
ATOM   458  C CA  . ALA A 1 57  ? -8.497  -11.654 1.650   1.00 30.13 ? 85  ALA A CA  1 
ATOM   459  C C   . ALA A 1 57  ? -9.063  -12.205 0.352   1.00 36.46 ? 85  ALA A C   1 
ATOM   460  O O   . ALA A 1 57  ? -9.100  -11.513 -0.669  1.00 38.39 ? 85  ALA A O   1 
ATOM   461  C CB  . ALA A 1 57  ? -9.613  -11.092 2.531   1.00 30.36 ? 85  ALA A CB  1 
ATOM   462  N N   . PRO A 1 58  ? -9.485  -13.476 0.366   1.00 28.49 ? 86  PRO A N   1 
ATOM   463  C CA  . PRO A 1 58  ? -9.294  -14.396 1.487   1.00 27.67 ? 86  PRO A CA  1 
ATOM   464  C C   . PRO A 1 58  ? -7.889  -15.007 1.470   1.00 33.03 ? 86  PRO A C   1 
ATOM   465  O O   . PRO A 1 58  ? -7.177  -14.857 0.470   1.00 43.55 ? 86  PRO A O   1 
ATOM   466  C CB  . PRO A 1 58  ? -10.362 -15.457 1.234   1.00 30.88 ? 86  PRO A CB  1 
ATOM   467  C CG  . PRO A 1 58  ? -10.466 -15.503 -0.262  1.00 30.30 ? 86  PRO A CG  1 
ATOM   468  C CD  . PRO A 1 58  ? -10.232 -14.095 -0.745  1.00 40.60 ? 86  PRO A CD  1 
ATOM   469  N N   . HIS A 1 59  ? -7.525  -15.663 2.570   1.00 24.77 ? 87  HIS A N   1 
ATOM   470  C CA  . HIS A 1 59  ? -6.234  -16.325 2.765   1.00 23.18 ? 87  HIS A CA  1 
ATOM   471  C C   . HIS A 1 59  ? -5.106  -15.324 2.874   1.00 24.17 ? 87  HIS A C   1 
ATOM   472  O O   . HIS A 1 59  ? -4.313  -15.123 1.955   1.00 27.14 ? 87  HIS A O   1 
ATOM   473  C CB  . HIS A 1 59  ? -5.994  -17.360 1.664   1.00 22.24 ? 87  HIS A CB  1 
ATOM   474  C CG  . HIS A 1 59  ? -7.033  -18.422 1.673   1.00 24.57 ? 87  HIS A CG  1 
ATOM   475  N ND1 . HIS A 1 59  ? -7.988  -18.553 0.695   1.00 27.46 ? 87  HIS A ND1 1 
ATOM   476  C CD2 . HIS A 1 59  ? -7.328  -19.338 2.626   1.00 21.50 ? 87  HIS A CD2 1 
ATOM   477  C CE1 . HIS A 1 59  ? -8.817  -19.533 1.024   1.00 24.90 ? 87  HIS A CE1 1 
ATOM   478  N NE2 . HIS A 1 59  ? -8.431  -20.030 2.182   1.00 31.38 ? 87  HIS A NE2 1 
ATOM   479  N N   . LEU A 1 60  ? -5.033  -14.737 4.055   1.00 24.62 ? 88  LEU A N   1 
ATOM   480  C CA  . LEU A 1 60  ? -4.125  -13.633 4.324   1.00 23.96 ? 88  LEU A CA  1 
ATOM   481  C C   . LEU A 1 60  ? -2.671  -14.059 4.435   1.00 22.57 ? 88  LEU A C   1 
ATOM   482  O O   . LEU A 1 60  ? -1.759  -13.218 4.341   1.00 25.83 ? 88  LEU A O   1 
ATOM   483  C CB  . LEU A 1 60  ? -4.556  -12.893 5.600   1.00 24.65 ? 88  LEU A CB  1 
ATOM   484  C CG  . LEU A 1 60  ? -5.766  -11.973 5.454   1.00 33.26 ? 88  LEU A CG  1 
ATOM   485  C CD1 . LEU A 1 60  ? -6.174  -11.454 6.836   1.00 30.71 ? 88  LEU A CD1 1 
ATOM   486  C CD2 . LEU A 1 60  ? -5.419  -10.807 4.492   1.00 20.11 ? 88  LEU A CD2 1 
ATOM   487  N N   . VAL A 1 61  ? -2.416  -15.362 4.597   1.00 21.63 ? 89  VAL A N   1 
ATOM   488  C CA  . VAL A 1 61  ? -1.039  -15.802 4.718   1.00 19.20 ? 89  VAL A CA  1 
ATOM   489  C C   . VAL A 1 61  ? -0.422  -15.971 3.322   1.00 17.14 ? 89  VAL A C   1 
ATOM   490  O O   . VAL A 1 61  ? 0.789   -15.969 3.171   1.00 22.16 ? 89  VAL A O   1 
ATOM   491  C CB  . VAL A 1 61  ? -0.902  -17.149 5.498   1.00 31.09 ? 89  VAL A CB  1 
ATOM   492  C CG1 . VAL A 1 61  ? -1.356  -18.289 4.683   1.00 38.26 ? 89  VAL A CG1 1 
ATOM   493  C CG2 . VAL A 1 61  ? 0.527   -17.389 5.868   1.00 39.96 ? 89  VAL A CG2 1 
ATOM   494  N N   . ALA A 1 62  ? -1.281  -16.103 2.321   1.00 18.29 ? 90  ALA A N   1 
ATOM   495  C CA  . ALA A 1 62  ? -0.819  -16.151 0.953   1.00 16.56 ? 90  ALA A CA  1 
ATOM   496  C C   . ALA A 1 62  ? -0.462  -14.733 0.511   1.00 19.18 ? 90  ALA A C   1 
ATOM   497  O O   . ALA A 1 62  ? -1.039  -13.756 0.997   1.00 23.96 ? 90  ALA A O   1 
ATOM   498  C CB  . ALA A 1 62  ? -1.894  -16.753 0.012   1.00 18.63 ? 90  ALA A CB  1 
ATOM   499  N N   . ARG A 1 63  ? 0.505   -14.618 -0.382  1.00 14.52 ? 91  ARG A N   1 
ATOM   500  C CA  . ARG A 1 63  ? 0.895   -13.289 -0.833  1.00 16.25 ? 91  ARG A CA  1 
ATOM   501  C C   . ARG A 1 63  ? 0.762   -13.186 -2.346  1.00 17.91 ? 91  ARG A C   1 
ATOM   502  O O   . ARG A 1 63  ? 0.613   -14.186 -3.054  1.00 22.93 ? 91  ARG A O   1 
ATOM   503  C CB  . ARG A 1 63  ? 2.321   -12.959 -0.392  1.00 22.95 ? 91  ARG A CB  1 
ATOM   504  C CG  . ARG A 1 63  ? 3.364   -13.898 -0.897  1.00 27.57 ? 91  ARG A CG  1 
ATOM   505  C CD  . ARG A 1 63  ? 4.368   -14.196 0.215   1.00 42.70 ? 91  ARG A CD  1 
ATOM   506  N NE  . ARG A 1 63  ? 5.507   -14.954 -0.280  1.00 43.88 ? 91  ARG A NE  1 
ATOM   507  C CZ  . ARG A 1 63  ? 5.672   -16.267 -0.146  1.00 42.16 ? 91  ARG A CZ  1 
ATOM   508  N NH1 . ARG A 1 63  ? 4.779   -17.012 0.504   1.00 32.90 ? 91  ARG A NH1 1 
ATOM   509  N NH2 . ARG A 1 63  ? 6.753   -16.836 -0.670  1.00 52.08 ? 91  ARG A NH2 1 
ATOM   510  N N   . GLU A 1 64  ? 0.804   -11.956 -2.839  1.00 14.96 ? 92  GLU A N   1 
ATOM   511  C CA  . GLU A 1 64  ? 0.825   -11.783 -4.284  1.00 13.98 ? 92  GLU A CA  1 
ATOM   512  C C   . GLU A 1 64  ? 1.547   -10.490 -4.625  1.00 17.95 ? 92  GLU A C   1 
ATOM   513  O O   . GLU A 1 64  ? 1.771   -9.648  -3.753  1.00 19.81 ? 92  GLU A O   1 
ATOM   514  C CB  . GLU A 1 64  ? -0.591  -11.788 -4.833  1.00 15.82 ? 92  GLU A CB  1 
ATOM   515  C CG  . GLU A 1 64  ? -1.555  -10.857 -4.096  1.00 19.64 ? 92  GLU A CG  1 
ATOM   516  C CD  . GLU A 1 64  ? -3.000  -11.272 -4.339  1.00 28.94 ? 92  GLU A CD  1 
ATOM   517  O OE1 . GLU A 1 64  ? -3.578  -10.806 -5.338  1.00 33.19 ? 92  GLU A OE1 1 
ATOM   518  O OE2 . GLU A 1 64  ? -3.540  -12.094 -3.569  1.00 27.91 ? 92  GLU A OE2 1 
ATOM   519  N N   . ASP A 1 65  ? 1.982   -10.347 -5.873  1.00 14.08 ? 93  ASP A N   1 
ATOM   520  C CA  . ASP A 1 65  ? 2.761   -9.140  -6.186  1.00 15.68 ? 93  ASP A CA  1 
ATOM   521  C C   . ASP A 1 65  ? 2.005   -8.102  -6.993  1.00 17.85 ? 93  ASP A C   1 
ATOM   522  O O   . ASP A 1 65  ? 2.597   -7.134  -7.495  1.00 20.00 ? 93  ASP A O   1 
ATOM   523  C CB  . ASP A 1 65  ? 4.066   -9.547  -6.901  1.00 18.78 ? 93  ASP A CB  1 
ATOM   524  C CG  . ASP A 1 65  ? 3.859   -9.965  -8.321  1.00 20.69 ? 93  ASP A CG  1 
ATOM   525  O OD1 . ASP A 1 65  ? 2.715   -10.152 -8.771  1.00 23.92 ? 93  ASP A OD1 1 
ATOM   526  O OD2 . ASP A 1 65  ? 4.900   -10.114 -9.001  1.00 26.41 ? 93  ASP A OD2 1 
ATOM   527  N N   . ALA A 1 66  ? 0.698   -8.300  -7.080  1.00 16.21 ? 94  ALA A N   1 
ATOM   528  C CA  . ALA A 1 66  ? -0.226  -7.364  -7.703  1.00 17.47 ? 94  ALA A CA  1 
ATOM   529  C C   . ALA A 1 66  ? -1.560  -7.551  -6.994  1.00 23.09 ? 94  ALA A C   1 
ATOM   530  O O   . ALA A 1 66  ? -1.745  -8.527  -6.272  1.00 24.96 ? 94  ALA A O   1 
ATOM   531  C CB  . ALA A 1 66  ? -0.351  -7.611  -9.192  1.00 18.20 ? 94  ALA A CB  1 
ATOM   532  N N   . ILE A 1 67  ? -2.474  -6.606  -7.152  1.00 17.42 ? 95  ILE A N   1 
ATOM   533  C CA  . ILE A 1 67  ? -3.813  -6.821  -6.642  1.00 18.63 ? 95  ILE A CA  1 
ATOM   534  C C   . ILE A 1 67  ? -4.784  -6.687  -7.796  1.00 18.69 ? 95  ILE A C   1 
ATOM   535  O O   . ILE A 1 67  ? -4.820  -5.636  -8.416  1.00 16.76 ? 95  ILE A O   1 
ATOM   536  C CB  . ILE A 1 67  ? -4.216  -5.791  -5.568  1.00 21.67 ? 95  ILE A CB  1 
ATOM   537  C CG1 . ILE A 1 67  ? -3.234  -5.750  -4.399  1.00 27.54 ? 95  ILE A CG1 1 
ATOM   538  C CG2 . ILE A 1 67  ? -5.634  -6.088  -5.063  1.00 22.14 ? 95  ILE A CG2 1 
ATOM   539  C CD1 . ILE A 1 67  ? -3.595  -4.656  -3.366  1.00 23.85 ? 95  ILE A CD1 1 
ATOM   540  N N   . TYR A 1 68  ? -5.548  -7.737  -8.101  1.00 17.70 ? 96  TYR A N   1 
ATOM   541  C CA  . TYR A 1 68  ? -6.654  -7.563  -9.030  1.00 17.39 ? 96  TYR A CA  1 
ATOM   542  C C   . TYR A 1 68  ? -7.817  -6.906  -8.290  1.00 16.02 ? 96  TYR A C   1 
ATOM   543  O O   . TYR A 1 68  ? -8.243  -7.354  -7.226  1.00 17.18 ? 96  TYR A O   1 
ATOM   544  C CB  . TYR A 1 68  ? -7.079  -8.921  -9.616  1.00 18.72 ? 96  TYR A CB  1 
ATOM   545  C CG  . TYR A 1 68  ? -8.319  -8.897  -10.487 1.00 15.90 ? 96  TYR A CG  1 
ATOM   546  C CD1 . TYR A 1 68  ? -8.255  -8.512  -11.830 1.00 17.53 ? 96  TYR A CD1 1 
ATOM   547  C CD2 . TYR A 1 68  ? -9.545  -9.296  -9.980  1.00 20.62 ? 96  TYR A CD2 1 
ATOM   548  C CE1 . TYR A 1 68  ? -9.386  -8.535  -12.635 1.00 16.98 ? 96  TYR A CE1 1 
ATOM   549  C CE2 . TYR A 1 68  ? -10.672 -9.326  -10.774 1.00 18.92 ? 96  TYR A CE2 1 
ATOM   550  C CZ  . TYR A 1 68  ? -10.590 -8.933  -12.095 1.00 18.72 ? 96  TYR A CZ  1 
ATOM   551  O OH  . TYR A 1 68  ? -11.735 -8.980  -12.855 1.00 23.40 ? 96  TYR A OH  1 
ATOM   552  N N   . LEU A 1 69  ? -8.309  -5.823  -8.866  1.00 18.48 ? 97  LEU A N   1 
ATOM   553  C CA  . LEU A 1 69  ? -9.435  -5.085  -8.338  1.00 17.92 ? 97  LEU A CA  1 
ATOM   554  C C   . LEU A 1 69  ? -10.667 -5.228  -9.204  1.00 17.75 ? 97  LEU A C   1 
ATOM   555  O O   . LEU A 1 69  ? -10.716 -4.621  -10.265 1.00 19.22 ? 97  LEU A O   1 
ATOM   556  C CB  . LEU A 1 69  ? -9.067  -3.606  -8.286  1.00 16.60 ? 97  LEU A CB  1 
ATOM   557  C CG  . LEU A 1 69  ? -7.802  -3.359  -7.476  1.00 21.43 ? 97  LEU A CG  1 
ATOM   558  C CD1 . LEU A 1 69  ? -7.177  -2.030  -7.887  1.00 23.89 ? 97  LEU A CD1 1 
ATOM   559  C CD2 . LEU A 1 69  ? -8.231  -3.337  -6.019  1.00 23.34 ? 97  LEU A CD2 1 
ATOM   560  N N   . PRO A 1 70  ? -11.660 -6.010  -8.771  1.00 16.83 ? 98  PRO A N   1 
ATOM   561  C CA  . PRO A 1 70  ? -12.923 -6.145  -9.505  1.00 16.04 ? 98  PRO A CA  1 
ATOM   562  C C   . PRO A 1 70  ? -13.581 -4.784  -9.691  1.00 17.14 ? 98  PRO A C   1 
ATOM   563  O O   . PRO A 1 70  ? -13.265 -3.856  -8.935  1.00 18.15 ? 98  PRO A O   1 
ATOM   564  C CB  . PRO A 1 70  ? -13.778 -7.028  -8.595  1.00 22.48 ? 98  PRO A CB  1 
ATOM   565  C CG  . PRO A 1 70  ? -12.807 -7.790  -7.792  1.00 18.57 ? 98  PRO A CG  1 
ATOM   566  C CD  . PRO A 1 70  ? -11.578 -6.936  -7.625  1.00 19.87 ? 98  PRO A CD  1 
ATOM   567  N N   . PRO A 1 71  ? -14.500 -4.685  -10.646 1.00 19.80 ? 99  PRO A N   1 
ATOM   568  C CA  . PRO A 1 71  ? -15.298 -3.459  -10.762 1.00 16.11 ? 99  PRO A CA  1 
ATOM   569  C C   . PRO A 1 71  ? -16.000 -3.162  -9.436  1.00 16.31 ? 99  PRO A C   1 
ATOM   570  O O   . PRO A 1 71  ? -16.394 -4.084  -8.722  1.00 19.07 ? 99  PRO A O   1 
ATOM   571  C CB  . PRO A 1 71  ? -16.324 -3.797  -11.844 1.00 21.96 ? 99  PRO A CB  1 
ATOM   572  C CG  . PRO A 1 71  ? -15.803 -5.019  -12.529 1.00 32.23 ? 99  PRO A CG  1 
ATOM   573  C CD  . PRO A 1 71  ? -14.950 -5.755  -11.553 1.00 21.53 ? 99  PRO A CD  1 
ATOM   574  N N   . LEU A 1 72  ? -16.146 -1.874  -9.120  1.00 16.18 ? 100 LEU A N   1 
ATOM   575  C CA  . LEU A 1 72  ? -16.955 -1.430  -7.980  1.00 16.66 ? 100 LEU A CA  1 
ATOM   576  C C   . LEU A 1 72  ? -16.585 -2.157  -6.705  1.00 23.25 ? 100 LEU A C   1 
ATOM   577  O O   . LEU A 1 72  ? -17.453 -2.720  -6.025  1.00 21.97 ? 100 LEU A O   1 
ATOM   578  C CB  . LEU A 1 72  ? -18.435 -1.624  -8.270  1.00 18.76 ? 100 LEU A CB  1 
ATOM   579  C CG  . LEU A 1 72  ? -18.923 -1.009  -9.582  1.00 21.44 ? 100 LEU A CG  1 
ATOM   580  C CD1 . LEU A 1 72  ? -20.419 -1.231  -9.704  1.00 27.17 ? 100 LEU A CD1 1 
ATOM   581  C CD2 . LEU A 1 72  ? -18.622 0.469   -9.569  1.00 21.86 ? 100 LEU A CD2 1 
ATOM   582  N N   . SER A 1 73  ? -15.290 -2.172  -6.406  1.00 18.81 ? 101 SER A N   1 
ATOM   583  C CA  . SER A 1 73  ? -14.772 -2.905  -5.253  1.00 18.46 ? 101 SER A CA  1 
ATOM   584  C C   . SER A 1 73  ? -13.784 -2.083  -4.483  1.00 21.67 ? 101 SER A C   1 
ATOM   585  O O   . SER A 1 73  ? -13.347 -0.990  -4.906  1.00 19.13 ? 101 SER A O   1 
ATOM   586  C CB  . SER A 1 73  ? -14.084 -4.228  -5.678  1.00 20.40 ? 101 SER A CB  1 
ATOM   587  O OG  . SER A 1 73  ? -12.843 -3.958  -6.301  1.00 25.89 ? 101 SER A OG  1 
ATOM   588  N N   . ARG A 1 74  ? -13.448 -2.596  -3.306  1.00 16.59 ? 102 ARG A N   1 
ATOM   589  C CA  . ARG A 1 74  ? -12.430 -1.957  -2.497  1.00 17.98 ? 102 ARG A CA  1 
ATOM   590  C C   . ARG A 1 74  ? -11.613 -3.001  -1.756  1.00 18.99 ? 102 ARG A C   1 
ATOM   591  O O   . ARG A 1 74  ? -12.056 -4.144  -1.524  1.00 18.29 ? 102 ARG A O   1 
ATOM   592  C CB  . ARG A 1 74  ? -13.063 -0.987  -1.517  1.00 18.23 ? 102 ARG A CB  1 
ATOM   593  C CG  . ARG A 1 74  ? -13.880 -1.686  -0.451  1.00 19.64 ? 102 ARG A CG  1 
ATOM   594  C CD  . ARG A 1 74  ? -14.321 -0.685  0.610   1.00 23.92 ? 102 ARG A CD  1 
ATOM   595  N NE  . ARG A 1 74  ? -14.967 0.455   -0.033  1.00 30.07 ? 102 ARG A NE  1 
ATOM   596  C CZ  . ARG A 1 74  ? -15.145 1.652   0.527   1.00 29.09 ? 102 ARG A CZ  1 
ATOM   597  N NH1 . ARG A 1 74  ? -14.694 1.883   1.761   1.00 33.76 ? 102 ARG A NH1 1 
ATOM   598  N NH2 . ARG A 1 74  ? -15.735 2.617   -0.165  1.00 23.99 ? 102 ARG A NH2 1 
ATOM   599  N N   . VAL A 1 75  ? -10.397 -2.615  -1.428  1.00 14.72 ? 103 VAL A N   1 
ATOM   600  C CA  . VAL A 1 75  ? -9.553  -3.365  -0.514  1.00 16.01 ? 103 VAL A CA  1 
ATOM   601  C C   . VAL A 1 75  ? -9.343  -2.511  0.718   1.00 17.35 ? 103 VAL A C   1 
ATOM   602  O O   . VAL A 1 75  ? -8.806  -1.403  0.619   1.00 17.73 ? 103 VAL A O   1 
ATOM   603  C CB  . VAL A 1 75  ? -8.212  -3.732  -1.145  1.00 18.44 ? 103 VAL A CB  1 
ATOM   604  C CG1 . VAL A 1 75  ? -7.312  -4.428  -0.125  1.00 21.32 ? 103 VAL A CG1 1 
ATOM   605  C CG2 . VAL A 1 75  ? -8.443  -4.621  -2.376  1.00 26.14 ? 103 VAL A CG2 1 
ATOM   606  N N   . THR A 1 76  ? -9.791  -3.006  1.881   1.00 15.26 ? 104 THR A N   1 
ATOM   607  C CA  . THR A 1 76  ? -9.587  -2.286  3.147   1.00 15.22 ? 104 THR A CA  1 
ATOM   608  C C   . THR A 1 76  ? -8.396  -2.954  3.856   1.00 16.94 ? 104 THR A C   1 
ATOM   609  O O   . THR A 1 76  ? -8.273  -4.166  3.860   1.00 21.32 ? 104 THR A O   1 
ATOM   610  C CB  . THR A 1 76  ? -10.837 -2.301  4.039   1.00 25.16 ? 104 THR A CB  1 
ATOM   611  O OG1 . THR A 1 76  ? -11.954 -1.760  3.305   1.00 28.98 ? 104 THR A OG1 1 
ATOM   612  C CG2 . THR A 1 76  ? -10.612 -1.430  5.252   1.00 42.66 ? 104 THR A CG2 1 
ATOM   613  N N   . MET A 1 77  ? -7.493  -2.157  4.411   1.00 17.45 ? 105 MET A N   1 
ATOM   614  C CA  . MET A 1 77  ? -6.291  -2.703  5.028   1.00 14.95 ? 105 MET A CA  1 
ATOM   615  C C   . MET A 1 77  ? -6.138  -2.176  6.444   1.00 18.42 ? 105 MET A C   1 
ATOM   616  O O   . MET A 1 77  ? -6.413  -0.986  6.694   1.00 20.20 ? 105 MET A O   1 
ATOM   617  C CB  . MET A 1 77  ? -5.059  -2.322  4.232   1.00 16.93 ? 105 MET A CB  1 
ATOM   618  C CG  . MET A 1 77  ? -5.033  -2.873  2.812   1.00 16.66 ? 105 MET A CG  1 
ATOM   619  S SD  . MET A 1 77  ? -3.439  -2.548  2.086   1.00 16.95 ? 105 MET A SD  1 
ATOM   620  C CE  . MET A 1 77  ? -3.830  -2.668  0.345   1.00 19.00 ? 105 MET A CE  1 
ATOM   621  N N   . ALA A 1 78  ? -5.635  -3.028  7.336   1.00 17.17 ? 106 ALA A N   1 
ATOM   622  C CA  . ALA A 1 78  ? -5.363  -2.634  8.715   1.00 17.65 ? 106 ALA A CA  1 
ATOM   623  C C   . ALA A 1 78  ? -4.513  -3.714  9.343   1.00 18.37 ? 106 ALA A C   1 
ATOM   624  O O   . ALA A 1 78  ? -4.472  -4.848  8.836   1.00 20.07 ? 106 ALA A O   1 
ATOM   625  C CB  . ALA A 1 78  ? -6.666  -2.434  9.494   1.00 24.56 ? 106 ALA A CB  1 
ATOM   626  N N   . PRO A 1 79  ? -3.805  -3.374  10.422  1.00 18.73 ? 107 PRO A N   1 
ATOM   627  C CA  . PRO A 1 79  ? -3.046  -4.442  11.093  1.00 21.45 ? 107 PRO A CA  1 
ATOM   628  C C   . PRO A 1 79  ? -3.924  -5.653  11.470  1.00 22.63 ? 107 PRO A C   1 
ATOM   629  O O   . PRO A 1 79  ? -5.026  -5.499  11.998  1.00 25.93 ? 107 PRO A O   1 
ATOM   630  C CB  . PRO A 1 79  ? -2.512  -3.752  12.363  1.00 22.90 ? 107 PRO A CB  1 
ATOM   631  C CG  . PRO A 1 79  ? -2.428  -2.292  11.986  1.00 22.70 ? 107 PRO A CG  1 
ATOM   632  C CD  . PRO A 1 79  ? -3.498  -2.024  10.946  1.00 19.04 ? 107 PRO A CD  1 
ATOM   633  N N   . GLY A 1 80  ? -3.433  -6.849  11.191  1.00 22.76 ? 108 GLY A N   1 
ATOM   634  C CA  . GLY A 1 80  ? -4.233  -8.038  11.422  1.00 28.05 ? 108 GLY A CA  1 
ATOM   635  C C   . GLY A 1 80  ? -5.168  -8.425  10.295  1.00 28.81 ? 108 GLY A C   1 
ATOM   636  O O   . GLY A 1 80  ? -5.789  -9.497  10.328  1.00 24.99 ? 108 GLY A O   1 
ATOM   637  N N   . GLY A 1 81  ? -5.258  -7.571  9.282   1.00 21.67 ? 109 GLY A N   1 
ATOM   638  C CA  . GLY A 1 81  ? -6.138  -7.814  8.164   1.00 20.61 ? 109 GLY A CA  1 
ATOM   639  C C   . GLY A 1 81  ? -5.311  -7.742  6.887   1.00 18.11 ? 109 GLY A C   1 
ATOM   640  O O   . GLY A 1 81  ? -4.128  -8.086  6.898   1.00 20.22 ? 109 GLY A O   1 
ATOM   641  N N   . SER A 1 82  ? -5.935  -7.317  5.804   1.00 16.91 ? 110 SER A N   1 
ATOM   642  C CA  . SER A 1 82  ? -5.191  -7.166  4.542   1.00 15.56 ? 110 SER A CA  1 
ATOM   643  C C   . SER A 1 82  ? -4.111  -6.099  4.686   1.00 18.82 ? 110 SER A C   1 
ATOM   644  O O   . SER A 1 82  ? -4.275  -5.140  5.409   1.00 17.70 ? 110 SER A O   1 
ATOM   645  C CB  . SER A 1 82  ? -6.143  -6.798  3.405   1.00 19.15 ? 110 SER A CB  1 
ATOM   646  O OG  . SER A 1 82  ? -7.188  -7.774  3.314   1.00 20.78 ? 110 SER A OG  1 
ATOM   647  N N   . HIS A 1 83  ? -3.003  -6.244  3.976   1.00 16.27 ? 111 HIS A N   1 
ATOM   648  C CA  . HIS A 1 83  ? -1.912  -5.294  4.184   1.00 14.42 ? 111 HIS A CA  1 
ATOM   649  C C   . HIS A 1 83  ? -0.888  -5.510  3.104   1.00 15.98 ? 111 HIS A C   1 
ATOM   650  O O   . HIS A 1 83  ? -0.920  -6.519  2.372   1.00 18.85 ? 111 HIS A O   1 
ATOM   651  C CB  . HIS A 1 83  ? -1.253  -5.479  5.568   1.00 15.02 ? 111 HIS A CB  1 
ATOM   652  C CG  . HIS A 1 83  ? -0.553  -6.794  5.744   1.00 16.76 ? 111 HIS A CG  1 
ATOM   653  N ND1 . HIS A 1 83  ? -1.222  -7.941  6.117   1.00 23.20 ? 111 HIS A ND1 1 
ATOM   654  C CD2 . HIS A 1 83  ? 0.744   -7.135  5.600   1.00 20.35 ? 111 HIS A CD2 1 
ATOM   655  C CE1 . HIS A 1 83  ? -0.355  -8.940  6.194   1.00 23.15 ? 111 HIS A CE1 1 
ATOM   656  N NE2 . HIS A 1 83  ? 0.840   -8.481  5.903   1.00 19.15 ? 111 HIS A NE2 1 
ATOM   657  N N   . VAL A 1 84  ? 0.024   -4.559  3.005   1.00 13.55 ? 112 VAL A N   1 
ATOM   658  C CA  . VAL A 1 84  ? 1.162   -4.678  2.130   1.00 16.13 ? 112 VAL A CA  1 
ATOM   659  C C   . VAL A 1 84  ? 2.427   -4.860  2.950   1.00 19.25 ? 112 VAL A C   1 
ATOM   660  O O   . VAL A 1 84  ? 2.648   -4.109  3.886   1.00 21.90 ? 112 VAL A O   1 
ATOM   661  C CB  . VAL A 1 84  ? 1.320   -3.418  1.278   1.00 16.92 ? 112 VAL A CB  1 
ATOM   662  C CG1 . VAL A 1 84  ? 2.416   -3.621  0.228   1.00 20.29 ? 112 VAL A CG1 1 
ATOM   663  C CG2 . VAL A 1 84  ? -0.006  -3.030  0.651   1.00 18.42 ? 112 VAL A CG2 1 
ATOM   664  N N   . GLU A 1 85  ? 3.263   -5.835  2.612   1.00 15.41 ? 113 GLU A N   1 
ATOM   665  C CA  . GLU A 1 85  ? 4.575   -5.900  3.237   1.00 15.33 ? 113 GLU A CA  1 
ATOM   666  C C   . GLU A 1 85  ? 5.592   -5.212  2.338   1.00 17.76 ? 113 GLU A C   1 
ATOM   667  O O   . GLU A 1 85  ? 5.661   -5.501  1.149   1.00 18.12 ? 113 GLU A O   1 
ATOM   668  C CB  . GLU A 1 85  ? 4.997   -7.346  3.496   1.00 21.40 ? 113 GLU A CB  1 
ATOM   669  C CG  . GLU A 1 85  ? 4.382   -7.914  4.743   1.00 32.08 ? 113 GLU A CG  1 
ATOM   670  C CD  . GLU A 1 85  ? 5.388   -8.690  5.554   1.00 49.11 ? 113 GLU A CD  1 
ATOM   671  O OE1 . GLU A 1 85  ? 5.555   -9.890  5.258   1.00 50.00 ? 113 GLU A OE1 1 
ATOM   672  O OE2 . GLU A 1 85  ? 6.014   -8.095  6.468   1.00 51.54 ? 113 GLU A OE2 1 
ATOM   673  N N   . LEU A 1 86  ? 6.324   -4.253  2.898   1.00 16.84 ? 114 LEU A N   1 
ATOM   674  C CA  . LEU A 1 86  ? 7.450   -3.604  2.213   1.00 18.31 ? 114 LEU A CA  1 
ATOM   675  C C   . LEU A 1 86  ? 8.695   -4.393  2.538   1.00 19.77 ? 114 LEU A C   1 
ATOM   676  O O   . LEU A 1 86  ? 9.009   -4.590  3.709   1.00 22.82 ? 114 LEU A O   1 
ATOM   677  C CB  . LEU A 1 86  ? 7.609   -2.157  2.684   1.00 19.41 ? 114 LEU A CB  1 
ATOM   678  C CG  . LEU A 1 86  ? 6.312   -1.348  2.632   1.00 22.37 ? 114 LEU A CG  1 
ATOM   679  C CD1 . LEU A 1 86  ? 6.553   0.097   3.140   1.00 21.69 ? 114 LEU A CD1 1 
ATOM   680  C CD2 . LEU A 1 86  ? 5.702   -1.371  1.240   1.00 20.82 ? 114 LEU A CD2 1 
ATOM   681  N N   . VAL A 1 87  ? 9.376   -4.863  1.505   1.00 16.91 ? 115 VAL A N   1 
ATOM   682  C CA  . VAL A 1 87  ? 10.431  -5.847  1.645   1.00 17.47 ? 115 VAL A CA  1 
ATOM   683  C C   . VAL A 1 87  ? 11.784  -5.243  1.292   1.00 19.14 ? 115 VAL A C   1 
ATOM   684  O O   . VAL A 1 87  ? 11.899  -4.583  0.253   1.00 18.17 ? 115 VAL A O   1 
ATOM   685  C CB  . VAL A 1 87  ? 10.150  -7.049  0.711   1.00 20.61 ? 115 VAL A CB  1 
ATOM   686  C CG1 . VAL A 1 87  ? 11.279  -8.098  0.789   1.00 24.19 ? 115 VAL A CG1 1 
ATOM   687  C CG2 . VAL A 1 87  ? 8.793   -7.673  1.049   1.00 22.94 ? 115 VAL A CG2 1 
ATOM   688  N N   . ASP A 1 88  ? 12.787  -5.525  2.120   1.00 17.72 ? 116 ASP A N   1 
ATOM   689  C CA  . ASP A 1 88  ? 14.166  -5.043  1.918   1.00 18.46 ? 116 ASP A CA  1 
ATOM   690  C C   . ASP A 1 88  ? 14.210  -3.529  1.853   1.00 18.11 ? 116 ASP A C   1 
ATOM   691  O O   . ASP A 1 88  ? 14.653  -2.929  0.883   1.00 21.74 ? 116 ASP A O   1 
ATOM   692  C CB  . ASP A 1 88  ? 14.793  -5.686  0.666   1.00 17.69 ? 116 ASP A CB  1 
ATOM   693  C CG  . ASP A 1 88  ? 14.951  -7.196  0.806   1.00 26.34 ? 116 ASP A CG  1 
ATOM   694  O OD1 . ASP A 1 88  ? 14.934  -7.714  1.948   1.00 23.01 ? 116 ASP A OD1 1 
ATOM   695  O OD2 . ASP A 1 88  ? 15.106  -7.871  -0.223  1.00 30.65 ? 116 ASP A OD2 1 
ATOM   696  N N   . ILE A 1 89  ? 13.780  -2.925  2.955   1.00 19.17 ? 117 ILE A N   1 
ATOM   697  C CA  . ILE A 1 89  ? 13.819  -1.489  3.125   1.00 20.74 ? 117 ILE A CA  1 
ATOM   698  C C   . ILE A 1 89  ? 15.256  -1.009  3.282   1.00 23.24 ? 117 ILE A C   1 
ATOM   699  O O   . ILE A 1 89  ? 15.979  -1.501  4.151   1.00 24.71 ? 117 ILE A O   1 
ATOM   700  C CB  . ILE A 1 89  ? 12.978  -1.082  4.325   1.00 20.64 ? 117 ILE A CB  1 
ATOM   701  C CG1 . ILE A 1 89  ? 11.489  -1.402  4.087   1.00 19.13 ? 117 ILE A CG1 1 
ATOM   702  C CG2 . ILE A 1 89  ? 13.192  0.383   4.658   1.00 21.24 ? 117 ILE A CG2 1 
ATOM   703  C CD1 . ILE A 1 89  ? 10.670  -1.373  5.393   1.00 19.80 ? 117 ILE A CD1 1 
ATOM   704  N N   . SER A 1 90  ? 15.682  -0.056  2.452   1.00 23.30 ? 118 SER A N   1 
ATOM   705  C CA  . SER A 1 90  ? 17.034  0.478   2.616   1.00 30.91 ? 118 SER A CA  1 
ATOM   706  C C   . SER A 1 90  ? 17.012  1.784   3.395   1.00 34.95 ? 118 SER A C   1 
ATOM   707  O O   . SER A 1 90  ? 17.981  2.125   4.071   1.00 32.76 ? 118 SER A O   1 
ATOM   708  C CB  . SER A 1 90  ? 17.722  0.653   1.260   1.00 26.76 ? 118 SER A CB  1 
ATOM   709  O OG  . SER A 1 90  ? 16.848  1.273   0.338   1.00 33.37 ? 118 SER A OG  1 
ATOM   710  N N   . LYS A 1 91  ? 15.895  2.501   3.323   1.00 27.17 ? 119 LYS A N   1 
ATOM   711  C CA  . LYS A 1 91  ? 15.764  3.746   4.065   1.00 34.07 ? 119 LYS A CA  1 
ATOM   712  C C   . LYS A 1 91  ? 14.294  4.050   4.338   1.00 29.07 ? 119 LYS A C   1 
ATOM   713  O O   . LYS A 1 91  ? 13.411  3.685   3.552   1.00 28.77 ? 119 LYS A O   1 
ATOM   714  C CB  . LYS A 1 91  ? 16.425  4.898   3.294   1.00 34.20 ? 119 LYS A CB  1 
ATOM   715  C CG  . LYS A 1 91  ? 15.832  5.191   1.941   1.00 35.97 ? 119 LYS A CG  1 
ATOM   716  C CD  . LYS A 1 91  ? 16.152  6.634   1.499   1.00 51.11 ? 119 LYS A CD  1 
ATOM   717  C CE  . LYS A 1 91  ? 15.959  6.833   -0.002  1.00 53.86 ? 119 LYS A CE  1 
ATOM   718  N NZ  . LYS A 1 91  ? 16.596  5.744   -0.800  1.00 52.55 ? 119 LYS A NZ  1 
ATOM   719  N N   . MET A 1 92  ? 14.028  4.695   5.463   1.00 23.55 ? 120 MET A N   1 
ATOM   720  C CA  . MET A 1 92  ? 12.664  5.104   5.763   1.00 22.62 ? 120 MET A CA  1 
ATOM   721  C C   . MET A 1 92  ? 12.688  6.415   6.532   1.00 24.20 ? 120 MET A C   1 
ATOM   722  O O   . MET A 1 92  ? 13.474  6.589   7.461   1.00 23.10 ? 120 MET A O   1 
ATOM   723  C CB  . MET A 1 92  ? 11.923  4.011   6.559   1.00 23.66 ? 120 MET A CB  1 
ATOM   724  C CG  . MET A 1 92  ? 10.424  4.264   6.780   1.00 22.36 ? 120 MET A CG  1 
ATOM   725  S SD  . MET A 1 92  ? 9.465   4.509   5.280   1.00 27.35 ? 120 MET A SD  1 
ATOM   726  C CE  . MET A 1 92  ? 9.628   2.895   4.474   1.00 25.24 ? 120 MET A CE  1 
ATOM   727  N N   . ASN A 1 93  ? 11.843  7.354   6.134   1.00 23.72 ? 121 ASN A N   1 
ATOM   728  C CA  . ASN A 1 93  ? 11.781  8.606   6.849   1.00 23.31 ? 121 ASN A CA  1 
ATOM   729  C C   . ASN A 1 93  ? 11.313  8.378   8.294   1.00 21.91 ? 121 ASN A C   1 
ATOM   730  O O   . ASN A 1 93  ? 10.731  7.328   8.625   1.00 22.02 ? 121 ASN A O   1 
ATOM   731  C CB  . ASN A 1 93  ? 10.865  9.596   6.080   1.00 21.10 ? 121 ASN A CB  1 
ATOM   732  C CG  . ASN A 1 93  ? 11.558  10.228  4.884   1.00 28.10 ? 121 ASN A CG  1 
ATOM   733  O OD1 . ASN A 1 93  ? 12.779  10.367  4.873   1.00 30.35 ? 121 ASN A OD1 1 
ATOM   734  N ND2 . ASN A 1 93  ? 10.782  10.599  3.853   1.00 26.56 ? 121 ASN A ND2 1 
ATOM   735  N N   . PRO A 1 94  ? 11.557  9.356   9.179   1.00 22.32 ? 122 PRO A N   1 
ATOM   736  C CA  . PRO A 1 94  ? 11.138  9.249   10.572  1.00 22.30 ? 122 PRO A CA  1 
ATOM   737  C C   . PRO A 1 94  ? 9.646   9.147   10.745  1.00 24.08 ? 122 PRO A C   1 
ATOM   738  O O   . PRO A 1 94  ? 8.863   9.566   9.878   1.00 21.85 ? 122 PRO A O   1 
ATOM   739  C CB  . PRO A 1 94  ? 11.620  10.571  11.197  1.00 27.42 ? 122 PRO A CB  1 
ATOM   740  C CG  . PRO A 1 94  ? 12.700  11.034  10.334  1.00 24.27 ? 122 PRO A CG  1 
ATOM   741  C CD  . PRO A 1 94  ? 12.394  10.552  8.946   1.00 21.27 ? 122 PRO A CD  1 
ATOM   742  N N   . VAL A 1 95  ? 9.260   8.642   11.903  1.00 19.87 ? 123 VAL A N   1 
ATOM   743  C CA  . VAL A 1 95  ? 7.877   8.655   12.317  1.00 19.15 ? 123 VAL A CA  1 
ATOM   744  C C   . VAL A 1 95  ? 7.391   10.094  12.311  1.00 25.15 ? 123 VAL A C   1 
ATOM   745  O O   . VAL A 1 95  ? 8.087   10.990  12.820  1.00 24.76 ? 123 VAL A O   1 
ATOM   746  C CB  . VAL A 1 95  ? 7.706   8.062   13.719  1.00 19.79 ? 123 VAL A CB  1 
ATOM   747  C CG1 . VAL A 1 95  ? 6.316   8.285   14.222  1.00 24.26 ? 123 VAL A CG1 1 
ATOM   748  C CG2 . VAL A 1 95  ? 8.019   6.546   13.684  1.00 25.40 ? 123 VAL A CG2 1 
ATOM   749  N N   . GLY A 1 96  ? 6.215   10.307  11.737  1.00 19.84 ? 124 GLY A N   1 
ATOM   750  C CA  . GLY A 1 96  ? 5.630   11.637  11.635  1.00 20.00 ? 124 GLY A CA  1 
ATOM   751  C C   . GLY A 1 96  ? 5.788   12.205  10.242  1.00 22.64 ? 124 GLY A C   1 
ATOM   752  O O   . GLY A 1 96  ? 5.115   13.186  9.879   1.00 24.12 ? 124 GLY A O   1 
ATOM   753  N N   . TRP A 1 97  ? 6.672   11.603  9.450   1.00 20.42 ? 125 TRP A N   1 
ATOM   754  C CA  . TRP A 1 97  ? 6.914   12.058  8.092   1.00 21.30 ? 125 TRP A CA  1 
ATOM   755  C C   . TRP A 1 97  ? 6.118   11.149  7.142   1.00 19.40 ? 125 TRP A C   1 
ATOM   756  O O   . TRP A 1 97  ? 5.236   10.436  7.590   1.00 20.00 ? 125 TRP A O   1 
ATOM   757  C CB  . TRP A 1 97  ? 8.404   12.018  7.739   1.00 20.63 ? 125 TRP A CB  1 
ATOM   758  C CG  . TRP A 1 97  ? 9.327   12.919  8.619   1.00 21.21 ? 125 TRP A CG  1 
ATOM   759  C CD1 . TRP A 1 97  ? 9.163   13.226  9.940   1.00 26.47 ? 125 TRP A CD1 1 
ATOM   760  C CD2 . TRP A 1 97  ? 10.501  13.590  8.192   1.00 20.58 ? 125 TRP A CD2 1 
ATOM   761  N NE1 . TRP A 1 97  ? 10.183  14.050  10.364  1.00 26.46 ? 125 TRP A NE1 1 
ATOM   762  C CE2 . TRP A 1 97  ? 11.020  14.282  9.306   1.00 25.47 ? 125 TRP A CE2 1 
ATOM   763  C CE3 . TRP A 1 97  ? 11.168  13.680  6.973   1.00 20.81 ? 125 TRP A CE3 1 
ATOM   764  C CZ2 . TRP A 1 97  ? 12.177  15.042  9.235   1.00 22.35 ? 125 TRP A CZ2 1 
ATOM   765  C CZ3 . TRP A 1 97  ? 12.326  14.413  6.915   1.00 26.91 ? 125 TRP A CZ3 1 
ATOM   766  C CH2 . TRP A 1 97  ? 12.817  15.091  8.036   1.00 23.71 ? 125 TRP A CH2 1 
ATOM   767  N N   . ALA A 1 98  ? 6.451   11.193  5.865   1.00 18.87 ? 126 ALA A N   1 
ATOM   768  C CA  . ALA A 1 98  ? 5.790   10.330  4.890   1.00 17.75 ? 126 ALA A CA  1 
ATOM   769  C C   . ALA A 1 98  ? 6.831   9.714   4.008   1.00 19.53 ? 126 ALA A C   1 
ATOM   770  O O   . ALA A 1 98  ? 7.939   10.227  3.881   1.00 23.05 ? 126 ALA A O   1 
ATOM   771  C CB  . ALA A 1 98  ? 4.743   11.109  4.050   1.00 16.24 ? 126 ALA A CB  1 
ATOM   772  N N   . ALA A 1 99  ? 6.460   8.597   3.387   1.00 18.28 ? 127 ALA A N   1 
ATOM   773  C CA  . ALA A 1 99  ? 7.309   7.870   2.462   1.00 18.87 ? 127 ALA A CA  1 
ATOM   774  C C   . ALA A 1 99  ? 6.697   7.945   1.060   1.00 16.75 ? 127 ALA A C   1 
ATOM   775  O O   . ALA A 1 99  ? 5.551   7.538   0.865   1.00 19.38 ? 127 ALA A O   1 
ATOM   776  C CB  . ALA A 1 99  ? 7.444   6.394   2.916   1.00 23.62 ? 127 ALA A CB  1 
ATOM   777  N N   . GLU A 1 100 ? 7.439   8.525   0.120   1.00 17.99 ? 128 GLU A N   1 
ATOM   778  C CA  . GLU A 1 100 ? 6.952   8.691   -1.249  1.00 18.26 ? 128 GLU A CA  1 
ATOM   779  C C   . GLU A 1 100 ? 7.073   7.415   -2.048  1.00 18.71 ? 128 GLU A C   1 
ATOM   780  O O   . GLU A 1 100 ? 8.124   6.773   -2.063  1.00 22.86 ? 128 GLU A O   1 
ATOM   781  C CB  . GLU A 1 100 ? 7.730   9.805   -1.951  1.00 26.45 ? 128 GLU A CB  1 
ATOM   782  C CG  . GLU A 1 100 ? 7.262   10.065  -3.406  1.00 31.20 ? 128 GLU A CG  1 
ATOM   783  C CD  . GLU A 1 100 ? 8.002   11.232  -4.068  1.00 44.84 ? 128 GLU A CD  1 
ATOM   784  O OE1 . GLU A 1 100 ? 9.222   11.121  -4.308  1.00 50.28 ? 128 GLU A OE1 1 
ATOM   785  O OE2 . GLU A 1 100 ? 7.364   12.269  -4.331  1.00 39.78 ? 128 GLU A OE2 1 
ATOM   786  N N   . MET A 1 101 ? 5.983   7.009   -2.680  1.00 15.57 ? 129 MET A N   1 
ATOM   787  C CA  . MET A 1 101 ? 6.082   5.875   -3.582  1.00 15.73 ? 129 MET A CA  1 
ATOM   788  C C   . MET A 1 101 ? 5.069   6.022   -4.712  1.00 18.75 ? 129 MET A C   1 
ATOM   789  O O   . MET A 1 101 ? 4.056   6.689   -4.580  1.00 18.82 ? 129 MET A O   1 
ATOM   790  C CB  . MET A 1 101 ? 5.874   4.570   -2.806  1.00 18.69 ? 129 MET A CB  1 
ATOM   791  C CG  . MET A 1 101 ? 4.497   4.478   -2.172  1.00 19.51 ? 129 MET A CG  1 
ATOM   792  S SD  . MET A 1 101 ? 4.413   3.153   -0.927  1.00 20.40 ? 129 MET A SD  1 
ATOM   793  C CE  . MET A 1 101 ? 5.325   3.903   0.440   1.00 20.19 ? 129 MET A CE  1 
ATOM   794  N N   . THR A 1 102 ? 5.326   5.384   -5.843  1.00 14.89 ? 130 THR A N   1 
ATOM   795  C CA  . THR A 1 102 ? 4.400   5.508   -6.955  1.00 15.69 ? 130 THR A CA  1 
ATOM   796  C C   . THR A 1 102 ? 3.627   4.209   -7.155  1.00 17.80 ? 130 THR A C   1 
ATOM   797  O O   . THR A 1 102 ? 4.228   3.155   -7.290  1.00 19.00 ? 130 THR A O   1 
ATOM   798  C CB  . THR A 1 102 ? 5.139   5.888   -8.233  1.00 18.98 ? 130 THR A CB  1 
ATOM   799  O OG1 . THR A 1 102 ? 5.781   7.160   -8.013  1.00 21.13 ? 130 THR A OG1 1 
ATOM   800  C CG2 . THR A 1 102 ? 4.168   6.009   -9.382  1.00 19.88 ? 130 THR A CG2 1 
ATOM   801  N N   . LEU A 1 103 ? 2.299   4.293   -7.168  1.00 16.20 ? 131 LEU A N   1 
ATOM   802  C CA  . LEU A 1 103 ? 1.467   3.122   -7.464  1.00 15.77 ? 131 LEU A CA  1 
ATOM   803  C C   . LEU A 1 103 ? 1.192   3.068   -8.948  1.00 18.89 ? 131 LEU A C   1 
ATOM   804  O O   . LEU A 1 103 ? 0.903   4.091   -9.551  1.00 18.78 ? 131 LEU A O   1 
ATOM   805  C CB  . LEU A 1 103 ? 0.160   3.190   -6.709  1.00 16.53 ? 131 LEU A CB  1 
ATOM   806  C CG  . LEU A 1 103 ? 0.305   3.388   -5.197  1.00 19.36 ? 131 LEU A CG  1 
ATOM   807  C CD1 . LEU A 1 103 ? -1.107  3.397   -4.538  1.00 22.55 ? 131 LEU A CD1 1 
ATOM   808  C CD2 . LEU A 1 103 ? 1.185   2.342   -4.555  1.00 21.19 ? 131 LEU A CD2 1 
ATOM   809  N N   . VAL A 1 104 ? 1.266   1.876   -9.538  1.00 14.87 ? 132 VAL A N   1 
ATOM   810  C CA  . VAL A 1 104 ? 0.989   1.731   -10.964 1.00 15.13 ? 132 VAL A CA  1 
ATOM   811  C C   . VAL A 1 104 ? -0.240  0.868   -11.156 1.00 15.04 ? 132 VAL A C   1 
ATOM   812  O O   . VAL A 1 104 ? -0.237  -0.294  -10.745 1.00 17.49 ? 132 VAL A O   1 
ATOM   813  C CB  . VAL A 1 104 ? 2.158   1.083   -11.695 1.00 18.23 ? 132 VAL A CB  1 
ATOM   814  C CG1 . VAL A 1 104 ? 1.866   0.998   -13.215 1.00 18.82 ? 132 VAL A CG1 1 
ATOM   815  C CG2 . VAL A 1 104 ? 3.440   1.874   -11.419 1.00 21.79 ? 132 VAL A CG2 1 
ATOM   816  N N   . PHE A 1 105 ? -1.292  1.442   -11.730 1.00 16.48 ? 133 PHE A N   1 
ATOM   817  C CA  . PHE A 1 105 ? -2.500  0.690   -12.052 1.00 15.54 ? 133 PHE A CA  1 
ATOM   818  C C   . PHE A 1 105 ? -2.551  0.427   -13.540 1.00 15.49 ? 133 PHE A C   1 
ATOM   819  O O   . PHE A 1 105 ? -2.260  1.303   -14.352 1.00 18.61 ? 133 PHE A O   1 
ATOM   820  C CB  . PHE A 1 105 ? -3.767  1.424   -11.580 1.00 13.52 ? 133 PHE A CB  1 
ATOM   821  C CG  . PHE A 1 105 ? -3.833  1.574   -10.104 1.00 13.34 ? 133 PHE A CG  1 
ATOM   822  C CD1 . PHE A 1 105 ? -4.499  0.630   -9.344  1.00 18.09 ? 133 PHE A CD1 1 
ATOM   823  C CD2 . PHE A 1 105 ? -3.211  2.644   -9.462  1.00 15.79 ? 133 PHE A CD2 1 
ATOM   824  C CE1 . PHE A 1 105 ? -4.569  0.743   -7.965  1.00 18.84 ? 133 PHE A CE1 1 
ATOM   825  C CE2 . PHE A 1 105 ? -3.256  2.751   -8.076  1.00 17.39 ? 133 PHE A CE2 1 
ATOM   826  C CZ  . PHE A 1 105 ? -3.943  1.816   -7.342  1.00 17.06 ? 133 PHE A CZ  1 
ATOM   827  N N   . GLU A 1 106 ? -2.845  -0.818  -13.893 1.00 17.71 ? 134 GLU A N   1 
ATOM   828  C CA  . GLU A 1 106 ? -2.905  -1.244  -15.274 1.00 20.35 ? 134 GLU A CA  1 
ATOM   829  C C   . GLU A 1 106 ? -3.801  -0.352  -16.136 1.00 20.04 ? 134 GLU A C   1 
ATOM   830  O O   . GLU A 1 106 ? -3.406  0.044   -17.234 1.00 23.49 ? 134 GLU A O   1 
ATOM   831  C CB  . GLU A 1 106 ? -3.405  -2.688  -15.311 1.00 20.88 ? 134 GLU A CB  1 
ATOM   832  C CG  . GLU A 1 106 ? -3.435  -3.290  -16.685 1.00 31.93 ? 134 GLU A CG  1 
ATOM   833  C CD  . GLU A 1 106 ? -3.811  -4.753  -16.602 1.00 54.06 ? 134 GLU A CD  1 
ATOM   834  O OE1 . GLU A 1 106 ? -5.023  -5.055  -16.505 1.00 55.05 ? 134 GLU A OE1 1 
ATOM   835  O OE2 . GLU A 1 106 ? -2.889  -5.592  -16.583 1.00 66.80 ? 134 GLU A OE2 1 
ATOM   836  N N   . LYS A 1 107 ? -4.980  -0.006  -15.639 1.00 17.16 ? 135 LYS A N   1 
ATOM   837  C CA  . LYS A 1 107 ? -5.909  0.810   -16.420 1.00 18.43 ? 135 LYS A CA  1 
ATOM   838  C C   . LYS A 1 107 ? -5.779  2.270   -16.039 1.00 19.46 ? 135 LYS A C   1 
ATOM   839  O O   . LYS A 1 107 ? -5.538  3.133   -16.909 1.00 21.68 ? 135 LYS A O   1 
ATOM   840  C CB  . LYS A 1 107 ? -7.347  0.332   -16.227 1.00 27.06 ? 135 LYS A CB  1 
ATOM   841  C CG  . LYS A 1 107 ? -7.558  -1.126  -16.592 1.00 33.43 ? 135 LYS A CG  1 
ATOM   842  C CD  . LYS A 1 107 ? -7.090  -1.428  -18.015 1.00 36.11 ? 135 LYS A CD  1 
ATOM   843  C CE  . LYS A 1 107 ? -7.385  -2.880  -18.403 1.00 52.75 ? 135 LYS A CE  1 
ATOM   844  N NZ  . LYS A 1 107 ? -7.037  -3.137  -19.829 1.00 61.29 ? 135 LYS A NZ  1 
ATOM   845  N N   . ALA A 1 108 ? -5.858  2.551   -14.743 1.00 19.48 ? 136 ALA A N   1 
ATOM   846  C CA  . ALA A 1 108 ? -5.931  3.948   -14.311 1.00 18.68 ? 136 ALA A CA  1 
ATOM   847  C C   . ALA A 1 108 ? -4.621  4.703   -14.478 1.00 21.76 ? 136 ALA A C   1 
ATOM   848  O O   . ALA A 1 108 ? -4.645  5.934   -14.629 1.00 22.81 ? 136 ALA A O   1 
ATOM   849  C CB  . ALA A 1 108 ? -6.382  4.031   -12.884 1.00 18.37 ? 136 ALA A CB  1 
ATOM   850  N N   . GLY A 1 109 ? -3.486  4.015   -14.435 1.00 17.27 ? 137 GLY A N   1 
ATOM   851  C CA  . GLY A 1 109 ? -2.193  4.654   -14.587 1.00 18.38 ? 137 GLY A CA  1 
ATOM   852  C C   . GLY A 1 109 ? -1.499  4.921   -13.270 1.00 19.87 ? 137 GLY A C   1 
ATOM   853  O O   . GLY A 1 109 ? -1.765  4.231   -12.301 1.00 18.24 ? 137 GLY A O   1 
ATOM   854  N N   . GLU A 1 110 ? -0.595  5.907   -13.247 1.00 17.02 ? 138 GLU A N   1 
ATOM   855  C CA  . GLU A 1 110 ? 0.335   6.085   -12.124 1.00 16.95 ? 138 GLU A CA  1 
ATOM   856  C C   . GLU A 1 110 ? -0.101  7.205   -11.185 1.00 17.30 ? 138 GLU A C   1 
ATOM   857  O O   . GLU A 1 110 ? -0.635  8.229   -11.621 1.00 18.89 ? 138 GLU A O   1 
ATOM   858  C CB  . GLU A 1 110 ? 1.760   6.363   -12.642 1.00 19.52 ? 138 GLU A CB  1 
ATOM   859  C CG  . GLU A 1 110 ? 2.375   5.198   -13.426 1.00 22.44 ? 138 GLU A CG  1 
ATOM   860  C CD  . GLU A 1 110 ? 3.736   5.541   -14.014 1.00 48.67 ? 138 GLU A CD  1 
ATOM   861  O OE1 . GLU A 1 110 ? 3.773   6.153   -15.102 1.00 65.30 ? 138 GLU A OE1 1 
ATOM   862  O OE2 . GLU A 1 110 ? 4.768   5.205   -13.389 1.00 54.51 ? 138 GLU A OE2 1 
ATOM   863  N N   . VAL A 1 111 ? 0.071   6.964   -9.885  1.00 16.51 ? 139 VAL A N   1 
ATOM   864  C CA  . VAL A 1 111 ? -0.201  8.004   -8.894  1.00 15.77 ? 139 VAL A CA  1 
ATOM   865  C C   . VAL A 1 111 ? 0.875   7.902   -7.835  1.00 19.20 ? 139 VAL A C   1 
ATOM   866  O O   . VAL A 1 111 ? 1.185   6.820   -7.357  1.00 17.53 ? 139 VAL A O   1 
ATOM   867  C CB  . VAL A 1 111 ? -1.614  7.832   -8.300  1.00 16.35 ? 139 VAL A CB  1 
ATOM   868  C CG1 . VAL A 1 111 ? -1.850  6.402   -7.790  1.00 19.60 ? 139 VAL A CG1 1 
ATOM   869  C CG2 . VAL A 1 111 ? -1.921  8.908   -7.237  1.00 18.30 ? 139 VAL A CG2 1 
ATOM   870  N N   . THR A 1 112 ? 1.469   9.031   -7.487  1.00 19.10 ? 140 THR A N   1 
ATOM   871  C CA  . THR A 1 112 ? 2.486   9.053   -6.437  1.00 17.35 ? 140 THR A CA  1 
ATOM   872  C C   . THR A 1 112 ? 1.863   9.450   -5.122  1.00 21.26 ? 140 THR A C   1 
ATOM   873  O O   . THR A 1 112 ? 1.217   10.506  -5.017  1.00 22.15 ? 140 THR A O   1 
ATOM   874  C CB  . THR A 1 112 ? 3.610   10.032  -6.805  1.00 22.50 ? 140 THR A CB  1 
ATOM   875  O OG1 . THR A 1 112 ? 4.243   9.595   -8.030  1.00 21.04 ? 140 THR A OG1 1 
ATOM   876  C CG2 . THR A 1 112 ? 4.638   10.111  -5.684  1.00 23.74 ? 140 THR A CG2 1 
ATOM   877  N N   . ILE A 1 113 ? 2.025   8.605   -4.112  1.00 16.49 ? 141 ILE A N   1 
ATOM   878  C CA  . ILE A 1 113 ? 1.414   8.840   -2.826  1.00 16.42 ? 141 ILE A CA  1 
ATOM   879  C C   . ILE A 1 113 ? 2.483   9.121   -1.785  1.00 16.68 ? 141 ILE A C   1 
ATOM   880  O O   . ILE A 1 113 ? 3.672   8.807   -1.994  1.00 17.09 ? 141 ILE A O   1 
ATOM   881  C CB  . ILE A 1 113 ? 0.577   7.644   -2.348  1.00 15.73 ? 141 ILE A CB  1 
ATOM   882  C CG1 . ILE A 1 113 ? 1.488   6.446   -2.079  1.00 18.25 ? 141 ILE A CG1 1 
ATOM   883  C CG2 . ILE A 1 113 ? -0.489  7.279   -3.400  1.00 16.99 ? 141 ILE A CG2 1 
ATOM   884  C CD1 . ILE A 1 113 ? 0.759   5.317   -1.377  1.00 19.30 ? 141 ILE A CD1 1 
ATOM   885  N N   . ASP A 1 114 ? 2.043   9.671   -0.651  1.00 16.74 ? 142 ASP A N   1 
ATOM   886  C CA  . ASP A 1 114 ? 2.947   9.945   0.473   1.00 17.86 ? 142 ASP A CA  1 
ATOM   887  C C   . ASP A 1 114 ? 2.368   9.210   1.662   1.00 17.26 ? 142 ASP A C   1 
ATOM   888  O O   . ASP A 1 114 ? 1.418   9.636   2.292   1.00 20.55 ? 142 ASP A O   1 
ATOM   889  C CB  . ASP A 1 114 ? 3.075   11.464  0.749   1.00 18.54 ? 142 ASP A CB  1 
ATOM   890  C CG  . ASP A 1 114 ? 3.248   12.279  -0.503  1.00 27.66 ? 142 ASP A CG  1 
ATOM   891  O OD1 . ASP A 1 114 ? 4.385   12.386  -0.960  1.00 24.85 ? 142 ASP A OD1 1 
ATOM   892  O OD2 . ASP A 1 114 ? 2.243   12.828  -1.009  1.00 32.38 ? 142 ASP A OD2 1 
ATOM   893  N N   . ALA A 1 115 ? 2.898   8.014   1.914   1.00 15.81 ? 143 ALA A N   1 
ATOM   894  C CA  . ALA A 1 115 ? 2.318   7.194   2.956   1.00 16.76 ? 143 ALA A CA  1 
ATOM   895  C C   . ALA A 1 115 ? 2.826   7.666   4.305   1.00 13.86 ? 143 ALA A C   1 
ATOM   896  O O   . ALA A 1 115 ? 4.043   7.769   4.486   1.00 18.77 ? 143 ALA A O   1 
ATOM   897  C CB  . ALA A 1 115 ? 2.694   5.719   2.713   1.00 17.04 ? 143 ALA A CB  1 
ATOM   898  N N   . ALA A 1 116 ? 1.908   7.965   5.221   1.00 16.43 ? 144 ALA A N   1 
ATOM   899  C CA  . ALA A 1 116 ? 2.299   8.499   6.532   1.00 18.03 ? 144 ALA A CA  1 
ATOM   900  C C   . ALA A 1 116 ? 3.142   7.464   7.271   1.00 19.41 ? 144 ALA A C   1 
ATOM   901  O O   . ALA A 1 116 ? 2.705   6.321   7.399   1.00 17.90 ? 144 ALA A O   1 
ATOM   902  C CB  . ALA A 1 116 ? 1.065   8.843   7.358   1.00 19.87 ? 144 ALA A CB  1 
ATOM   903  N N   . VAL A 1 117 ? 4.302   7.862   7.791   1.00 16.67 ? 145 VAL A N   1 
ATOM   904  C CA  . VAL A 1 117 ? 5.107   6.935   8.602   1.00 16.25 ? 145 VAL A CA  1 
ATOM   905  C C   . VAL A 1 117 ? 4.624   7.012   10.036  1.00 20.05 ? 145 VAL A C   1 
ATOM   906  O O   . VAL A 1 117 ? 4.724   8.077   10.647  1.00 20.05 ? 145 VAL A O   1 
ATOM   907  C CB  . VAL A 1 117 ? 6.604   7.271   8.545   1.00 19.69 ? 145 VAL A CB  1 
ATOM   908  C CG1 . VAL A 1 117 ? 7.396   6.294   9.427   1.00 17.06 ? 145 VAL A CG1 1 
ATOM   909  C CG2 . VAL A 1 117 ? 7.119   7.272   7.113   1.00 19.66 ? 145 VAL A CG2 1 
ATOM   910  N N   . GLU A 1 118 ? 4.074   5.917   10.567  1.00 16.91 ? 146 GLU A N   1 
ATOM   911  C CA  . GLU A 1 118 ? 3.559   5.891   11.936  1.00 19.28 ? 146 GLU A CA  1 
ATOM   912  C C   . GLU A 1 118 ? 4.474   5.054   12.821  1.00 19.35 ? 146 GLU A C   1 
ATOM   913  O O   . GLU A 1 118 ? 5.405   4.452   12.320  1.00 20.35 ? 146 GLU A O   1 
ATOM   914  C CB  . GLU A 1 118 ? 2.138   5.342   11.967  1.00 20.31 ? 146 GLU A CB  1 
ATOM   915  C CG  . GLU A 1 118 ? 1.130   6.204   11.192  1.00 24.48 ? 146 GLU A CG  1 
ATOM   916  C CD  . GLU A 1 118 ? 0.881   7.565   11.827  1.00 35.22 ? 146 GLU A CD  1 
ATOM   917  O OE1 . GLU A 1 118 ? 0.766   7.625   13.062  1.00 35.25 ? 146 GLU A OE1 1 
ATOM   918  O OE2 . GLU A 1 118 ? 0.799   8.564   11.079  1.00 39.68 ? 146 GLU A OE2 1 
ATOM   919  N N   . ALA A 1 119 ? 4.197   5.024   14.126  1.00 22.57 ? 147 ALA A N   1 
ATOM   920  C CA  . ALA A 1 119 ? 4.999   4.273   15.083  1.00 22.99 ? 147 ALA A CA  1 
ATOM   921  C C   . ALA A 1 119 ? 5.049   2.814   14.669  1.00 22.52 ? 147 ALA A C   1 
ATOM   922  O O   . ALA A 1 119 ? 4.090   2.317   14.086  1.00 20.89 ? 147 ALA A O   1 
ATOM   923  C CB  . ALA A 1 119 ? 4.413   4.409   16.469  1.00 24.24 ? 147 ALA A CB  1 
ATOM   924  N N   . PRO A 1 120 ? 6.148   2.118   15.006  1.00 19.74 ? 148 PRO A N   1 
ATOM   925  C CA  . PRO A 1 120 ? 6.239   0.706   14.597  1.00 26.11 ? 148 PRO A CA  1 
ATOM   926  C C   . PRO A 1 120 ? 5.075   -0.133  15.102  1.00 23.07 ? 148 PRO A C   1 
ATOM   927  O O   . PRO A 1 120 ? 4.756   -1.142  14.466  1.00 25.26 ? 148 PRO A O   1 
ATOM   928  C CB  . PRO A 1 120 ? 7.566   0.238   15.223  1.00 23.58 ? 148 PRO A CB  1 
ATOM   929  C CG  . PRO A 1 120 ? 8.389   1.486   15.318  1.00 33.09 ? 148 PRO A CG  1 
ATOM   930  C CD  . PRO A 1 120 ? 7.396   2.601   15.631  1.00 26.65 ? 148 PRO A CD  1 
ATOM   931  N N   . ASP A 1 121 ? 4.434   0.256   16.209  1.00 22.92 ? 149 ASP A N   1 
ATOM   932  C CA  . ASP A 1 121 ? 3.315   -0.531  16.717  1.00 25.93 ? 149 ASP A CA  1 
ATOM   933  C C   . ASP A 1 121 ? 1.970   0.150   16.555  1.00 24.78 ? 149 ASP A C   1 
ATOM   934  O O   . ASP A 1 121 ? 0.995   -0.191  17.228  1.00 24.73 ? 149 ASP A O   1 
ATOM   935  C CB  . ASP A 1 121 ? 3.541   -0.881  18.196  1.00 31.96 ? 149 ASP A CB  1 
ATOM   936  C CG  . ASP A 1 121 ? 3.899   0.331   19.054  1.00 42.08 ? 149 ASP A CG  1 
ATOM   937  O OD1 . ASP A 1 121 ? 4.293   0.124   20.224  1.00 43.73 ? 149 ASP A OD1 1 
ATOM   938  O OD2 . ASP A 1 121 ? 3.807   1.484   18.583  1.00 32.64 ? 149 ASP A OD2 1 
ATOM   939  N N   . ALA A 1 122 ? 1.900   1.120   15.649  1.00 23.93 ? 150 ALA A N   1 
ATOM   940  C CA  . ALA A 1 122 ? 0.666   1.870   15.485  1.00 22.28 ? 150 ALA A CA  1 
ATOM   941  C C   . ALA A 1 122 ? -0.489  0.994   15.006  1.00 22.44 ? 150 ALA A C   1 
ATOM   942  O O   . ALA A 1 122 ? -0.299  0.030   14.252  1.00 22.92 ? 150 ALA A O   1 
ATOM   943  C CB  . ALA A 1 122 ? 0.881   3.016   14.517  1.00 20.22 ? 150 ALA A CB  1 
ATOM   944  N N   . MET A 1 123 ? -1.710  1.350   15.400  1.00 23.01 ? 151 MET A N   1 
ATOM   945  C CA  . MET A 1 123 ? -2.884  0.577   14.974  1.00 23.66 ? 151 MET A CA  1 
ATOM   946  C C   . MET A 1 123 ? -3.818  1.344   14.018  1.00 34.83 ? 151 MET A C   1 
ATOM   947  O O   . MET A 1 123 ? -4.693  0.752   13.386  1.00 33.43 ? 151 MET A O   1 
ATOM   948  C CB  . MET A 1 123 ? -3.670  0.108   16.201  1.00 29.64 ? 151 MET A CB  1 
ATOM   949  C CG  . MET A 1 123 ? -2.912  -0.888  17.081  1.00 33.16 ? 151 MET A CG  1 
ATOM   950  S SD  . MET A 1 123 ? -2.709  -2.452  16.206  1.00 34.94 ? 151 MET A SD  1 
ATOM   951  C CE  . MET A 1 123 ? -4.400  -3.004  16.003  1.00 35.95 ? 151 MET A CE  1 
ATOM   952  N N   . HIS A 1 124 ? -3.618  2.652   13.898  1.00 32.59 ? 152 HIS A N   1 
ATOM   953  C CA  . HIS A 1 124 ? -4.469  3.479   13.041  1.00 36.56 ? 152 HIS A CA  1 
ATOM   954  C C   . HIS A 1 124 ? -3.709  4.604   12.358  1.00 31.85 ? 152 HIS A C   1 
ATOM   955  O O   . HIS A 1 124 ? -2.587  4.938   12.751  1.00 32.16 ? 152 HIS A O   1 
ATOM   956  C CB  . HIS A 1 124 ? -5.622  4.121   13.835  1.00 54.12 ? 152 HIS A CB  1 
ATOM   957  C CG  . HIS A 1 124 ? -6.439  3.162   14.647  1.00 67.02 ? 152 HIS A CG  1 
ATOM   958  N ND1 . HIS A 1 124 ? -6.299  3.040   16.015  1.00 64.31 ? 152 HIS A ND1 1 
ATOM   959  C CD2 . HIS A 1 124 ? -7.431  2.309   14.295  1.00 66.31 ? 152 HIS A CD2 1 
ATOM   960  C CE1 . HIS A 1 124 ? -7.154  2.139   16.465  1.00 62.02 ? 152 HIS A CE1 1 
ATOM   961  N NE2 . HIS A 1 124 ? -7.854  1.681   15.442  1.00 65.65 ? 152 HIS A NE2 1 
ATOM   962  N N   . ALA A 1 125 ? -4.363  5.173   11.339  1.00 42.36 ? 153 ALA A N   1 
ATOM   963  C CA  . ALA A 1 125 ? -4.087  6.501   10.768  1.00 44.52 ? 153 ALA A CA  1 
ATOM   964  C C   . ALA A 1 125 ? -2.696  6.700   10.195  1.00 45.70 ? 153 ALA A C   1 
ATOM   965  O O   . ALA A 1 125 ? -2.353  7.824   9.815   1.00 50.91 ? 153 ALA A O   1 
ATOM   966  C CB  . ALA A 1 125 ? -4.355  7.585   11.817  1.00 38.09 ? 153 ALA A CB  1 
HETATM 967  O O   . HOH B 2 .   ? 12.064  -0.195  -5.169  1.00 24.27 ? 201 HOH A O   1 
HETATM 968  O O   . HOH B 2 .   ? -6.800  -9.760  -15.740 1.00 35.55 ? 202 HOH A O   1 
HETATM 969  O O   . HOH B 2 .   ? -9.570  -5.964  4.196   1.00 23.27 ? 203 HOH A O   1 
HETATM 970  O O   . HOH B 2 .   ? -5.085  -13.948 -0.100  1.00 17.46 ? 204 HOH A O   1 
HETATM 971  O O   . HOH B 2 .   ? -21.623 2.849   -14.524 1.00 36.21 ? 205 HOH A O   1 
HETATM 972  O O   . HOH B 2 .   ? -0.239  11.201  2.873   1.00 37.31 ? 206 HOH A O   1 
HETATM 973  O O   . HOH B 2 .   ? -7.526  -7.457  -15.565 1.00 44.37 ? 207 HOH A O   1 
HETATM 974  O O   . HOH B 2 .   ? 15.448  -0.442  9.764   1.00 45.86 ? 208 HOH A O   1 
HETATM 975  O O   . HOH B 2 .   ? -1.347  6.470   14.120  1.00 42.40 ? 209 HOH A O   1 
HETATM 976  O O   . HOH B 2 .   ? -5.603  -10.161 -6.458  1.00 30.71 ? 210 HOH A O   1 
HETATM 977  O O   . HOH B 2 .   ? -9.253  10.556  2.601   1.00 40.36 ? 211 HOH A O   1 
HETATM 978  O O   . HOH B 2 .   ? 9.008   4.884   -0.254  1.00 25.34 ? 212 HOH A O   1 
HETATM 979  O O   . HOH B 2 .   ? -8.548  -9.576  -6.141  1.00 32.46 ? 213 HOH A O   1 
HETATM 980  O O   . HOH B 2 .   ? -2.467  -14.238 -2.776  1.00 32.56 ? 214 HOH A O   1 
HETATM 981  O O   . HOH B 2 .   ? -7.329  -4.948  -15.449 1.00 39.84 ? 215 HOH A O   1 
HETATM 982  O O   . HOH B 2 .   ? -10.909 8.289   -8.891  1.00 30.62 ? 216 HOH A O   1 
HETATM 983  O O   . HOH B 2 .   ? 10.036  11.209  14.438  1.00 40.52 ? 217 HOH A O   1 
HETATM 984  O O   . HOH B 2 .   ? 17.276  -6.670  9.685   1.00 40.42 ? 218 HOH A O   1 
HETATM 985  O O   . HOH B 2 .   ? 16.178  -9.613  3.186   1.00 31.61 ? 219 HOH A O   1 
HETATM 986  O O   . HOH B 2 .   ? 9.345   -8.078  12.766  1.00 42.87 ? 220 HOH A O   1 
HETATM 987  O O   . HOH B 2 .   ? -17.715 -6.310  -8.428  1.00 46.27 ? 221 HOH A O   1 
HETATM 988  O O   . HOH B 2 .   ? 11.614  5.358   10.093  1.00 34.84 ? 222 HOH A O   1 
HETATM 989  O O   . HOH B 2 .   ? -0.656  1.715   -16.375 1.00 35.04 ? 223 HOH A O   1 
HETATM 990  O O   . HOH B 2 .   ? 7.820   7.762   -6.483  1.00 41.87 ? 224 HOH A O   1 
HETATM 991  O O   . HOH B 2 .   ? -8.097  13.285  -4.418  1.00 34.21 ? 225 HOH A O   1 
HETATM 992  O O   . HOH B 2 .   ? 2.107   -10.088 9.017   1.00 38.93 ? 226 HOH A O   1 
HETATM 993  O O   . HOH B 2 .   ? 5.175   -12.449 5.730   1.00 42.70 ? 227 HOH A O   1 
HETATM 994  O O   . HOH B 2 .   ? -1.209  -7.080  9.457   1.00 29.72 ? 228 HOH A O   1 
HETATM 995  O O   . HOH B 2 .   ? -14.834 5.008   0.546   1.00 26.41 ? 229 HOH A O   1 
HETATM 996  O O   . HOH B 2 .   ? 10.503  6.960   -3.222  1.00 29.64 ? 230 HOH A O   1 
HETATM 997  O O   . HOH B 2 .   ? -18.591 -3.119  -17.350 1.00 38.79 ? 231 HOH A O   1 
HETATM 998  O O   . HOH B 2 .   ? 7.163   -9.125  -4.632  1.00 36.02 ? 232 HOH A O   1 
HETATM 999  O O   . HOH B 2 .   ? 13.423  -7.600  4.154   1.00 25.93 ? 233 HOH A O   1 
HETATM 1000 O O   . HOH B 2 .   ? -6.320  -1.367  13.574  1.00 46.49 ? 234 HOH A O   1 
HETATM 1001 O O   . HOH B 2 .   ? 2.536   -10.499 6.446   1.00 31.72 ? 235 HOH A O   1 
HETATM 1002 O O   . HOH B 2 .   ? 2.139   6.747   15.209  1.00 28.53 ? 236 HOH A O   1 
HETATM 1003 O O   . HOH B 2 .   ? 2.335   3.663   19.205  1.00 46.98 ? 237 HOH A O   1 
HETATM 1004 O O   . HOH B 2 .   ? -13.249 6.388   -0.735  1.00 34.40 ? 238 HOH A O   1 
HETATM 1005 O O   . HOH B 2 .   ? 7.019   -2.107  12.405  1.00 26.51 ? 239 HOH A O   1 
HETATM 1006 O O   . HOH B 2 .   ? 10.841  7.448   3.348   1.00 30.79 ? 240 HOH A O   1 
HETATM 1007 O O   . HOH B 2 .   ? 7.063   -11.640 -9.711  1.00 40.56 ? 241 HOH A O   1 
HETATM 1008 O O   . HOH B 2 .   ? 1.991   12.907  -3.928  1.00 33.94 ? 242 HOH A O   1 
HETATM 1009 O O   . HOH B 2 .   ? -8.960  -7.699  1.211   1.00 35.37 ? 243 HOH A O   1 
HETATM 1010 O O   . HOH B 2 .   ? 8.281   -2.848  -5.880  1.00 36.67 ? 244 HOH A O   1 
HETATM 1011 O O   . HOH B 2 .   ? 10.580  -8.897  14.942  1.00 27.53 ? 245 HOH A O   1 
HETATM 1012 O O   . HOH B 2 .   ? -14.061 -9.449  -11.413 1.00 29.41 ? 246 HOH A O   1 
HETATM 1013 O O   . HOH B 2 .   ? -1.050  9.248   -14.175 1.00 29.47 ? 247 HOH A O   1 
HETATM 1014 O O   . HOH B 2 .   ? 17.239  0.649   12.562  1.00 47.99 ? 248 HOH A O   1 
HETATM 1015 O O   . HOH B 2 .   ? -6.642  -3.609  13.266  1.00 40.92 ? 249 HOH A O   1 
HETATM 1016 O O   . HOH B 2 .   ? 20.510  -7.493  -2.538  1.00 27.39 ? 250 HOH A O   1 
HETATM 1017 O O   . HOH B 2 .   ? -2.939  -10.168 8.375   1.00 37.91 ? 251 HOH A O   1 
HETATM 1018 O O   . HOH B 2 .   ? -5.796  1.171   8.400   1.00 39.26 ? 252 HOH A O   1 
HETATM 1019 O O   . HOH B 2 .   ? -3.219  -12.630 -0.418  1.00 27.94 ? 253 HOH A O   1 
HETATM 1020 O O   . HOH B 2 .   ? -9.808  4.235   -13.977 1.00 26.73 ? 254 HOH A O   1 
HETATM 1021 O O   . HOH B 2 .   ? 9.787   -0.660  -4.997  1.00 34.35 ? 255 HOH A O   1 
HETATM 1022 O O   . HOH B 2 .   ? -9.958  1.738   -12.724 1.00 18.92 ? 256 HOH A O   1 
HETATM 1023 O O   . HOH B 2 .   ? -22.561 0.572   -16.850 1.00 54.41 ? 257 HOH A O   1 
HETATM 1024 O O   . HOH B 2 .   ? 16.177  4.581   7.334   1.00 43.80 ? 258 HOH A O   1 
HETATM 1025 O O   . HOH B 2 .   ? 12.911  -1.934  -6.575  1.00 36.52 ? 259 HOH A O   1 
HETATM 1026 O O   . HOH B 2 .   ? 6.345   -3.248  -7.879  1.00 41.14 ? 260 HOH A O   1 
HETATM 1027 O O   . HOH B 2 .   ? 0.377   -2.397  18.951  1.00 37.16 ? 261 HOH A O   1 
HETATM 1028 O O   . HOH B 2 .   ? -16.552 2.958   -15.174 1.00 30.39 ? 262 HOH A O   1 
HETATM 1029 O O   . HOH B 2 .   ? -7.999  0.682   4.971   1.00 34.24 ? 263 HOH A O   1 
HETATM 1030 O O   . HOH B 2 .   ? -7.070  -15.478 5.945   1.00 30.93 ? 264 HOH A O   1 
HETATM 1031 O O   . HOH B 2 .   ? -7.163  11.194  -13.160 1.00 29.14 ? 265 HOH A O   1 
HETATM 1032 O O   . HOH B 2 .   ? 16.217  -6.569  -7.013  1.00 39.87 ? 266 HOH A O   1 
HETATM 1033 O O   . HOH B 2 .   ? -15.202 -4.761  -2.390  1.00 27.44 ? 267 HOH A O   1 
HETATM 1034 O O   . HOH B 2 .   ? 7.340   -5.485  -5.871  1.00 33.57 ? 268 HOH A O   1 
HETATM 1035 O O   . HOH B 2 .   ? 9.706   -4.004  11.440  1.00 31.81 ? 269 HOH A O   1 
HETATM 1036 O O   . HOH B 2 .   ? -9.485  -7.338  -4.559  1.00 38.49 ? 270 HOH A O   1 
HETATM 1037 O O   . HOH B 2 .   ? -1.979  9.490   4.240   1.00 26.45 ? 271 HOH A O   1 
HETATM 1038 O O   . HOH B 2 .   ? 3.050   10.416  9.862   1.00 29.91 ? 272 HOH A O   1 
HETATM 1039 O O   . HOH B 2 .   ? -5.597  14.638  5.161   1.00 44.37 ? 273 HOH A O   1 
HETATM 1040 O O   . HOH B 2 .   ? -10.868 0.047   -14.895 1.00 29.61 ? 274 HOH A O   1 
HETATM 1041 O O   . HOH B 2 .   ? 19.353  -3.305  9.302   1.00 47.19 ? 275 HOH A O   1 
HETATM 1042 O O   . HOH B 2 .   ? 17.346  -3.948  3.037   1.00 35.74 ? 276 HOH A O   1 
HETATM 1043 O O   . HOH B 2 .   ? -8.729  -6.281  6.287   1.00 30.64 ? 277 HOH A O   1 
HETATM 1044 O O   . HOH B 2 .   ? 0.466   11.844  -7.942  1.00 24.77 ? 278 HOH A O   1 
HETATM 1045 O O   . HOH B 2 .   ? 11.505  7.936   13.811  1.00 33.30 ? 279 HOH A O   1 
HETATM 1046 O O   . HOH B 2 .   ? 7.336   13.049  -0.630  1.00 40.34 ? 280 HOH A O   1 
HETATM 1047 O O   . HOH B 2 .   ? 11.052  0.811   -7.536  1.00 33.91 ? 281 HOH A O   1 
HETATM 1048 O O   . HOH B 2 .   ? 12.003  0.018   17.359  1.00 38.09 ? 282 HOH A O   1 
HETATM 1049 O O   . HOH B 2 .   ? -8.093  -11.510 10.064  1.00 46.54 ? 283 HOH A O   1 
HETATM 1050 O O   . HOH B 2 .   ? 3.202   -7.379  -10.544 1.00 40.31 ? 284 HOH A O   1 
HETATM 1051 O O   . HOH B 2 .   ? -4.192  -17.896 4.571   1.00 32.89 ? 285 HOH A O   1 
HETATM 1052 O O   . HOH B 2 .   ? -3.742  5.509   -18.007 1.00 45.03 ? 286 HOH A O   1 
HETATM 1053 O O   . HOH B 2 .   ? -5.748  2.977   5.507   1.00 35.74 ? 287 HOH A O   1 
HETATM 1054 O O   . HOH B 2 .   ? 9.373   -10.634 -3.152  1.00 46.97 ? 288 HOH A O   1 
HETATM 1055 O O   . HOH B 2 .   ? 8.094   -6.423  12.276  0.50 45.38 ? 289 HOH A O   1 
HETATM 1056 O O   . HOH B 2 .   ? -6.708  -13.066 -2.273  1.00 45.00 ? 290 HOH A O   1 
HETATM 1057 O O   . HOH B 2 .   ? 8.949   11.962  1.284   1.00 37.95 ? 291 HOH A O   1 
HETATM 1058 O O   . HOH B 2 .   ? -2.550  3.161   -18.274 1.00 43.87 ? 292 HOH A O   1 
HETATM 1059 O O   . HOH B 2 .   ? 4.723   -11.095 -3.252  1.00 40.90 ? 293 HOH A O   1 
HETATM 1060 O O   . HOH B 2 .   ? 4.153   -3.148  20.880  1.00 39.67 ? 294 HOH A O   1 
HETATM 1061 O O   . HOH B 2 .   ? -12.038 5.868   -16.654 1.00 48.32 ? 295 HOH A O   1 
HETATM 1062 O O   . HOH B 2 .   ? 14.918  0.987   11.402  1.00 42.54 ? 296 HOH A O   1 
HETATM 1063 O O   . HOH B 2 .   ? 4.155   -6.207  -13.427 1.00 45.84 ? 297 HOH A O   1 
HETATM 1064 O O   . HOH B 2 .   ? -17.230 -5.585  -3.726  1.00 44.41 ? 298 HOH A O   1 
HETATM 1065 O O   . HOH B 2 .   ? 15.554  2.147   7.681   1.00 43.44 ? 299 HOH A O   1 
HETATM 1066 O O   . HOH B 2 .   ? -8.261  4.321   5.701   1.00 34.10 ? 300 HOH A O   1 
HETATM 1067 O O   . HOH B 2 .   ? -9.925  -3.843  7.424   1.00 43.40 ? 301 HOH A O   1 
HETATM 1068 O O   . HOH B 2 .   ? 8.430   -8.071  9.943   0.50 42.13 ? 302 HOH A O   1 
HETATM 1069 O O   . HOH B 2 .   ? 12.340  14.256  3.050   1.00 39.03 ? 303 HOH A O   1 
HETATM 1070 O O   . HOH B 2 .   ? -5.775  -19.242 5.211   1.00 42.83 ? 304 HOH A O   1 
HETATM 1071 O O   . HOH B 2 .   ? -9.049  -5.423  8.761   1.00 48.21 ? 305 HOH A O   1 
HETATM 1072 O O   . HOH B 2 .   ? -6.198  15.282  7.339   1.00 43.42 ? 306 HOH A O   1 
# 
loop_
_pdbx_poly_seq_scheme.asym_id 
_pdbx_poly_seq_scheme.entity_id 
_pdbx_poly_seq_scheme.seq_id 
_pdbx_poly_seq_scheme.mon_id 
_pdbx_poly_seq_scheme.ndb_seq_num 
_pdbx_poly_seq_scheme.pdb_seq_num 
_pdbx_poly_seq_scheme.auth_seq_num 
_pdbx_poly_seq_scheme.pdb_mon_id 
_pdbx_poly_seq_scheme.auth_mon_id 
_pdbx_poly_seq_scheme.pdb_strand_id 
_pdbx_poly_seq_scheme.pdb_ins_code 
_pdbx_poly_seq_scheme.hetero 
A 1 1   HIS 1   29  29  HIS HIS A . n 
A 1 2   GLU 2   30  30  GLU GLU A . n 
A 1 3   TYR 3   31  31  TYR TYR A . n 
A 1 4   ALA 4   32  32  ALA ALA A . n 
A 1 5   VAL 5   33  33  VAL VAL A . n 
A 1 6   GLY 6   34  34  GLY GLY A . n 
A 1 7   LYS 7   35  35  LYS LYS A . n 
A 1 8   ILE 8   36  36  ILE ILE A . n 
A 1 9   LYS 9   37  37  LYS LYS A . n 
A 1 10  ILE 10  38  38  ILE ILE A . n 
A 1 11  GLU 11  39  39  GLU GLU A . n 
A 1 12  HIS 12  40  40  HIS HIS A . n 
A 1 13  PRO 13  41  41  PRO PRO A . n 
A 1 14  TRP 14  42  42  TRP TRP A . n 
A 1 15  LEU 15  43  43  LEU LEU A . n 
A 1 16  ARG 16  44  44  ARG ARG A . n 
A 1 17  ALA 17  45  45  ALA ALA A . n 
A 1 18  PRO 18  46  46  PRO PRO A . n 
A 1 19  LEU 19  47  47  LEU LEU A . n 
A 1 20  GLU 20  48  48  GLU GLU A . n 
A 1 21  GLY 21  49  49  GLY GLY A . n 
A 1 22  GLU 22  50  50  GLU GLU A . n 
A 1 23  THR 23  51  51  THR THR A . n 
A 1 24  ARG 24  52  52  ARG ARG A . n 
A 1 25  ALA 25  53  53  ALA ALA A . n 
A 1 26  GLN 26  54  54  GLN GLN A . n 
A 1 27  LEU 27  55  55  LEU LEU A . n 
A 1 28  TYR 28  56  56  TYR TYR A . n 
A 1 29  MET 29  57  57  MET MET A . n 
A 1 30  LEU 30  58  58  LEU LEU A . n 
A 1 31  VAL 31  59  59  VAL VAL A . n 
A 1 32  VAL 32  60  60  VAL VAL A . n 
A 1 33  ASN 33  61  61  ASN ASN A . n 
A 1 34  SER 34  62  62  SER SER A . n 
A 1 35  ALA 35  63  63  ALA ALA A . n 
A 1 36  ASP 36  64  64  ASP ASP A . n 
A 1 37  ARG 37  65  65  ARG ARG A . n 
A 1 38  PRO 38  66  66  PRO PRO A . n 
A 1 39  ASP 39  67  67  ASP ASP A . n 
A 1 40  ARG 40  68  68  ARG ARG A . n 
A 1 41  LEU 41  69  69  LEU LEU A . n 
A 1 42  ILE 42  70  70  ILE ILE A . n 
A 1 43  GLY 43  71  71  GLY GLY A . n 
A 1 44  VAL 44  72  72  VAL VAL A . n 
A 1 45  LYS 45  73  73  LYS LYS A . n 
A 1 46  SER 46  74  74  SER SER A . n 
A 1 47  ALA 47  75  75  ALA ALA A . n 
A 1 48  ASP 48  76  76  ASP ASP A . n 
A 1 49  PHE 49  77  77  PHE PHE A . n 
A 1 50  ARG 50  78  78  ARG ARG A . n 
A 1 51  SER 51  79  79  SER SER A . n 
A 1 52  VAL 52  80  80  VAL VAL A . n 
A 1 53  GLN 53  81  81  GLN GLN A . n 
A 1 54  PHE 54  82  82  PHE PHE A . n 
A 1 55  HIS 55  83  83  HIS HIS A . n 
A 1 56  ILE 56  84  84  ILE ILE A . n 
A 1 57  ALA 57  85  85  ALA ALA A . n 
A 1 58  PRO 58  86  86  PRO PRO A . n 
A 1 59  HIS 59  87  87  HIS HIS A . n 
A 1 60  LEU 60  88  88  LEU LEU A . n 
A 1 61  VAL 61  89  89  VAL VAL A . n 
A 1 62  ALA 62  90  90  ALA ALA A . n 
A 1 63  ARG 63  91  91  ARG ARG A . n 
A 1 64  GLU 64  92  92  GLU GLU A . n 
A 1 65  ASP 65  93  93  ASP ASP A . n 
A 1 66  ALA 66  94  94  ALA ALA A . n 
A 1 67  ILE 67  95  95  ILE ILE A . n 
A 1 68  TYR 68  96  96  TYR TYR A . n 
A 1 69  LEU 69  97  97  LEU LEU A . n 
A 1 70  PRO 70  98  98  PRO PRO A . n 
A 1 71  PRO 71  99  99  PRO PRO A . n 
A 1 72  LEU 72  100 100 LEU LEU A . n 
A 1 73  SER 73  101 101 SER SER A . n 
A 1 74  ARG 74  102 102 ARG ARG A . n 
A 1 75  VAL 75  103 103 VAL VAL A . n 
A 1 76  THR 76  104 104 THR THR A . n 
A 1 77  MET 77  105 105 MET MET A . n 
A 1 78  ALA 78  106 106 ALA ALA A . n 
A 1 79  PRO 79  107 107 PRO PRO A . n 
A 1 80  GLY 80  108 108 GLY GLY A . n 
A 1 81  GLY 81  109 109 GLY GLY A . n 
A 1 82  SER 82  110 110 SER SER A . n 
A 1 83  HIS 83  111 111 HIS HIS A . n 
A 1 84  VAL 84  112 112 VAL VAL A . n 
A 1 85  GLU 85  113 113 GLU GLU A . n 
A 1 86  LEU 86  114 114 LEU LEU A . n 
A 1 87  VAL 87  115 115 VAL VAL A . n 
A 1 88  ASP 88  116 116 ASP ASP A . n 
A 1 89  ILE 89  117 117 ILE ILE A . n 
A 1 90  SER 90  118 118 SER SER A . n 
A 1 91  LYS 91  119 119 LYS LYS A . n 
A 1 92  MET 92  120 120 MET MET A . n 
A 1 93  ASN 93  121 121 ASN ASN A . n 
A 1 94  PRO 94  122 122 PRO PRO A . n 
A 1 95  VAL 95  123 123 VAL VAL A . n 
A 1 96  GLY 96  124 124 GLY GLY A . n 
A 1 97  TRP 97  125 125 TRP TRP A . n 
A 1 98  ALA 98  126 126 ALA ALA A . n 
A 1 99  ALA 99  127 127 ALA ALA A . n 
A 1 100 GLU 100 128 128 GLU GLU A . n 
A 1 101 MET 101 129 129 MET MET A . n 
A 1 102 THR 102 130 130 THR THR A . n 
A 1 103 LEU 103 131 131 LEU LEU A . n 
A 1 104 VAL 104 132 132 VAL VAL A . n 
A 1 105 PHE 105 133 133 PHE PHE A . n 
A 1 106 GLU 106 134 134 GLU GLU A . n 
A 1 107 LYS 107 135 135 LYS LYS A . n 
A 1 108 ALA 108 136 136 ALA ALA A . n 
A 1 109 GLY 109 137 137 GLY GLY A . n 
A 1 110 GLU 110 138 138 GLU GLU A . n 
A 1 111 VAL 111 139 139 VAL VAL A . n 
A 1 112 THR 112 140 140 THR THR A . n 
A 1 113 ILE 113 141 141 ILE ILE A . n 
A 1 114 ASP 114 142 142 ASP ASP A . n 
A 1 115 ALA 115 143 143 ALA ALA A . n 
A 1 116 ALA 116 144 144 ALA ALA A . n 
A 1 117 VAL 117 145 145 VAL VAL A . n 
A 1 118 GLU 118 146 146 GLU GLU A . n 
A 1 119 ALA 119 147 147 ALA ALA A . n 
A 1 120 PRO 120 148 148 PRO PRO A . n 
A 1 121 ASP 121 149 149 ASP ASP A . n 
A 1 122 ALA 122 150 150 ALA ALA A . n 
A 1 123 MET 123 151 151 MET MET A . n 
A 1 124 HIS 124 152 152 HIS HIS A . n 
A 1 125 ALA 125 153 153 ALA ALA A . n 
A 1 126 HIS 126 154 ?   ?   ?   A . n 
A 1 127 ASP 127 155 ?   ?   ?   A . n 
A 1 128 ALA 128 156 ?   ?   ?   A . n 
A 1 129 GLU 129 157 ?   ?   ?   A . n 
A 1 130 ALA 130 158 ?   ?   ?   A . n 
A 1 131 MET 131 159 ?   ?   ?   A . n 
# 
loop_
_pdbx_nonpoly_scheme.asym_id 
_pdbx_nonpoly_scheme.entity_id 
_pdbx_nonpoly_scheme.mon_id 
_pdbx_nonpoly_scheme.ndb_seq_num 
_pdbx_nonpoly_scheme.pdb_seq_num 
_pdbx_nonpoly_scheme.auth_seq_num 
_pdbx_nonpoly_scheme.pdb_mon_id 
_pdbx_nonpoly_scheme.auth_mon_id 
_pdbx_nonpoly_scheme.pdb_strand_id 
_pdbx_nonpoly_scheme.pdb_ins_code 
B 2 HOH 1   201 5   HOH HOH A . 
B 2 HOH 2   202 42  HOH HOH A . 
B 2 HOH 3   203 6   HOH HOH A . 
B 2 HOH 4   204 54  HOH HOH A . 
B 2 HOH 5   205 56  HOH HOH A . 
B 2 HOH 6   206 30  HOH HOH A . 
B 2 HOH 7   207 49  HOH HOH A . 
B 2 HOH 8   208 85  HOH HOH A . 
B 2 HOH 9   209 90  HOH HOH A . 
B 2 HOH 10  210 16  HOH HOH A . 
B 2 HOH 11  211 29  HOH HOH A . 
B 2 HOH 12  212 3   HOH HOH A . 
B 2 HOH 13  213 39  HOH HOH A . 
B 2 HOH 14  214 41  HOH HOH A . 
B 2 HOH 15  215 47  HOH HOH A . 
B 2 HOH 16  216 15  HOH HOH A . 
B 2 HOH 17  217 110 HOH HOH A . 
B 2 HOH 18  218 67  HOH HOH A . 
B 2 HOH 19  219 44  HOH HOH A . 
B 2 HOH 20  220 105 HOH HOH A . 
B 2 HOH 21  221 91  HOH HOH A . 
B 2 HOH 22  222 45  HOH HOH A . 
B 2 HOH 23  223 33  HOH HOH A . 
B 2 HOH 24  224 108 HOH HOH A . 
B 2 HOH 25  225 66  HOH HOH A . 
B 2 HOH 26  226 94  HOH HOH A . 
B 2 HOH 27  227 102 HOH HOH A . 
B 2 HOH 28  228 17  HOH HOH A . 
B 2 HOH 29  229 2   HOH HOH A . 
B 2 HOH 30  230 31  HOH HOH A . 
B 2 HOH 31  231 68  HOH HOH A . 
B 2 HOH 32  232 58  HOH HOH A . 
B 2 HOH 33  233 34  HOH HOH A . 
B 2 HOH 34  234 99  HOH HOH A . 
B 2 HOH 35  235 38  HOH HOH A . 
B 2 HOH 36  236 43  HOH HOH A . 
B 2 HOH 37  237 79  HOH HOH A . 
B 2 HOH 38  238 52  HOH HOH A . 
B 2 HOH 39  239 55  HOH HOH A . 
B 2 HOH 40  240 4   HOH HOH A . 
B 2 HOH 41  241 28  HOH HOH A . 
B 2 HOH 42  242 57  HOH HOH A . 
B 2 HOH 43  243 81  HOH HOH A . 
B 2 HOH 44  244 25  HOH HOH A . 
B 2 HOH 45  245 10  HOH HOH A . 
B 2 HOH 46  246 27  HOH HOH A . 
B 2 HOH 47  247 21  HOH HOH A . 
B 2 HOH 48  248 65  HOH HOH A . 
B 2 HOH 49  249 97  HOH HOH A . 
B 2 HOH 50  250 13  HOH HOH A . 
B 2 HOH 51  251 75  HOH HOH A . 
B 2 HOH 52  252 76  HOH HOH A . 
B 2 HOH 53  253 37  HOH HOH A . 
B 2 HOH 54  254 8   HOH HOH A . 
B 2 HOH 55  255 35  HOH HOH A . 
B 2 HOH 56  256 1   HOH HOH A . 
B 2 HOH 57  257 101 HOH HOH A . 
B 2 HOH 58  258 61  HOH HOH A . 
B 2 HOH 59  259 32  HOH HOH A . 
B 2 HOH 60  260 26  HOH HOH A . 
B 2 HOH 61  261 84  HOH HOH A . 
B 2 HOH 62  262 12  HOH HOH A . 
B 2 HOH 63  263 23  HOH HOH A . 
B 2 HOH 64  264 20  HOH HOH A . 
B 2 HOH 65  265 86  HOH HOH A . 
B 2 HOH 66  266 70  HOH HOH A . 
B 2 HOH 67  267 9   HOH HOH A . 
B 2 HOH 68  268 106 HOH HOH A . 
B 2 HOH 69  269 11  HOH HOH A . 
B 2 HOH 70  270 48  HOH HOH A . 
B 2 HOH 71  271 80  HOH HOH A . 
B 2 HOH 72  272 19  HOH HOH A . 
B 2 HOH 73  273 73  HOH HOH A . 
B 2 HOH 74  274 22  HOH HOH A . 
B 2 HOH 75  275 109 HOH HOH A . 
B 2 HOH 76  276 69  HOH HOH A . 
B 2 HOH 77  277 14  HOH HOH A . 
B 2 HOH 78  278 18  HOH HOH A . 
B 2 HOH 79  279 50  HOH HOH A . 
B 2 HOH 80  280 62  HOH HOH A . 
B 2 HOH 81  281 24  HOH HOH A . 
B 2 HOH 82  282 63  HOH HOH A . 
B 2 HOH 83  283 92  HOH HOH A . 
B 2 HOH 84  284 100 HOH HOH A . 
B 2 HOH 85  285 36  HOH HOH A . 
B 2 HOH 86  286 96  HOH HOH A . 
B 2 HOH 87  287 77  HOH HOH A . 
B 2 HOH 88  288 98  HOH HOH A . 
B 2 HOH 89  289 93  HOH HOH A . 
B 2 HOH 90  290 53  HOH HOH A . 
B 2 HOH 91  291 51  HOH HOH A . 
B 2 HOH 92  292 82  HOH HOH A . 
B 2 HOH 93  293 71  HOH HOH A . 
B 2 HOH 94  294 72  HOH HOH A . 
B 2 HOH 95  295 74  HOH HOH A . 
B 2 HOH 96  296 88  HOH HOH A . 
B 2 HOH 97  297 46  HOH HOH A . 
B 2 HOH 98  298 103 HOH HOH A . 
B 2 HOH 99  299 104 HOH HOH A . 
B 2 HOH 100 300 95  HOH HOH A . 
B 2 HOH 101 301 78  HOH HOH A . 
B 2 HOH 102 302 107 HOH HOH A . 
B 2 HOH 103 303 40  HOH HOH A . 
B 2 HOH 104 304 83  HOH HOH A . 
B 2 HOH 105 305 89  HOH HOH A . 
B 2 HOH 106 306 60  HOH HOH A . 
# 
_pdbx_struct_assembly.id                   1 
_pdbx_struct_assembly.details              author_and_software_defined_assembly 
_pdbx_struct_assembly.method_details       PISA 
_pdbx_struct_assembly.oligomeric_details   monomeric 
_pdbx_struct_assembly.oligomeric_count     1 
# 
_pdbx_struct_assembly_gen.assembly_id       1 
_pdbx_struct_assembly_gen.oper_expression   1 
_pdbx_struct_assembly_gen.asym_id_list      A,B 
# 
loop_
_pdbx_struct_assembly_prop.biol_id 
_pdbx_struct_assembly_prop.type 
_pdbx_struct_assembly_prop.value 
_pdbx_struct_assembly_prop.details 
1 'ABSA (A^2)' 0    ? 
1 MORE         0    ? 
1 'SSA (A^2)'  6780 ? 
# 
_pdbx_struct_oper_list.id                   1 
_pdbx_struct_oper_list.type                 'identity operation' 
_pdbx_struct_oper_list.name                 1_555 
_pdbx_struct_oper_list.symmetry_operation   x,y,z 
_pdbx_struct_oper_list.matrix[1][1]         1.0000000000 
_pdbx_struct_oper_list.matrix[1][2]         0.0000000000 
_pdbx_struct_oper_list.matrix[1][3]         0.0000000000 
_pdbx_struct_oper_list.vector[1]            0.0000000000 
_pdbx_struct_oper_list.matrix[2][1]         0.0000000000 
_pdbx_struct_oper_list.matrix[2][2]         1.0000000000 
_pdbx_struct_oper_list.matrix[2][3]         0.0000000000 
_pdbx_struct_oper_list.vector[2]            0.0000000000 
_pdbx_struct_oper_list.matrix[3][1]         0.0000000000 
_pdbx_struct_oper_list.matrix[3][2]         0.0000000000 
_pdbx_struct_oper_list.matrix[3][3]         1.0000000000 
_pdbx_struct_oper_list.vector[3]            0.0000000000 
# 
loop_
_pdbx_struct_special_symmetry.id 
_pdbx_struct_special_symmetry.PDB_model_num 
_pdbx_struct_special_symmetry.auth_asym_id 
_pdbx_struct_special_symmetry.auth_comp_id 
_pdbx_struct_special_symmetry.auth_seq_id 
_pdbx_struct_special_symmetry.PDB_ins_code 
_pdbx_struct_special_symmetry.label_asym_id 
_pdbx_struct_special_symmetry.label_comp_id 
_pdbx_struct_special_symmetry.label_seq_id 
1 1 A HOH 289 ? B HOH . 
2 1 A HOH 302 ? B HOH . 
# 
loop_
_pdbx_audit_revision_history.ordinal 
_pdbx_audit_revision_history.data_content_type 
_pdbx_audit_revision_history.major_revision 
_pdbx_audit_revision_history.minor_revision 
_pdbx_audit_revision_history.revision_date 
1 'Structure model' 1 0 2019-09-25 
2 'Structure model' 1 1 2019-10-02 
3 'Structure model' 1 2 2019-11-13 
4 'Structure model' 1 3 2019-12-04 
5 'Structure model' 1 4 2023-10-11 
# 
_pdbx_audit_revision_details.ordinal             1 
_pdbx_audit_revision_details.revision_ordinal    1 
_pdbx_audit_revision_details.data_content_type   'Structure model' 
_pdbx_audit_revision_details.provider            repository 
_pdbx_audit_revision_details.type                'Initial release' 
_pdbx_audit_revision_details.description         ? 
_pdbx_audit_revision_details.details             ? 
# 
loop_
_pdbx_audit_revision_group.ordinal 
_pdbx_audit_revision_group.revision_ordinal 
_pdbx_audit_revision_group.data_content_type 
_pdbx_audit_revision_group.group 
1 2 'Structure model' 'Data collection'            
2 2 'Structure model' 'Database references'        
3 3 'Structure model' 'Database references'        
4 4 'Structure model' 'Author supporting evidence' 
5 5 'Structure model' 'Data collection'            
6 5 'Structure model' 'Database references'        
7 5 'Structure model' 'Refinement description'     
# 
loop_
_pdbx_audit_revision_category.ordinal 
_pdbx_audit_revision_category.revision_ordinal 
_pdbx_audit_revision_category.data_content_type 
_pdbx_audit_revision_category.category 
1 2 'Structure model' citation                      
2 2 'Structure model' citation_author               
3 3 'Structure model' citation                      
4 4 'Structure model' pdbx_audit_support            
5 5 'Structure model' chem_comp_atom                
6 5 'Structure model' chem_comp_bond                
7 5 'Structure model' database_2                    
8 5 'Structure model' pdbx_initial_refinement_model 
# 
loop_
_pdbx_audit_revision_item.ordinal 
_pdbx_audit_revision_item.revision_ordinal 
_pdbx_audit_revision_item.data_content_type 
_pdbx_audit_revision_item.item 
1  2 'Structure model' '_citation.country'                        
2  2 'Structure model' '_citation.journal_abbrev'                 
3  2 'Structure model' '_citation.journal_id_ASTM'                
4  2 'Structure model' '_citation.journal_id_CSD'                 
5  2 'Structure model' '_citation.journal_id_ISSN'                
6  2 'Structure model' '_citation.pdbx_database_id_DOI'           
7  2 'Structure model' '_citation.pdbx_database_id_PubMed'        
8  2 'Structure model' '_citation.title'                          
9  2 'Structure model' '_citation.year'                           
10 2 'Structure model' '_citation_author.identifier_ORCID'        
11 3 'Structure model' '_citation.journal_volume'                 
12 3 'Structure model' '_citation.page_first'                     
13 3 'Structure model' '_citation.page_last'                      
14 4 'Structure model' '_pdbx_audit_support.funding_organization' 
15 5 'Structure model' '_database_2.pdbx_DOI'                     
16 5 'Structure model' '_database_2.pdbx_database_accession'      
# 
loop_
_software.citation_id 
_software.classification 
_software.compiler_name 
_software.compiler_version 
_software.contact_author 
_software.contact_author_email 
_software.date 
_software.description 
_software.dependencies 
_software.hardware 
_software.language 
_software.location 
_software.mods 
_software.name 
_software.os 
_software.os_version 
_software.type 
_software.version 
_software.pdbx_ordinal 
? refinement        ? ? ? ? ? ? ? ? ? ? ? PHENIX      ? ? ? 1.8.3_1479 1 
? 'data scaling'    ? ? ? ? ? ? ? ? ? ? ? XDS         ? ? ? .          2 
? 'data extraction' ? ? ? ? ? ? ? ? ? ? ? PDB_EXTRACT ? ? ? 3.25       3 
? 'data reduction'  ? ? ? ? ? ? ? ? ? ? ? XDS         ? ? ? .          4 
? phasing           ? ? ? ? ? ? ? ? ? ? ? PHENIX      ? ? ? .          5 
# 
_pdbx_validate_close_contact.id               1 
_pdbx_validate_close_contact.PDB_model_num    1 
_pdbx_validate_close_contact.auth_atom_id_1   O 
_pdbx_validate_close_contact.auth_asym_id_1   A 
_pdbx_validate_close_contact.auth_comp_id_1   HOH 
_pdbx_validate_close_contact.auth_seq_id_1    285 
_pdbx_validate_close_contact.PDB_ins_code_1   ? 
_pdbx_validate_close_contact.label_alt_id_1   ? 
_pdbx_validate_close_contact.auth_atom_id_2   O 
_pdbx_validate_close_contact.auth_asym_id_2   A 
_pdbx_validate_close_contact.auth_comp_id_2   HOH 
_pdbx_validate_close_contact.auth_seq_id_2    304 
_pdbx_validate_close_contact.PDB_ins_code_2   ? 
_pdbx_validate_close_contact.label_alt_id_2   ? 
_pdbx_validate_close_contact.dist             2.17 
# 
_pdbx_validate_torsion.id              1 
_pdbx_validate_torsion.PDB_model_num   1 
_pdbx_validate_torsion.auth_comp_id    HIS 
_pdbx_validate_torsion.auth_asym_id    A 
_pdbx_validate_torsion.auth_seq_id     87 
_pdbx_validate_torsion.PDB_ins_code    ? 
_pdbx_validate_torsion.label_alt_id    ? 
_pdbx_validate_torsion.phi             68.89 
_pdbx_validate_torsion.psi             77.75 
# 
loop_
_pdbx_unobs_or_zero_occ_residues.id 
_pdbx_unobs_or_zero_occ_residues.PDB_model_num 
_pdbx_unobs_or_zero_occ_residues.polymer_flag 
_pdbx_unobs_or_zero_occ_residues.occupancy_flag 
_pdbx_unobs_or_zero_occ_residues.auth_asym_id 
_pdbx_unobs_or_zero_occ_residues.auth_comp_id 
_pdbx_unobs_or_zero_occ_residues.auth_seq_id 
_pdbx_unobs_or_zero_occ_residues.PDB_ins_code 
_pdbx_unobs_or_zero_occ_residues.label_asym_id 
_pdbx_unobs_or_zero_occ_residues.label_comp_id 
_pdbx_unobs_or_zero_occ_residues.label_seq_id 
1 1 Y 1 A HIS 154 ? A HIS 126 
2 1 Y 1 A ASP 155 ? A ASP 127 
3 1 Y 1 A ALA 156 ? A ALA 128 
4 1 Y 1 A GLU 157 ? A GLU 129 
5 1 Y 1 A ALA 158 ? A ALA 130 
6 1 Y 1 A MET 159 ? A MET 131 
# 
loop_
_chem_comp_atom.comp_id 
_chem_comp_atom.atom_id 
_chem_comp_atom.type_symbol 
_chem_comp_atom.pdbx_aromatic_flag 
_chem_comp_atom.pdbx_stereo_config 
_chem_comp_atom.pdbx_ordinal 
ALA N    N N N 1   
ALA CA   C N S 2   
ALA C    C N N 3   
ALA O    O N N 4   
ALA CB   C N N 5   
ALA OXT  O N N 6   
ALA H    H N N 7   
ALA H2   H N N 8   
ALA HA   H N N 9   
ALA HB1  H N N 10  
ALA HB2  H N N 11  
ALA HB3  H N N 12  
ALA HXT  H N N 13  
ARG N    N N N 14  
ARG CA   C N S 15  
ARG C    C N N 16  
ARG O    O N N 17  
ARG CB   C N N 18  
ARG CG   C N N 19  
ARG CD   C N N 20  
ARG NE   N N N 21  
ARG CZ   C N N 22  
ARG NH1  N N N 23  
ARG NH2  N N N 24  
ARG OXT  O N N 25  
ARG H    H N N 26  
ARG H2   H N N 27  
ARG HA   H N N 28  
ARG HB2  H N N 29  
ARG HB3  H N N 30  
ARG HG2  H N N 31  
ARG HG3  H N N 32  
ARG HD2  H N N 33  
ARG HD3  H N N 34  
ARG HE   H N N 35  
ARG HH11 H N N 36  
ARG HH12 H N N 37  
ARG HH21 H N N 38  
ARG HH22 H N N 39  
ARG HXT  H N N 40  
ASN N    N N N 41  
ASN CA   C N S 42  
ASN C    C N N 43  
ASN O    O N N 44  
ASN CB   C N N 45  
ASN CG   C N N 46  
ASN OD1  O N N 47  
ASN ND2  N N N 48  
ASN OXT  O N N 49  
ASN H    H N N 50  
ASN H2   H N N 51  
ASN HA   H N N 52  
ASN HB2  H N N 53  
ASN HB3  H N N 54  
ASN HD21 H N N 55  
ASN HD22 H N N 56  
ASN HXT  H N N 57  
ASP N    N N N 58  
ASP CA   C N S 59  
ASP C    C N N 60  
ASP O    O N N 61  
ASP CB   C N N 62  
ASP CG   C N N 63  
ASP OD1  O N N 64  
ASP OD2  O N N 65  
ASP OXT  O N N 66  
ASP H    H N N 67  
ASP H2   H N N 68  
ASP HA   H N N 69  
ASP HB2  H N N 70  
ASP HB3  H N N 71  
ASP HD2  H N N 72  
ASP HXT  H N N 73  
GLN N    N N N 74  
GLN CA   C N S 75  
GLN C    C N N 76  
GLN O    O N N 77  
GLN CB   C N N 78  
GLN CG   C N N 79  
GLN CD   C N N 80  
GLN OE1  O N N 81  
GLN NE2  N N N 82  
GLN OXT  O N N 83  
GLN H    H N N 84  
GLN H2   H N N 85  
GLN HA   H N N 86  
GLN HB2  H N N 87  
GLN HB3  H N N 88  
GLN HG2  H N N 89  
GLN HG3  H N N 90  
GLN HE21 H N N 91  
GLN HE22 H N N 92  
GLN HXT  H N N 93  
GLU N    N N N 94  
GLU CA   C N S 95  
GLU C    C N N 96  
GLU O    O N N 97  
GLU CB   C N N 98  
GLU CG   C N N 99  
GLU CD   C N N 100 
GLU OE1  O N N 101 
GLU OE2  O N N 102 
GLU OXT  O N N 103 
GLU H    H N N 104 
GLU H2   H N N 105 
GLU HA   H N N 106 
GLU HB2  H N N 107 
GLU HB3  H N N 108 
GLU HG2  H N N 109 
GLU HG3  H N N 110 
GLU HE2  H N N 111 
GLU HXT  H N N 112 
GLY N    N N N 113 
GLY CA   C N N 114 
GLY C    C N N 115 
GLY O    O N N 116 
GLY OXT  O N N 117 
GLY H    H N N 118 
GLY H2   H N N 119 
GLY HA2  H N N 120 
GLY HA3  H N N 121 
GLY HXT  H N N 122 
HIS N    N N N 123 
HIS CA   C N S 124 
HIS C    C N N 125 
HIS O    O N N 126 
HIS CB   C N N 127 
HIS CG   C Y N 128 
HIS ND1  N Y N 129 
HIS CD2  C Y N 130 
HIS CE1  C Y N 131 
HIS NE2  N Y N 132 
HIS OXT  O N N 133 
HIS H    H N N 134 
HIS H2   H N N 135 
HIS HA   H N N 136 
HIS HB2  H N N 137 
HIS HB3  H N N 138 
HIS HD1  H N N 139 
HIS HD2  H N N 140 
HIS HE1  H N N 141 
HIS HE2  H N N 142 
HIS HXT  H N N 143 
HOH O    O N N 144 
HOH H1   H N N 145 
HOH H2   H N N 146 
ILE N    N N N 147 
ILE CA   C N S 148 
ILE C    C N N 149 
ILE O    O N N 150 
ILE CB   C N S 151 
ILE CG1  C N N 152 
ILE CG2  C N N 153 
ILE CD1  C N N 154 
ILE OXT  O N N 155 
ILE H    H N N 156 
ILE H2   H N N 157 
ILE HA   H N N 158 
ILE HB   H N N 159 
ILE HG12 H N N 160 
ILE HG13 H N N 161 
ILE HG21 H N N 162 
ILE HG22 H N N 163 
ILE HG23 H N N 164 
ILE HD11 H N N 165 
ILE HD12 H N N 166 
ILE HD13 H N N 167 
ILE HXT  H N N 168 
LEU N    N N N 169 
LEU CA   C N S 170 
LEU C    C N N 171 
LEU O    O N N 172 
LEU CB   C N N 173 
LEU CG   C N N 174 
LEU CD1  C N N 175 
LEU CD2  C N N 176 
LEU OXT  O N N 177 
LEU H    H N N 178 
LEU H2   H N N 179 
LEU HA   H N N 180 
LEU HB2  H N N 181 
LEU HB3  H N N 182 
LEU HG   H N N 183 
LEU HD11 H N N 184 
LEU HD12 H N N 185 
LEU HD13 H N N 186 
LEU HD21 H N N 187 
LEU HD22 H N N 188 
LEU HD23 H N N 189 
LEU HXT  H N N 190 
LYS N    N N N 191 
LYS CA   C N S 192 
LYS C    C N N 193 
LYS O    O N N 194 
LYS CB   C N N 195 
LYS CG   C N N 196 
LYS CD   C N N 197 
LYS CE   C N N 198 
LYS NZ   N N N 199 
LYS OXT  O N N 200 
LYS H    H N N 201 
LYS H2   H N N 202 
LYS HA   H N N 203 
LYS HB2  H N N 204 
LYS HB3  H N N 205 
LYS HG2  H N N 206 
LYS HG3  H N N 207 
LYS HD2  H N N 208 
LYS HD3  H N N 209 
LYS HE2  H N N 210 
LYS HE3  H N N 211 
LYS HZ1  H N N 212 
LYS HZ2  H N N 213 
LYS HZ3  H N N 214 
LYS HXT  H N N 215 
MET N    N N N 216 
MET CA   C N S 217 
MET C    C N N 218 
MET O    O N N 219 
MET CB   C N N 220 
MET CG   C N N 221 
MET SD   S N N 222 
MET CE   C N N 223 
MET OXT  O N N 224 
MET H    H N N 225 
MET H2   H N N 226 
MET HA   H N N 227 
MET HB2  H N N 228 
MET HB3  H N N 229 
MET HG2  H N N 230 
MET HG3  H N N 231 
MET HE1  H N N 232 
MET HE2  H N N 233 
MET HE3  H N N 234 
MET HXT  H N N 235 
PHE N    N N N 236 
PHE CA   C N S 237 
PHE C    C N N 238 
PHE O    O N N 239 
PHE CB   C N N 240 
PHE CG   C Y N 241 
PHE CD1  C Y N 242 
PHE CD2  C Y N 243 
PHE CE1  C Y N 244 
PHE CE2  C Y N 245 
PHE CZ   C Y N 246 
PHE OXT  O N N 247 
PHE H    H N N 248 
PHE H2   H N N 249 
PHE HA   H N N 250 
PHE HB2  H N N 251 
PHE HB3  H N N 252 
PHE HD1  H N N 253 
PHE HD2  H N N 254 
PHE HE1  H N N 255 
PHE HE2  H N N 256 
PHE HZ   H N N 257 
PHE HXT  H N N 258 
PRO N    N N N 259 
PRO CA   C N S 260 
PRO C    C N N 261 
PRO O    O N N 262 
PRO CB   C N N 263 
PRO CG   C N N 264 
PRO CD   C N N 265 
PRO OXT  O N N 266 
PRO H    H N N 267 
PRO HA   H N N 268 
PRO HB2  H N N 269 
PRO HB3  H N N 270 
PRO HG2  H N N 271 
PRO HG3  H N N 272 
PRO HD2  H N N 273 
PRO HD3  H N N 274 
PRO HXT  H N N 275 
SER N    N N N 276 
SER CA   C N S 277 
SER C    C N N 278 
SER O    O N N 279 
SER CB   C N N 280 
SER OG   O N N 281 
SER OXT  O N N 282 
SER H    H N N 283 
SER H2   H N N 284 
SER HA   H N N 285 
SER HB2  H N N 286 
SER HB3  H N N 287 
SER HG   H N N 288 
SER HXT  H N N 289 
THR N    N N N 290 
THR CA   C N S 291 
THR C    C N N 292 
THR O    O N N 293 
THR CB   C N R 294 
THR OG1  O N N 295 
THR CG2  C N N 296 
THR OXT  O N N 297 
THR H    H N N 298 
THR H2   H N N 299 
THR HA   H N N 300 
THR HB   H N N 301 
THR HG1  H N N 302 
THR HG21 H N N 303 
THR HG22 H N N 304 
THR HG23 H N N 305 
THR HXT  H N N 306 
TRP N    N N N 307 
TRP CA   C N S 308 
TRP C    C N N 309 
TRP O    O N N 310 
TRP CB   C N N 311 
TRP CG   C Y N 312 
TRP CD1  C Y N 313 
TRP CD2  C Y N 314 
TRP NE1  N Y N 315 
TRP CE2  C Y N 316 
TRP CE3  C Y N 317 
TRP CZ2  C Y N 318 
TRP CZ3  C Y N 319 
TRP CH2  C Y N 320 
TRP OXT  O N N 321 
TRP H    H N N 322 
TRP H2   H N N 323 
TRP HA   H N N 324 
TRP HB2  H N N 325 
TRP HB3  H N N 326 
TRP HD1  H N N 327 
TRP HE1  H N N 328 
TRP HE3  H N N 329 
TRP HZ2  H N N 330 
TRP HZ3  H N N 331 
TRP HH2  H N N 332 
TRP HXT  H N N 333 
TYR N    N N N 334 
TYR CA   C N S 335 
TYR C    C N N 336 
TYR O    O N N 337 
TYR CB   C N N 338 
TYR CG   C Y N 339 
TYR CD1  C Y N 340 
TYR CD2  C Y N 341 
TYR CE1  C Y N 342 
TYR CE2  C Y N 343 
TYR CZ   C Y N 344 
TYR OH   O N N 345 
TYR OXT  O N N 346 
TYR H    H N N 347 
TYR H2   H N N 348 
TYR HA   H N N 349 
TYR HB2  H N N 350 
TYR HB3  H N N 351 
TYR HD1  H N N 352 
TYR HD2  H N N 353 
TYR HE1  H N N 354 
TYR HE2  H N N 355 
TYR HH   H N N 356 
TYR HXT  H N N 357 
VAL N    N N N 358 
VAL CA   C N S 359 
VAL C    C N N 360 
VAL O    O N N 361 
VAL CB   C N N 362 
VAL CG1  C N N 363 
VAL CG2  C N N 364 
VAL OXT  O N N 365 
VAL H    H N N 366 
VAL H2   H N N 367 
VAL HA   H N N 368 
VAL HB   H N N 369 
VAL HG11 H N N 370 
VAL HG12 H N N 371 
VAL HG13 H N N 372 
VAL HG21 H N N 373 
VAL HG22 H N N 374 
VAL HG23 H N N 375 
VAL HXT  H N N 376 
# 
loop_
_chem_comp_bond.comp_id 
_chem_comp_bond.atom_id_1 
_chem_comp_bond.atom_id_2 
_chem_comp_bond.value_order 
_chem_comp_bond.pdbx_aromatic_flag 
_chem_comp_bond.pdbx_stereo_config 
_chem_comp_bond.pdbx_ordinal 
ALA N   CA   sing N N 1   
ALA N   H    sing N N 2   
ALA N   H2   sing N N 3   
ALA CA  C    sing N N 4   
ALA CA  CB   sing N N 5   
ALA CA  HA   sing N N 6   
ALA C   O    doub N N 7   
ALA C   OXT  sing N N 8   
ALA CB  HB1  sing N N 9   
ALA CB  HB2  sing N N 10  
ALA CB  HB3  sing N N 11  
ALA OXT HXT  sing N N 12  
ARG N   CA   sing N N 13  
ARG N   H    sing N N 14  
ARG N   H2   sing N N 15  
ARG CA  C    sing N N 16  
ARG CA  CB   sing N N 17  
ARG CA  HA   sing N N 18  
ARG C   O    doub N N 19  
ARG C   OXT  sing N N 20  
ARG CB  CG   sing N N 21  
ARG CB  HB2  sing N N 22  
ARG CB  HB3  sing N N 23  
ARG CG  CD   sing N N 24  
ARG CG  HG2  sing N N 25  
ARG CG  HG3  sing N N 26  
ARG CD  NE   sing N N 27  
ARG CD  HD2  sing N N 28  
ARG CD  HD3  sing N N 29  
ARG NE  CZ   sing N N 30  
ARG NE  HE   sing N N 31  
ARG CZ  NH1  sing N N 32  
ARG CZ  NH2  doub N N 33  
ARG NH1 HH11 sing N N 34  
ARG NH1 HH12 sing N N 35  
ARG NH2 HH21 sing N N 36  
ARG NH2 HH22 sing N N 37  
ARG OXT HXT  sing N N 38  
ASN N   CA   sing N N 39  
ASN N   H    sing N N 40  
ASN N   H2   sing N N 41  
ASN CA  C    sing N N 42  
ASN CA  CB   sing N N 43  
ASN CA  HA   sing N N 44  
ASN C   O    doub N N 45  
ASN C   OXT  sing N N 46  
ASN CB  CG   sing N N 47  
ASN CB  HB2  sing N N 48  
ASN CB  HB3  sing N N 49  
ASN CG  OD1  doub N N 50  
ASN CG  ND2  sing N N 51  
ASN ND2 HD21 sing N N 52  
ASN ND2 HD22 sing N N 53  
ASN OXT HXT  sing N N 54  
ASP N   CA   sing N N 55  
ASP N   H    sing N N 56  
ASP N   H2   sing N N 57  
ASP CA  C    sing N N 58  
ASP CA  CB   sing N N 59  
ASP CA  HA   sing N N 60  
ASP C   O    doub N N 61  
ASP C   OXT  sing N N 62  
ASP CB  CG   sing N N 63  
ASP CB  HB2  sing N N 64  
ASP CB  HB3  sing N N 65  
ASP CG  OD1  doub N N 66  
ASP CG  OD2  sing N N 67  
ASP OD2 HD2  sing N N 68  
ASP OXT HXT  sing N N 69  
GLN N   CA   sing N N 70  
GLN N   H    sing N N 71  
GLN N   H2   sing N N 72  
GLN CA  C    sing N N 73  
GLN CA  CB   sing N N 74  
GLN CA  HA   sing N N 75  
GLN C   O    doub N N 76  
GLN C   OXT  sing N N 77  
GLN CB  CG   sing N N 78  
GLN CB  HB2  sing N N 79  
GLN CB  HB3  sing N N 80  
GLN CG  CD   sing N N 81  
GLN CG  HG2  sing N N 82  
GLN CG  HG3  sing N N 83  
GLN CD  OE1  doub N N 84  
GLN CD  NE2  sing N N 85  
GLN NE2 HE21 sing N N 86  
GLN NE2 HE22 sing N N 87  
GLN OXT HXT  sing N N 88  
GLU N   CA   sing N N 89  
GLU N   H    sing N N 90  
GLU N   H2   sing N N 91  
GLU CA  C    sing N N 92  
GLU CA  CB   sing N N 93  
GLU CA  HA   sing N N 94  
GLU C   O    doub N N 95  
GLU C   OXT  sing N N 96  
GLU CB  CG   sing N N 97  
GLU CB  HB2  sing N N 98  
GLU CB  HB3  sing N N 99  
GLU CG  CD   sing N N 100 
GLU CG  HG2  sing N N 101 
GLU CG  HG3  sing N N 102 
GLU CD  OE1  doub N N 103 
GLU CD  OE2  sing N N 104 
GLU OE2 HE2  sing N N 105 
GLU OXT HXT  sing N N 106 
GLY N   CA   sing N N 107 
GLY N   H    sing N N 108 
GLY N   H2   sing N N 109 
GLY CA  C    sing N N 110 
GLY CA  HA2  sing N N 111 
GLY CA  HA3  sing N N 112 
GLY C   O    doub N N 113 
GLY C   OXT  sing N N 114 
GLY OXT HXT  sing N N 115 
HIS N   CA   sing N N 116 
HIS N   H    sing N N 117 
HIS N   H2   sing N N 118 
HIS CA  C    sing N N 119 
HIS CA  CB   sing N N 120 
HIS CA  HA   sing N N 121 
HIS C   O    doub N N 122 
HIS C   OXT  sing N N 123 
HIS CB  CG   sing N N 124 
HIS CB  HB2  sing N N 125 
HIS CB  HB3  sing N N 126 
HIS CG  ND1  sing Y N 127 
HIS CG  CD2  doub Y N 128 
HIS ND1 CE1  doub Y N 129 
HIS ND1 HD1  sing N N 130 
HIS CD2 NE2  sing Y N 131 
HIS CD2 HD2  sing N N 132 
HIS CE1 NE2  sing Y N 133 
HIS CE1 HE1  sing N N 134 
HIS NE2 HE2  sing N N 135 
HIS OXT HXT  sing N N 136 
HOH O   H1   sing N N 137 
HOH O   H2   sing N N 138 
ILE N   CA   sing N N 139 
ILE N   H    sing N N 140 
ILE N   H2   sing N N 141 
ILE CA  C    sing N N 142 
ILE CA  CB   sing N N 143 
ILE CA  HA   sing N N 144 
ILE C   O    doub N N 145 
ILE C   OXT  sing N N 146 
ILE CB  CG1  sing N N 147 
ILE CB  CG2  sing N N 148 
ILE CB  HB   sing N N 149 
ILE CG1 CD1  sing N N 150 
ILE CG1 HG12 sing N N 151 
ILE CG1 HG13 sing N N 152 
ILE CG2 HG21 sing N N 153 
ILE CG2 HG22 sing N N 154 
ILE CG2 HG23 sing N N 155 
ILE CD1 HD11 sing N N 156 
ILE CD1 HD12 sing N N 157 
ILE CD1 HD13 sing N N 158 
ILE OXT HXT  sing N N 159 
LEU N   CA   sing N N 160 
LEU N   H    sing N N 161 
LEU N   H2   sing N N 162 
LEU CA  C    sing N N 163 
LEU CA  CB   sing N N 164 
LEU CA  HA   sing N N 165 
LEU C   O    doub N N 166 
LEU C   OXT  sing N N 167 
LEU CB  CG   sing N N 168 
LEU CB  HB2  sing N N 169 
LEU CB  HB3  sing N N 170 
LEU CG  CD1  sing N N 171 
LEU CG  CD2  sing N N 172 
LEU CG  HG   sing N N 173 
LEU CD1 HD11 sing N N 174 
LEU CD1 HD12 sing N N 175 
LEU CD1 HD13 sing N N 176 
LEU CD2 HD21 sing N N 177 
LEU CD2 HD22 sing N N 178 
LEU CD2 HD23 sing N N 179 
LEU OXT HXT  sing N N 180 
LYS N   CA   sing N N 181 
LYS N   H    sing N N 182 
LYS N   H2   sing N N 183 
LYS CA  C    sing N N 184 
LYS CA  CB   sing N N 185 
LYS CA  HA   sing N N 186 
LYS C   O    doub N N 187 
LYS C   OXT  sing N N 188 
LYS CB  CG   sing N N 189 
LYS CB  HB2  sing N N 190 
LYS CB  HB3  sing N N 191 
LYS CG  CD   sing N N 192 
LYS CG  HG2  sing N N 193 
LYS CG  HG3  sing N N 194 
LYS CD  CE   sing N N 195 
LYS CD  HD2  sing N N 196 
LYS CD  HD3  sing N N 197 
LYS CE  NZ   sing N N 198 
LYS CE  HE2  sing N N 199 
LYS CE  HE3  sing N N 200 
LYS NZ  HZ1  sing N N 201 
LYS NZ  HZ2  sing N N 202 
LYS NZ  HZ3  sing N N 203 
LYS OXT HXT  sing N N 204 
MET N   CA   sing N N 205 
MET N   H    sing N N 206 
MET N   H2   sing N N 207 
MET CA  C    sing N N 208 
MET CA  CB   sing N N 209 
MET CA  HA   sing N N 210 
MET C   O    doub N N 211 
MET C   OXT  sing N N 212 
MET CB  CG   sing N N 213 
MET CB  HB2  sing N N 214 
MET CB  HB3  sing N N 215 
MET CG  SD   sing N N 216 
MET CG  HG2  sing N N 217 
MET CG  HG3  sing N N 218 
MET SD  CE   sing N N 219 
MET CE  HE1  sing N N 220 
MET CE  HE2  sing N N 221 
MET CE  HE3  sing N N 222 
MET OXT HXT  sing N N 223 
PHE N   CA   sing N N 224 
PHE N   H    sing N N 225 
PHE N   H2   sing N N 226 
PHE CA  C    sing N N 227 
PHE CA  CB   sing N N 228 
PHE CA  HA   sing N N 229 
PHE C   O    doub N N 230 
PHE C   OXT  sing N N 231 
PHE CB  CG   sing N N 232 
PHE CB  HB2  sing N N 233 
PHE CB  HB3  sing N N 234 
PHE CG  CD1  doub Y N 235 
PHE CG  CD2  sing Y N 236 
PHE CD1 CE1  sing Y N 237 
PHE CD1 HD1  sing N N 238 
PHE CD2 CE2  doub Y N 239 
PHE CD2 HD2  sing N N 240 
PHE CE1 CZ   doub Y N 241 
PHE CE1 HE1  sing N N 242 
PHE CE2 CZ   sing Y N 243 
PHE CE2 HE2  sing N N 244 
PHE CZ  HZ   sing N N 245 
PHE OXT HXT  sing N N 246 
PRO N   CA   sing N N 247 
PRO N   CD   sing N N 248 
PRO N   H    sing N N 249 
PRO CA  C    sing N N 250 
PRO CA  CB   sing N N 251 
PRO CA  HA   sing N N 252 
PRO C   O    doub N N 253 
PRO C   OXT  sing N N 254 
PRO CB  CG   sing N N 255 
PRO CB  HB2  sing N N 256 
PRO CB  HB3  sing N N 257 
PRO CG  CD   sing N N 258 
PRO CG  HG2  sing N N 259 
PRO CG  HG3  sing N N 260 
PRO CD  HD2  sing N N 261 
PRO CD  HD3  sing N N 262 
PRO OXT HXT  sing N N 263 
SER N   CA   sing N N 264 
SER N   H    sing N N 265 
SER N   H2   sing N N 266 
SER CA  C    sing N N 267 
SER CA  CB   sing N N 268 
SER CA  HA   sing N N 269 
SER C   O    doub N N 270 
SER C   OXT  sing N N 271 
SER CB  OG   sing N N 272 
SER CB  HB2  sing N N 273 
SER CB  HB3  sing N N 274 
SER OG  HG   sing N N 275 
SER OXT HXT  sing N N 276 
THR N   CA   sing N N 277 
THR N   H    sing N N 278 
THR N   H2   sing N N 279 
THR CA  C    sing N N 280 
THR CA  CB   sing N N 281 
THR CA  HA   sing N N 282 
THR C   O    doub N N 283 
THR C   OXT  sing N N 284 
THR CB  OG1  sing N N 285 
THR CB  CG2  sing N N 286 
THR CB  HB   sing N N 287 
THR OG1 HG1  sing N N 288 
THR CG2 HG21 sing N N 289 
THR CG2 HG22 sing N N 290 
THR CG2 HG23 sing N N 291 
THR OXT HXT  sing N N 292 
TRP N   CA   sing N N 293 
TRP N   H    sing N N 294 
TRP N   H2   sing N N 295 
TRP CA  C    sing N N 296 
TRP CA  CB   sing N N 297 
TRP CA  HA   sing N N 298 
TRP C   O    doub N N 299 
TRP C   OXT  sing N N 300 
TRP CB  CG   sing N N 301 
TRP CB  HB2  sing N N 302 
TRP CB  HB3  sing N N 303 
TRP CG  CD1  doub Y N 304 
TRP CG  CD2  sing Y N 305 
TRP CD1 NE1  sing Y N 306 
TRP CD1 HD1  sing N N 307 
TRP CD2 CE2  doub Y N 308 
TRP CD2 CE3  sing Y N 309 
TRP NE1 CE2  sing Y N 310 
TRP NE1 HE1  sing N N 311 
TRP CE2 CZ2  sing Y N 312 
TRP CE3 CZ3  doub Y N 313 
TRP CE3 HE3  sing N N 314 
TRP CZ2 CH2  doub Y N 315 
TRP CZ2 HZ2  sing N N 316 
TRP CZ3 CH2  sing Y N 317 
TRP CZ3 HZ3  sing N N 318 
TRP CH2 HH2  sing N N 319 
TRP OXT HXT  sing N N 320 
TYR N   CA   sing N N 321 
TYR N   H    sing N N 322 
TYR N   H2   sing N N 323 
TYR CA  C    sing N N 324 
TYR CA  CB   sing N N 325 
TYR CA  HA   sing N N 326 
TYR C   O    doub N N 327 
TYR C   OXT  sing N N 328 
TYR CB  CG   sing N N 329 
TYR CB  HB2  sing N N 330 
TYR CB  HB3  sing N N 331 
TYR CG  CD1  doub Y N 332 
TYR CG  CD2  sing Y N 333 
TYR CD1 CE1  sing Y N 334 
TYR CD1 HD1  sing N N 335 
TYR CD2 CE2  doub Y N 336 
TYR CD2 HD2  sing N N 337 
TYR CE1 CZ   doub Y N 338 
TYR CE1 HE1  sing N N 339 
TYR CE2 CZ   sing Y N 340 
TYR CE2 HE2  sing N N 341 
TYR CZ  OH   sing N N 342 
TYR OH  HH   sing N N 343 
TYR OXT HXT  sing N N 344 
VAL N   CA   sing N N 345 
VAL N   H    sing N N 346 
VAL N   H2   sing N N 347 
VAL CA  C    sing N N 348 
VAL CA  CB   sing N N 349 
VAL CA  HA   sing N N 350 
VAL C   O    doub N N 351 
VAL C   OXT  sing N N 352 
VAL CB  CG1  sing N N 353 
VAL CB  CG2  sing N N 354 
VAL CB  HB   sing N N 355 
VAL CG1 HG11 sing N N 356 
VAL CG1 HG12 sing N N 357 
VAL CG1 HG13 sing N N 358 
VAL CG2 HG21 sing N N 359 
VAL CG2 HG22 sing N N 360 
VAL CG2 HG23 sing N N 361 
VAL OXT HXT  sing N N 362 
# 
loop_
_pdbx_audit_support.funding_organization 
_pdbx_audit_support.country 
_pdbx_audit_support.grant_number 
_pdbx_audit_support.ordinal 
'National Institutes of Health/National Institute of General Medical Sciences (NIH/NIGMS)' 'United States' F32GM119191  1 
'Department of Energy (DOE, United States)'                                                'United States' DE-SC0016284 2 
# 
_pdbx_entity_nonpoly.entity_id   2 
_pdbx_entity_nonpoly.name        water 
_pdbx_entity_nonpoly.comp_id     HOH 
# 
_pdbx_initial_refinement_model.id               1 
_pdbx_initial_refinement_model.entity_id_list   ? 
_pdbx_initial_refinement_model.type             'experimental model' 
_pdbx_initial_refinement_model.source_name      PDB 
_pdbx_initial_refinement_model.accession_code   6P1E 
_pdbx_initial_refinement_model.details          'PDB entry 6P1E' 
# 
_pdbx_struct_assembly_auth_evidence.id                     1 
_pdbx_struct_assembly_auth_evidence.assembly_id            1 
_pdbx_struct_assembly_auth_evidence.experimental_support   none 
_pdbx_struct_assembly_auth_evidence.details                ? 
# 
